data_3EEY
#
_entry.id   3EEY
#
_cell.length_a   70.156
_cell.length_b   126.913
_cell.length_c   125.611
_cell.angle_alpha   90.00
_cell.angle_beta   99.54
_cell.angle_gamma   90.00
#
_symmetry.space_group_name_H-M   'P 1 21 1'
#
loop_
_entity.id
_entity.type
_entity.pdbx_description
1 polymer 'Putative rRNA methylase'
2 non-polymer S-ADENOSYLMETHIONINE
3 non-polymer 'SULFATE ION'
4 non-polymer GLYCEROL
5 water water
#
_entity_poly.entity_id   1
_entity_poly.type   'polypeptide(L)'
_entity_poly.pdbx_seq_one_letter_code
;MSLTIKNSLGQSHDYIKMFVKEGDTVVDATCGNGNDTAFLASLVGENGRVFGFDIQDKAIANTTKKLTDLNLIDRVTLIK
DGHQNMDKYIDCPVKAVMFNLGYLPSGDHSISTRPETTIQALSKAMELLVTGGIITVVIYYGGDTGFEEKEKVLEFLKGV
DQKKFIVQRTDFINQANCPPILVCIEKISEGHHHHHH
;
_entity_poly.pdbx_strand_id   A,B,C,D,E,F,G,H,I,J
#
# COMPACT_ATOMS: atom_id res chain seq x y z
N LEU A 3 41.63 -2.08 -37.68
CA LEU A 3 40.55 -2.57 -36.78
C LEU A 3 39.81 -1.43 -36.08
N THR A 4 38.49 -1.44 -36.21
CA THR A 4 37.63 -0.39 -35.67
C THR A 4 36.36 -1.02 -35.09
N ILE A 5 35.87 -0.46 -33.99
CA ILE A 5 34.59 -0.83 -33.41
C ILE A 5 33.46 -0.43 -34.38
N LYS A 6 32.63 -1.40 -34.75
CA LYS A 6 31.57 -1.19 -35.72
C LYS A 6 30.35 -0.53 -35.09
N ASN A 7 29.53 0.10 -35.92
CA ASN A 7 28.25 0.61 -35.45
C ASN A 7 27.26 -0.54 -35.20
N SER A 8 26.10 -0.21 -34.66
CA SER A 8 25.08 -1.19 -34.29
C SER A 8 24.70 -2.11 -35.44
N LEU A 9 24.43 -1.53 -36.60
CA LEU A 9 24.13 -2.30 -37.81
C LEU A 9 25.22 -3.32 -38.18
N GLY A 10 26.48 -2.89 -38.16
CA GLY A 10 27.60 -3.78 -38.42
C GLY A 10 27.80 -4.85 -37.36
N GLN A 11 27.57 -4.48 -36.10
CA GLN A 11 27.68 -5.39 -34.97
C GLN A 11 26.60 -6.48 -34.93
N SER A 12 25.38 -6.13 -35.35
CA SER A 12 24.29 -7.12 -35.49
C SER A 12 24.68 -8.29 -36.40
N HIS A 13 25.30 -7.99 -37.53
CA HIS A 13 25.81 -9.00 -38.45
C HIS A 13 26.92 -9.86 -37.83
N ASP A 14 27.82 -9.23 -37.08
CA ASP A 14 28.89 -9.94 -36.36
C ASP A 14 28.36 -10.91 -35.30
N TYR A 15 27.34 -10.48 -34.57
CA TYR A 15 26.65 -11.33 -33.59
C TYR A 15 25.91 -12.49 -34.24
N ILE A 16 25.33 -12.25 -35.41
CA ILE A 16 24.60 -13.29 -36.13
C ILE A 16 25.56 -14.34 -36.70
N LYS A 17 26.69 -13.89 -37.26
CA LYS A 17 27.77 -14.78 -37.74
C LYS A 17 28.31 -15.73 -36.64
N MET A 18 28.39 -15.23 -35.40
CA MET A 18 28.79 -16.03 -34.22
C MET A 18 27.87 -17.22 -33.95
N PHE A 19 26.59 -17.05 -34.23
CA PHE A 19 25.57 -17.98 -33.77
C PHE A 19 25.00 -18.87 -34.88
N VAL A 20 24.92 -18.33 -36.08
CA VAL A 20 24.28 -19.04 -37.19
C VAL A 20 25.29 -19.91 -37.95
N LYS A 21 24.98 -21.20 -38.02
CA LYS A 21 25.74 -22.12 -38.87
CA LYS A 21 25.74 -22.11 -38.88
C LYS A 21 24.86 -22.63 -40.01
N GLU A 22 25.45 -23.43 -40.90
CA GLU A 22 24.75 -23.93 -42.07
C GLU A 22 23.71 -24.98 -41.73
N GLY A 23 22.54 -24.86 -42.35
CA GLY A 23 21.42 -25.78 -42.11
C GLY A 23 20.40 -25.27 -41.11
N ASP A 24 20.69 -24.13 -40.48
CA ASP A 24 19.83 -23.55 -39.44
C ASP A 24 18.57 -22.93 -40.01
N THR A 25 17.58 -22.72 -39.15
CA THR A 25 16.39 -21.96 -39.53
C THR A 25 16.47 -20.61 -38.84
N VAL A 26 16.40 -19.54 -39.65
CA VAL A 26 16.55 -18.18 -39.17
C VAL A 26 15.40 -17.31 -39.68
N VAL A 27 15.20 -16.14 -39.07
CA VAL A 27 14.13 -15.22 -39.44
C VAL A 27 14.66 -13.80 -39.65
N ASP A 28 14.26 -13.18 -40.76
CA ASP A 28 14.39 -11.75 -40.94
C ASP A 28 13.00 -11.18 -40.69
N ALA A 29 12.82 -10.54 -39.55
CA ALA A 29 11.50 -10.05 -39.15
C ALA A 29 11.11 -8.73 -39.80
N THR A 30 12.07 -8.07 -40.44
CA THR A 30 11.85 -6.77 -41.06
C THR A 30 12.61 -6.75 -42.38
N CYS A 31 11.99 -7.30 -43.43
CA CYS A 31 12.64 -7.51 -44.73
C CYS A 31 13.27 -6.29 -45.39
N GLY A 32 12.46 -5.24 -45.54
CA GLY A 32 12.89 -4.01 -46.21
C GLY A 32 13.34 -4.26 -47.63
N ASN A 33 14.55 -3.83 -47.94
CA ASN A 33 15.14 -4.03 -49.26
C ASN A 33 15.82 -5.40 -49.44
N GLY A 34 15.98 -6.12 -48.33
CA GLY A 34 16.40 -7.53 -48.39
C GLY A 34 17.85 -7.81 -48.08
N ASN A 35 18.57 -6.80 -47.60
CA ASN A 35 19.99 -6.89 -47.27
C ASN A 35 20.31 -7.93 -46.18
N ASP A 36 19.60 -7.84 -45.05
CA ASP A 36 19.70 -8.83 -43.97
C ASP A 36 19.20 -10.21 -44.38
N THR A 37 18.17 -10.26 -45.24
CA THR A 37 17.63 -11.52 -45.76
C THR A 37 18.69 -12.26 -46.58
N ALA A 38 19.36 -11.54 -47.47
CA ALA A 38 20.45 -12.07 -48.29
C ALA A 38 21.61 -12.55 -47.43
N PHE A 39 21.96 -11.71 -46.45
CA PHE A 39 22.97 -12.02 -45.45
C PHE A 39 22.68 -13.32 -44.68
N LEU A 40 21.45 -13.46 -44.20
CA LEU A 40 21.01 -14.67 -43.52
C LEU A 40 21.00 -15.91 -44.43
N ALA A 41 20.59 -15.70 -45.68
CA ALA A 41 20.57 -16.76 -46.70
C ALA A 41 21.95 -17.33 -47.02
N SER A 42 22.96 -16.46 -47.06
CA SER A 42 24.33 -16.88 -47.37
C SER A 42 24.97 -17.65 -46.23
N LEU A 43 24.60 -17.32 -44.99
CA LEU A 43 25.13 -18.00 -43.80
C LEU A 43 24.55 -19.39 -43.63
N VAL A 44 23.34 -19.57 -44.11
CA VAL A 44 22.54 -20.72 -43.77
C VAL A 44 22.68 -21.87 -44.79
N GLY A 45 23.12 -21.52 -46.01
CA GLY A 45 23.44 -22.52 -47.01
C GLY A 45 22.26 -23.14 -47.71
N GLU A 46 22.52 -24.23 -48.41
CA GLU A 46 21.56 -24.93 -49.26
C GLU A 46 20.44 -25.62 -48.46
N ASN A 47 20.82 -26.21 -47.32
CA ASN A 47 19.89 -27.00 -46.51
C ASN A 47 19.24 -26.20 -45.38
N GLY A 48 19.49 -24.90 -45.34
CA GLY A 48 18.90 -24.03 -44.34
C GLY A 48 17.66 -23.34 -44.82
N ARG A 49 17.00 -22.62 -43.92
CA ARG A 49 15.76 -21.92 -44.24
C ARG A 49 15.72 -20.53 -43.61
N VAL A 50 15.34 -19.54 -44.41
CA VAL A 50 15.13 -18.18 -43.96
C VAL A 50 13.66 -17.78 -44.14
N PHE A 51 13.01 -17.36 -43.06
CA PHE A 51 11.70 -16.78 -43.14
C PHE A 51 11.82 -15.26 -43.14
N GLY A 52 11.23 -14.62 -44.13
CA GLY A 52 11.25 -13.16 -44.23
C GLY A 52 9.86 -12.57 -44.15
N PHE A 53 9.75 -11.43 -43.46
CA PHE A 53 8.48 -10.79 -43.19
C PHE A 53 8.53 -9.32 -43.54
N ASP A 54 7.46 -8.83 -44.16
CA ASP A 54 7.20 -7.39 -44.29
C ASP A 54 5.72 -7.16 -44.58
N ILE A 55 5.25 -5.95 -44.32
CA ILE A 55 3.84 -5.59 -44.52
C ILE A 55 3.61 -4.81 -45.81
N GLN A 56 4.70 -4.52 -46.53
CA GLN A 56 4.62 -3.76 -47.78
C GLN A 56 4.89 -4.65 -48.99
N ASP A 57 4.12 -4.42 -50.06
CA ASP A 57 4.28 -5.14 -51.33
C ASP A 57 5.57 -4.74 -52.04
N LYS A 58 5.95 -3.47 -51.89
CA LYS A 58 7.17 -2.90 -52.45
C LYS A 58 8.41 -3.56 -51.85
N ALA A 59 8.35 -3.82 -50.55
CA ALA A 59 9.45 -4.44 -49.82
C ALA A 59 9.63 -5.93 -50.13
N ILE A 60 8.51 -6.65 -50.32
CA ILE A 60 8.55 -8.06 -50.69
C ILE A 60 9.12 -8.24 -52.10
N ALA A 61 8.75 -7.34 -53.01
CA ALA A 61 9.19 -7.38 -54.40
C ALA A 61 10.68 -7.07 -54.55
N ASN A 62 11.15 -6.08 -53.81
CA ASN A 62 12.57 -5.71 -53.79
C ASN A 62 13.47 -6.78 -53.17
N THR A 63 12.96 -7.46 -52.14
CA THR A 63 13.64 -8.58 -51.51
C THR A 63 13.67 -9.80 -52.44
N THR A 64 12.57 -10.04 -53.15
CA THR A 64 12.48 -11.12 -54.14
C THR A 64 13.49 -10.90 -55.26
N LYS A 65 13.58 -9.66 -55.73
CA LYS A 65 14.49 -9.27 -56.80
C LYS A 65 15.96 -9.45 -56.37
N LYS A 66 16.28 -8.97 -55.18
CA LYS A 66 17.59 -9.13 -54.55
C LYS A 66 18.07 -10.57 -54.47
N LEU A 67 17.24 -11.43 -53.88
CA LEU A 67 17.58 -12.82 -53.65
C LEU A 67 17.70 -13.65 -54.93
N THR A 68 16.88 -13.33 -55.93
CA THR A 68 16.90 -14.03 -57.22
C THR A 68 18.18 -13.66 -57.98
N ASP A 69 18.55 -12.39 -57.87
CA ASP A 69 19.79 -11.83 -58.44
C ASP A 69 21.05 -12.49 -57.89
N LEU A 70 21.00 -12.92 -56.62
CA LEU A 70 22.17 -13.49 -55.97
C LEU A 70 22.15 -14.99 -55.85
N ASN A 71 21.16 -15.64 -56.47
CA ASN A 71 21.04 -17.09 -56.45
C ASN A 71 20.73 -17.60 -55.04
N LEU A 72 19.84 -16.90 -54.34
CA LEU A 72 19.51 -17.19 -52.92
C LEU A 72 18.02 -17.32 -52.58
N ILE A 73 17.15 -17.21 -53.57
CA ILE A 73 15.68 -17.25 -53.37
C ILE A 73 15.18 -18.66 -52.96
N ASP A 74 16.01 -19.67 -53.24
CA ASP A 74 15.72 -21.10 -53.04
C ASP A 74 15.38 -21.45 -51.60
N ARG A 75 16.17 -20.95 -50.67
CA ARG A 75 15.98 -21.26 -49.27
C ARG A 75 15.26 -20.20 -48.47
N VAL A 76 14.68 -19.23 -49.12
CA VAL A 76 13.94 -18.16 -48.46
C VAL A 76 12.41 -18.25 -48.68
N THR A 77 11.66 -18.22 -47.58
CA THR A 77 10.20 -18.10 -47.63
C THR A 77 9.78 -16.67 -47.26
N LEU A 78 9.32 -15.92 -48.25
CA LEU A 78 8.88 -14.55 -48.02
C LEU A 78 7.39 -14.48 -47.74
N ILE A 79 7.03 -13.81 -46.65
CA ILE A 79 5.66 -13.77 -46.16
C ILE A 79 5.22 -12.31 -46.05
N LYS A 80 4.12 -11.97 -46.73
CA LYS A 80 3.57 -10.63 -46.61
C LYS A 80 2.56 -10.59 -45.45
N ASP A 81 3.12 -10.59 -44.24
CA ASP A 81 2.34 -10.44 -43.02
C ASP A 81 3.23 -9.76 -41.98
N GLY A 82 2.61 -9.24 -40.93
CA GLY A 82 3.35 -8.66 -39.82
C GLY A 82 4.17 -9.69 -39.08
N HIS A 83 5.31 -9.26 -38.55
CA HIS A 83 6.20 -10.13 -37.77
C HIS A 83 5.58 -10.57 -36.45
N GLN A 84 4.61 -9.80 -35.96
CA GLN A 84 3.80 -10.19 -34.79
C GLN A 84 3.04 -11.50 -34.99
N ASN A 85 2.88 -11.93 -36.25
CA ASN A 85 2.18 -13.14 -36.59
C ASN A 85 3.11 -14.27 -37.03
N MET A 86 4.39 -14.19 -36.66
CA MET A 86 5.41 -15.13 -37.15
C MET A 86 5.18 -16.57 -36.70
N ASP A 87 4.44 -16.75 -35.61
CA ASP A 87 4.14 -18.07 -35.05
C ASP A 87 3.13 -18.88 -35.88
N LYS A 88 2.38 -18.18 -36.74
CA LYS A 88 1.44 -18.82 -37.67
C LYS A 88 2.14 -19.54 -38.82
N TYR A 89 3.40 -19.21 -39.05
CA TYR A 89 4.11 -19.68 -40.23
C TYR A 89 5.28 -20.57 -39.88
N ILE A 90 5.74 -20.47 -38.63
CA ILE A 90 6.92 -21.19 -38.15
C ILE A 90 6.52 -22.07 -36.96
N ASP A 91 6.93 -23.34 -37.00
CA ASP A 91 6.62 -24.29 -35.91
C ASP A 91 7.88 -24.98 -35.37
N CYS A 92 8.98 -24.86 -36.10
CA CYS A 92 10.28 -25.40 -35.69
C CYS A 92 11.03 -24.38 -34.82
N PRO A 93 11.99 -24.83 -33.99
CA PRO A 93 12.86 -23.89 -33.30
C PRO A 93 13.83 -23.14 -34.22
N VAL A 94 13.94 -21.82 -34.03
CA VAL A 94 14.83 -20.99 -34.84
C VAL A 94 16.13 -20.66 -34.12
N LYS A 95 17.20 -20.47 -34.89
CA LYS A 95 18.49 -20.14 -34.32
C LYS A 95 18.64 -18.64 -34.09
N ALA A 96 18.11 -17.84 -35.01
CA ALA A 96 18.29 -16.40 -34.96
C ALA A 96 17.12 -15.64 -35.55
N VAL A 97 16.89 -14.42 -35.04
CA VAL A 97 15.89 -13.51 -35.60
C VAL A 97 16.52 -12.12 -35.66
N MET A 98 16.36 -11.44 -36.80
CA MET A 98 16.89 -10.10 -36.95
C MET A 98 15.74 -9.08 -37.03
N PHE A 99 15.80 -8.07 -36.16
CA PHE A 99 14.89 -6.92 -36.22
C PHE A 99 15.67 -5.68 -36.59
N ASN A 100 15.12 -4.92 -37.53
CA ASN A 100 15.67 -3.64 -37.91
C ASN A 100 14.53 -2.61 -37.86
N LEU A 101 14.50 -1.80 -36.82
CA LEU A 101 13.31 -1.02 -36.48
C LEU A 101 13.30 0.39 -37.07
N GLY A 102 12.20 0.73 -37.75
CA GLY A 102 12.03 2.04 -38.37
C GLY A 102 11.20 1.93 -39.64
N TYR A 103 11.43 2.85 -40.59
CA TYR A 103 10.75 2.80 -41.90
C TYR A 103 11.64 2.25 -43.01
N LEU A 104 11.04 1.92 -44.15
CA LEU A 104 11.77 1.47 -45.36
C LEU A 104 12.60 2.61 -45.98
N PRO A 105 13.93 2.39 -46.11
CA PRO A 105 14.79 3.35 -46.83
C PRO A 105 14.46 3.44 -48.31
N SER A 106 14.39 4.67 -48.82
CA SER A 106 13.92 5.00 -50.18
C SER A 106 12.47 4.58 -50.41
N GLY A 107 11.67 4.67 -49.35
CA GLY A 107 10.25 4.28 -49.37
C GLY A 107 9.39 5.20 -48.55
N ASP A 108 8.18 4.75 -48.25
CA ASP A 108 7.20 5.51 -47.47
C ASP A 108 7.64 5.70 -46.02
N HIS A 109 7.92 6.95 -45.65
CA HIS A 109 8.44 7.30 -44.33
C HIS A 109 7.44 7.17 -43.18
N SER A 110 6.15 7.17 -43.53
CA SER A 110 5.07 7.09 -42.54
C SER A 110 4.69 5.65 -42.17
N ILE A 111 5.08 4.70 -43.01
CA ILE A 111 4.86 3.27 -42.72
C ILE A 111 6.08 2.67 -42.02
N SER A 112 5.99 2.58 -40.69
CA SER A 112 7.09 2.10 -39.86
C SER A 112 6.62 1.15 -38.77
N THR A 113 7.58 0.47 -38.15
CA THR A 113 7.32 -0.45 -37.06
C THR A 113 6.67 0.28 -35.88
N ARG A 114 5.73 -0.40 -35.24
CA ARG A 114 4.98 0.14 -34.10
C ARG A 114 5.38 -0.61 -32.83
N PRO A 115 5.44 0.09 -31.68
CA PRO A 115 5.81 -0.53 -30.40
C PRO A 115 5.02 -1.78 -30.06
N GLU A 116 3.70 -1.71 -30.17
CA GLU A 116 2.76 -2.80 -29.85
C GLU A 116 3.11 -4.10 -30.57
N THR A 117 3.28 -3.99 -31.89
CA THR A 117 3.50 -5.14 -32.76
C THR A 117 4.94 -5.64 -32.67
N THR A 118 5.87 -4.72 -32.44
CA THR A 118 7.28 -5.07 -32.25
C THR A 118 7.45 -5.91 -30.98
N ILE A 119 6.85 -5.44 -29.88
CA ILE A 119 6.84 -6.17 -28.61
C ILE A 119 6.20 -7.56 -28.75
N GLN A 120 5.06 -7.63 -29.46
CA GLN A 120 4.42 -8.91 -29.79
C GLN A 120 5.35 -9.85 -30.55
N ALA A 121 5.96 -9.35 -31.64
CA ALA A 121 6.92 -10.14 -32.44
C ALA A 121 8.12 -10.59 -31.65
N LEU A 122 8.61 -9.72 -30.76
CA LEU A 122 9.72 -10.07 -29.87
C LEU A 122 9.37 -11.21 -28.92
N SER A 123 8.14 -11.20 -28.38
CA SER A 123 7.65 -12.33 -27.56
C SER A 123 7.58 -13.62 -28.36
N LYS A 124 7.06 -13.53 -29.59
CA LYS A 124 6.93 -14.68 -30.48
C LYS A 124 8.29 -15.22 -30.86
N ALA A 125 9.22 -14.32 -31.19
CA ALA A 125 10.59 -14.70 -31.53
C ALA A 125 11.30 -15.34 -30.35
N MET A 126 11.09 -14.79 -29.14
CA MET A 126 11.68 -15.36 -27.92
C MET A 126 11.16 -16.76 -27.61
N GLU A 127 9.88 -17.01 -27.88
CA GLU A 127 9.28 -18.35 -27.75
CA GLU A 127 9.31 -18.35 -27.73
C GLU A 127 9.86 -19.33 -28.78
N LEU A 128 10.00 -18.85 -30.03
CA LEU A 128 10.49 -19.66 -31.15
C LEU A 128 11.97 -20.00 -31.10
N LEU A 129 12.74 -19.23 -30.33
CA LEU A 129 14.19 -19.41 -30.22
C LEU A 129 14.57 -20.70 -29.53
N VAL A 130 15.54 -21.38 -30.12
CA VAL A 130 16.21 -22.52 -29.51
C VAL A 130 17.13 -21.98 -28.42
N THR A 131 17.40 -22.78 -27.38
CA THR A 131 18.37 -22.40 -26.36
C THR A 131 19.74 -22.17 -27.02
N GLY A 132 20.40 -21.08 -26.64
CA GLY A 132 21.65 -20.68 -27.27
C GLY A 132 21.43 -19.94 -28.59
N GLY A 133 20.18 -19.56 -28.86
CA GLY A 133 19.82 -18.78 -30.06
C GLY A 133 19.83 -17.29 -29.76
N ILE A 134 19.80 -16.47 -30.82
CA ILE A 134 19.97 -15.01 -30.66
C ILE A 134 18.93 -14.19 -31.42
N ILE A 135 18.50 -13.09 -30.83
CA ILE A 135 17.74 -12.07 -31.52
C ILE A 135 18.59 -10.82 -31.50
N THR A 136 18.78 -10.19 -32.66
CA THR A 136 19.38 -8.86 -32.70
C THR A 136 18.32 -7.83 -33.09
N VAL A 137 18.34 -6.68 -32.40
CA VAL A 137 17.40 -5.59 -32.65
C VAL A 137 18.21 -4.30 -32.85
N VAL A 138 18.25 -3.81 -34.09
CA VAL A 138 18.84 -2.50 -34.36
C VAL A 138 17.70 -1.48 -34.26
N ILE A 139 17.80 -0.57 -33.29
CA ILE A 139 16.74 0.40 -33.04
C ILE A 139 17.15 1.75 -33.60
N TYR A 140 16.41 2.23 -34.59
CA TYR A 140 16.55 3.59 -35.10
C TYR A 140 15.47 4.45 -34.49
N TYR A 141 15.82 5.70 -34.25
CA TYR A 141 14.95 6.63 -33.54
C TYR A 141 15.32 8.04 -33.93
N GLY A 142 14.61 9.02 -33.39
CA GLY A 142 14.76 10.42 -33.81
C GLY A 142 14.14 10.59 -35.18
N GLY A 143 14.43 11.71 -35.83
CA GLY A 143 13.93 11.97 -37.20
C GLY A 143 12.42 11.78 -37.32
N ASP A 144 11.99 11.27 -38.48
CA ASP A 144 10.58 10.98 -38.73
C ASP A 144 10.05 9.89 -37.79
N THR A 145 10.92 8.91 -37.51
CA THR A 145 10.65 7.76 -36.65
C THR A 145 10.18 8.14 -35.24
N GLY A 146 10.85 9.10 -34.61
CA GLY A 146 10.51 9.51 -33.25
C GLY A 146 11.11 8.59 -32.21
N PHE A 147 10.66 8.73 -30.95
CA PHE A 147 11.34 8.09 -29.82
C PHE A 147 10.50 7.07 -29.05
N GLU A 148 9.23 6.99 -29.36
CA GLU A 148 8.24 6.22 -28.61
C GLU A 148 8.48 4.71 -28.68
N GLU A 149 8.88 4.23 -29.86
CA GLU A 149 9.19 2.82 -30.07
C GLU A 149 10.43 2.38 -29.32
N LYS A 150 11.49 3.18 -29.41
CA LYS A 150 12.72 2.95 -28.66
C LYS A 150 12.43 2.80 -27.16
N GLU A 151 11.71 3.77 -26.60
CA GLU A 151 11.40 3.81 -25.18
C GLU A 151 10.57 2.63 -24.71
N LYS A 152 9.52 2.29 -25.45
CA LYS A 152 8.66 1.16 -25.07
C LYS A 152 9.31 -0.20 -25.23
N VAL A 153 10.00 -0.43 -26.37
CA VAL A 153 10.70 -1.69 -26.61
C VAL A 153 11.74 -1.98 -25.53
N LEU A 154 12.54 -0.96 -25.20
CA LEU A 154 13.54 -1.07 -24.14
C LEU A 154 12.93 -1.29 -22.76
N GLU A 155 11.80 -0.62 -22.48
CA GLU A 155 11.09 -0.82 -21.22
C GLU A 155 10.53 -2.24 -21.11
N PHE A 156 10.03 -2.77 -22.23
CA PHE A 156 9.62 -4.17 -22.30
C PHE A 156 10.79 -5.14 -22.07
N LEU A 157 11.90 -4.88 -22.74
CA LEU A 157 13.07 -5.77 -22.68
C LEU A 157 13.84 -5.76 -21.36
N LYS A 158 13.73 -4.68 -20.60
CA LYS A 158 14.25 -4.62 -19.24
C LYS A 158 13.58 -5.62 -18.31
N GLY A 159 12.34 -6.00 -18.64
CA GLY A 159 11.54 -6.91 -17.82
C GLY A 159 11.70 -8.40 -18.10
N VAL A 160 12.44 -8.73 -19.15
CA VAL A 160 12.67 -10.12 -19.57
C VAL A 160 13.47 -10.89 -18.51
N ASP A 161 12.98 -12.08 -18.16
CA ASP A 161 13.59 -12.95 -17.13
C ASP A 161 15.05 -13.24 -17.43
N GLN A 162 15.93 -12.76 -16.54
CA GLN A 162 17.39 -12.89 -16.72
C GLN A 162 17.89 -14.32 -16.59
N LYS A 163 17.08 -15.18 -16.00
CA LYS A 163 17.39 -16.61 -15.87
C LYS A 163 17.13 -17.36 -17.18
N LYS A 164 16.32 -16.74 -18.05
CA LYS A 164 15.97 -17.31 -19.35
C LYS A 164 16.69 -16.61 -20.52
N PHE A 165 16.87 -15.29 -20.42
CA PHE A 165 17.49 -14.52 -21.51
C PHE A 165 18.54 -13.53 -21.02
N ILE A 166 19.63 -13.43 -21.78
CA ILE A 166 20.57 -12.31 -21.66
C ILE A 166 20.09 -11.20 -22.60
N VAL A 167 19.91 -9.99 -22.07
CA VAL A 167 19.55 -8.84 -22.90
C VAL A 167 20.67 -7.80 -22.79
N GLN A 168 21.37 -7.59 -23.89
CA GLN A 168 22.51 -6.71 -23.89
C GLN A 168 22.27 -5.53 -24.83
N ARG A 169 22.38 -4.32 -24.28
CA ARG A 169 22.29 -3.11 -25.06
C ARG A 169 23.69 -2.53 -25.38
N THR A 170 23.89 -2.15 -26.63
CA THR A 170 25.11 -1.50 -27.06
C THR A 170 24.75 -0.12 -27.59
N ASP A 171 25.51 0.88 -27.17
CA ASP A 171 25.12 2.27 -27.29
C ASP A 171 26.36 3.13 -27.47
N PHE A 172 26.32 4.05 -28.43
CA PHE A 172 27.41 5.00 -28.66
C PHE A 172 27.04 6.34 -28.05
N ILE A 173 27.63 6.60 -26.88
CA ILE A 173 27.12 7.62 -25.98
C ILE A 173 27.69 9.01 -26.23
N ASN A 174 28.75 9.11 -27.02
CA ASN A 174 29.35 10.39 -27.37
C ASN A 174 28.95 10.91 -28.76
N GLN A 175 28.09 10.14 -29.44
CA GLN A 175 27.58 10.54 -30.75
C GLN A 175 26.27 11.30 -30.62
N ALA A 176 26.13 12.36 -31.42
CA ALA A 176 24.89 13.10 -31.51
C ALA A 176 24.04 12.56 -32.65
N ASN A 177 22.82 13.09 -32.77
CA ASN A 177 21.89 12.76 -33.87
C ASN A 177 21.49 11.28 -33.87
N CYS A 178 21.07 10.83 -32.69
CA CYS A 178 20.46 9.51 -32.48
C CYS A 178 21.18 8.34 -33.13
N PRO A 179 22.39 8.00 -32.65
CA PRO A 179 23.06 6.84 -33.24
C PRO A 179 22.22 5.58 -32.93
N PRO A 180 22.03 4.72 -33.93
CA PRO A 180 21.25 3.49 -33.75
C PRO A 180 21.76 2.61 -32.60
N ILE A 181 20.81 2.01 -31.89
CA ILE A 181 21.09 1.20 -30.71
C ILE A 181 20.99 -0.29 -31.05
N LEU A 182 21.94 -1.11 -30.58
CA LEU A 182 21.85 -2.56 -30.74
C LEU A 182 21.43 -3.29 -29.46
N VAL A 183 20.36 -4.07 -29.54
CA VAL A 183 19.99 -4.97 -28.46
C VAL A 183 20.20 -6.41 -28.91
N CYS A 184 20.90 -7.18 -28.09
CA CYS A 184 21.12 -8.60 -28.34
C CYS A 184 20.41 -9.41 -27.28
N ILE A 185 19.50 -10.28 -27.70
CA ILE A 185 18.78 -11.18 -26.80
C ILE A 185 19.23 -12.61 -27.07
N GLU A 186 19.76 -13.27 -26.06
CA GLU A 186 20.20 -14.67 -26.20
C GLU A 186 19.46 -15.55 -25.20
N LYS A 187 18.85 -16.62 -25.68
CA LYS A 187 18.18 -17.58 -24.81
C LYS A 187 19.21 -18.45 -24.11
N ILE A 188 19.13 -18.53 -22.79
CA ILE A 188 20.06 -19.34 -22.02
C ILE A 188 19.38 -20.51 -21.30
N SER A 189 18.05 -20.43 -21.19
CA SER A 189 17.23 -21.50 -20.62
C SER A 189 15.85 -21.61 -21.27
N GLU A 190 15.36 -22.84 -21.33
CA GLU A 190 14.00 -23.10 -21.76
C GLU A 190 13.08 -22.97 -20.53
N GLY A 191 11.78 -22.80 -20.79
CA GLY A 191 10.79 -22.65 -19.72
C GLY A 191 10.56 -21.20 -19.34
N HIS A 192 9.71 -20.98 -18.33
CA HIS A 192 9.40 -19.64 -17.81
C HIS A 192 8.99 -19.65 -16.33
N HIS A 193 9.55 -18.73 -15.56
CA HIS A 193 9.18 -18.55 -14.15
C HIS A 193 8.10 -17.48 -14.04
N HIS A 194 6.84 -17.88 -13.84
CA HIS A 194 5.79 -16.91 -13.54
C HIS A 194 5.53 -16.80 -12.06
N HIS A 195 4.99 -15.66 -11.62
CA HIS A 195 4.95 -15.34 -10.18
CA HIS A 195 4.88 -15.36 -10.21
C HIS A 195 3.92 -16.30 -9.52
N HIS A 196 3.12 -15.77 -8.59
CA HIS A 196 1.88 -16.38 -8.21
C HIS A 196 0.71 -15.47 -8.50
N HIS A 197 -0.42 -16.10 -8.80
CA HIS A 197 -1.73 -15.54 -8.43
C HIS A 197 -2.41 -16.40 -7.38
N SER B 2 -10.97 7.41 8.64
CA SER B 2 -10.44 6.56 9.75
C SER B 2 -9.79 5.27 9.21
N LEU B 3 -10.53 4.54 8.40
CA LEU B 3 -9.97 3.46 7.60
C LEU B 3 -9.54 4.03 6.24
N THR B 4 -9.24 5.32 6.24
CA THR B 4 -8.73 6.01 5.07
C THR B 4 -7.25 5.67 4.89
N ILE B 5 -6.85 5.49 3.64
CA ILE B 5 -5.44 5.31 3.30
C ILE B 5 -4.67 6.61 3.59
N LYS B 6 -3.62 6.48 4.39
CA LYS B 6 -2.81 7.64 4.79
C LYS B 6 -1.83 8.06 3.71
N ASN B 7 -1.46 9.34 3.73
CA ASN B 7 -0.38 9.85 2.90
C ASN B 7 0.97 9.24 3.30
N SER B 8 2.01 9.54 2.53
CA SER B 8 3.35 9.00 2.78
C SER B 8 3.89 9.34 4.18
N LEU B 9 3.68 10.57 4.62
CA LEU B 9 4.08 10.98 5.98
C LEU B 9 3.41 10.12 7.04
N GLY B 10 2.10 9.93 6.93
CA GLY B 10 1.33 9.11 7.86
C GLY B 10 1.69 7.64 7.81
N GLN B 11 1.97 7.13 6.61
CA GLN B 11 2.35 5.73 6.42
C GLN B 11 3.72 5.37 6.99
N SER B 12 4.66 6.31 6.92
CA SER B 12 6.01 6.10 7.48
C SER B 12 5.94 5.79 8.97
N HIS B 13 5.11 6.55 9.69
CA HIS B 13 4.83 6.29 11.10
C HIS B 13 4.24 4.90 11.37
N ASP B 14 3.27 4.51 10.55
CA ASP B 14 2.65 3.18 10.63
C ASP B 14 3.65 2.04 10.42
N TYR B 15 4.51 2.18 9.41
CA TYR B 15 5.58 1.21 9.18
C TYR B 15 6.59 1.14 10.33
N ILE B 16 6.88 2.29 10.93
CA ILE B 16 7.82 2.35 12.06
C ILE B 16 7.22 1.68 13.31
N LYS B 17 5.98 2.00 13.62
CA LYS B 17 5.21 1.32 14.63
C LYS B 17 5.15 -0.20 14.56
N MET B 18 5.05 -0.77 13.38
CA MET B 18 5.08 -2.22 13.15
C MET B 18 6.43 -2.86 13.48
N PHE B 19 7.52 -2.11 13.30
CA PHE B 19 8.87 -2.66 13.39
C PHE B 19 9.59 -2.34 14.70
N VAL B 20 9.28 -1.19 15.30
CA VAL B 20 10.01 -0.72 16.48
C VAL B 20 9.39 -1.22 17.79
N LYS B 21 10.19 -1.97 18.56
CA LYS B 21 9.84 -2.47 19.89
C LYS B 21 10.48 -1.58 20.96
N GLU B 22 10.07 -1.74 22.22
CA GLU B 22 10.70 -1.03 23.32
C GLU B 22 12.10 -1.58 23.61
N GLY B 23 13.05 -0.68 23.86
CA GLY B 23 14.43 -1.07 24.11
C GLY B 23 15.33 -1.08 22.88
N ASP B 24 14.74 -0.78 21.72
CA ASP B 24 15.47 -0.79 20.44
C ASP B 24 16.35 0.44 20.27
N THR B 25 17.31 0.37 19.35
CA THR B 25 18.07 1.55 18.96
C THR B 25 17.60 2.00 17.57
N VAL B 26 17.14 3.24 17.48
CA VAL B 26 16.61 3.80 16.24
C VAL B 26 17.32 5.10 15.87
N VAL B 27 17.16 5.53 14.62
CA VAL B 27 17.78 6.77 14.14
C VAL B 27 16.77 7.71 13.47
N ASP B 28 16.76 8.97 13.90
CA ASP B 28 16.14 10.04 13.12
C ASP B 28 17.27 10.73 12.36
N ALA B 29 17.37 10.44 11.07
CA ALA B 29 18.44 10.97 10.24
C ALA B 29 18.23 12.42 9.84
N THR B 30 17.03 12.95 10.03
CA THR B 30 16.67 14.31 9.60
C THR B 30 15.78 14.92 10.67
N CYS B 31 16.41 15.50 11.70
CA CYS B 31 15.70 15.96 12.91
C CYS B 31 14.64 17.02 12.70
N GLY B 32 15.01 18.10 12.01
CA GLY B 32 14.11 19.21 11.76
C GLY B 32 13.63 19.81 13.07
N ASN B 33 12.31 19.92 13.20
CA ASN B 33 11.68 20.41 14.43
C ASN B 33 11.54 19.36 15.53
N GLY B 34 11.75 18.10 15.18
CA GLY B 34 11.83 17.02 16.16
C GLY B 34 10.59 16.16 16.35
N ASN B 35 9.66 16.23 15.40
CA ASN B 35 8.41 15.47 15.44
C ASN B 35 8.62 13.96 15.33
N ASP B 36 9.42 13.53 14.37
CA ASP B 36 9.81 12.13 14.23
C ASP B 36 10.72 11.66 15.36
N THR B 37 11.52 12.57 15.92
CA THR B 37 12.42 12.22 17.02
C THR B 37 11.63 11.91 18.29
N ALA B 38 10.63 12.74 18.59
CA ALA B 38 9.74 12.52 19.72
C ALA B 38 8.90 11.26 19.54
N PHE B 39 8.43 11.05 18.31
CA PHE B 39 7.69 9.86 17.92
C PHE B 39 8.53 8.60 18.13
N LEU B 40 9.76 8.60 17.63
CA LEU B 40 10.68 7.48 17.84
C LEU B 40 11.01 7.25 19.31
N ALA B 41 11.15 8.33 20.07
CA ALA B 41 11.46 8.27 21.50
C ALA B 41 10.36 7.63 22.34
N SER B 42 9.10 7.97 22.01
CA SER B 42 7.93 7.41 22.69
C SER B 42 7.74 5.91 22.43
N LEU B 43 8.16 5.45 21.25
CA LEU B 43 8.03 4.04 20.88
C LEU B 43 9.07 3.17 21.56
N VAL B 44 10.19 3.77 21.90
CA VAL B 44 11.37 3.01 22.24
C VAL B 44 11.54 2.83 23.75
N GLY B 45 10.85 3.67 24.53
CA GLY B 45 10.80 3.53 25.98
C GLY B 45 12.05 4.00 26.69
N GLU B 46 12.09 3.70 28.00
CA GLU B 46 13.15 4.18 28.89
C GLU B 46 14.51 3.56 28.60
N ASN B 47 14.51 2.28 28.24
CA ASN B 47 15.74 1.53 28.00
C ASN B 47 16.22 1.56 26.54
N GLY B 48 15.53 2.34 25.72
CA GLY B 48 15.88 2.46 24.30
C GLY B 48 16.66 3.72 23.99
N ARG B 49 17.16 3.80 22.76
CA ARG B 49 18.01 4.91 22.33
C ARG B 49 17.62 5.43 20.94
N VAL B 50 17.50 6.75 20.83
CA VAL B 50 17.28 7.43 19.57
C VAL B 50 18.48 8.32 19.27
N PHE B 51 19.12 8.09 18.12
CA PHE B 51 20.15 9.01 17.64
C PHE B 51 19.52 9.98 16.66
N GLY B 52 19.68 11.27 16.91
CA GLY B 52 19.12 12.29 16.03
C GLY B 52 20.20 13.10 15.35
N PHE B 53 19.98 13.43 14.08
CA PHE B 53 20.96 14.16 13.27
C PHE B 53 20.37 15.37 12.59
N ASP B 54 21.10 16.48 12.61
CA ASP B 54 20.80 17.64 11.76
C ASP B 54 22.04 18.51 11.60
N ILE B 55 22.09 19.29 10.53
CA ILE B 55 23.25 20.14 10.24
C ILE B 55 23.02 21.59 10.68
N GLN B 56 21.83 21.89 11.19
CA GLN B 56 21.48 23.25 11.61
C GLN B 56 21.37 23.36 13.12
N ASP B 57 21.87 24.47 13.67
CA ASP B 57 21.81 24.77 15.11
C ASP B 57 20.38 25.06 15.57
N LYS B 58 19.62 25.70 14.69
CA LYS B 58 18.20 26.01 14.91
C LYS B 58 17.36 24.75 15.07
N ALA B 59 17.66 23.74 14.27
CA ALA B 59 16.94 22.47 14.29
C ALA B 59 17.27 21.61 15.51
N ILE B 60 18.53 21.62 15.94
CA ILE B 60 18.97 20.90 17.14
C ILE B 60 18.34 21.51 18.41
N ALA B 61 18.28 22.85 18.47
CA ALA B 61 17.68 23.56 19.61
C ALA B 61 16.17 23.34 19.72
N ASN B 62 15.48 23.37 18.58
CA ASN B 62 14.04 23.10 18.52
C ASN B 62 13.68 21.66 18.91
N THR B 63 14.52 20.71 18.52
CA THR B 63 14.33 19.30 18.86
C THR B 63 14.61 19.06 20.35
N THR B 64 15.63 19.74 20.88
CA THR B 64 15.97 19.70 22.31
C THR B 64 14.81 20.25 23.13
N LYS B 65 14.23 21.35 22.67
CA LYS B 65 13.10 22.00 23.34
C LYS B 65 11.87 21.09 23.36
N LYS B 66 11.57 20.49 22.20
CA LYS B 66 10.50 19.51 22.04
C LYS B 66 10.60 18.32 23.00
N LEU B 67 11.75 17.67 23.01
CA LEU B 67 11.96 16.46 23.81
C LEU B 67 12.00 16.70 25.32
N THR B 68 12.49 17.87 25.72
CA THR B 68 12.54 18.24 27.14
C THR B 68 11.14 18.55 27.65
N ASP B 69 10.34 19.18 26.79
CA ASP B 69 8.91 19.45 27.02
C ASP B 69 8.12 18.17 27.29
N LEU B 70 8.47 17.09 26.59
CA LEU B 70 7.71 15.85 26.68
C LEU B 70 8.41 14.80 27.55
N ASN B 71 9.43 15.24 28.29
CA ASN B 71 10.25 14.39 29.16
C ASN B 71 10.84 13.17 28.44
N LEU B 72 11.39 13.43 27.26
CA LEU B 72 11.89 12.37 26.38
C LEU B 72 13.36 12.54 26.02
N ILE B 73 13.97 13.62 26.51
CA ILE B 73 15.35 13.99 26.18
C ILE B 73 16.43 13.01 26.66
N ASP B 74 16.14 12.24 27.69
CA ASP B 74 17.14 11.35 28.28
C ASP B 74 17.47 10.10 27.44
N ARG B 75 16.57 9.66 26.60
CA ARG B 75 16.88 8.56 25.71
C ARG B 75 17.34 8.96 24.32
N VAL B 76 17.43 10.25 24.07
CA VAL B 76 17.87 10.76 22.78
C VAL B 76 19.28 11.37 22.80
N THR B 77 20.10 10.95 21.83
CA THR B 77 21.41 11.56 21.58
C THR B 77 21.36 12.42 20.32
N LEU B 78 21.34 13.73 20.51
CA LEU B 78 21.33 14.69 19.41
C LEU B 78 22.73 15.07 18.94
N ILE B 79 22.97 14.89 17.64
CA ILE B 79 24.28 15.09 17.04
C ILE B 79 24.20 16.15 15.94
N LYS B 80 24.96 17.23 16.08
CA LYS B 80 25.04 18.24 15.04
C LYS B 80 26.10 17.86 14.02
N ASP B 81 25.72 16.97 13.12
CA ASP B 81 26.58 16.50 12.03
C ASP B 81 25.64 15.96 10.96
N GLY B 82 26.16 15.78 9.74
CA GLY B 82 25.40 15.19 8.66
C GLY B 82 25.13 13.71 8.84
N HIS B 83 23.98 13.26 8.36
CA HIS B 83 23.55 11.87 8.47
C HIS B 83 24.43 10.93 7.66
N GLN B 84 25.15 11.48 6.68
CA GLN B 84 26.18 10.75 5.93
C GLN B 84 27.33 10.26 6.81
N ASN B 85 27.44 10.83 8.01
CA ASN B 85 28.47 10.47 8.99
C ASN B 85 27.95 9.69 10.18
N MET B 86 26.77 9.08 10.05
CA MET B 86 26.12 8.40 11.17
C MET B 86 26.93 7.21 11.73
N ASP B 87 27.81 6.64 10.91
CA ASP B 87 28.62 5.48 11.32
C ASP B 87 29.74 5.84 12.30
N LYS B 88 30.07 7.13 12.38
CA LYS B 88 31.04 7.64 13.34
C LYS B 88 30.49 7.70 14.77
N TYR B 89 29.18 7.61 14.93
CA TYR B 89 28.53 7.81 16.22
C TYR B 89 27.77 6.58 16.72
N ILE B 90 27.54 5.63 15.82
CA ILE B 90 26.74 4.44 16.11
C ILE B 90 27.53 3.20 15.72
N ASP B 91 27.62 2.24 16.65
CA ASP B 91 28.38 1.01 16.40
C ASP B 91 27.55 -0.26 16.63
N CYS B 92 26.40 -0.09 17.26
CA CYS B 92 25.44 -1.18 17.49
C CYS B 92 24.49 -1.29 16.29
N PRO B 93 23.90 -2.48 16.07
CA PRO B 93 22.83 -2.61 15.08
C PRO B 93 21.59 -1.80 15.43
N VAL B 94 21.00 -1.16 14.42
CA VAL B 94 19.79 -0.36 14.62
C VAL B 94 18.56 -1.07 14.05
N LYS B 95 17.41 -0.86 14.69
CA LYS B 95 16.15 -1.42 14.22
C LYS B 95 15.51 -0.60 13.10
N ALA B 96 15.55 0.74 13.23
CA ALA B 96 14.93 1.62 12.23
C ALA B 96 15.67 2.94 12.02
N VAL B 97 15.53 3.50 10.80
CA VAL B 97 16.04 4.83 10.46
C VAL B 97 14.95 5.58 9.69
N MET B 98 14.68 6.82 10.08
CA MET B 98 13.71 7.65 9.37
C MET B 98 14.40 8.79 8.61
N PHE B 99 14.09 8.89 7.31
CA PHE B 99 14.52 9.99 6.46
C PHE B 99 13.32 10.82 6.02
N ASN B 100 13.45 12.13 6.13
CA ASN B 100 12.42 13.04 5.70
C ASN B 100 13.10 14.10 4.86
N LEU B 101 13.02 13.93 3.54
CA LEU B 101 13.87 14.66 2.59
C LEU B 101 13.33 16.01 2.16
N GLY B 102 14.17 17.03 2.26
CA GLY B 102 13.81 18.39 1.85
C GLY B 102 14.43 19.45 2.76
N TYR B 103 13.76 20.58 2.87
CA TYR B 103 14.21 21.67 3.73
C TYR B 103 13.41 21.71 5.04
N LEU B 104 13.98 22.35 6.06
CA LEU B 104 13.29 22.62 7.33
C LEU B 104 12.19 23.69 7.16
N PRO B 105 10.92 23.33 7.48
CA PRO B 105 9.78 24.26 7.41
C PRO B 105 9.91 25.42 8.41
N SER B 106 9.61 26.64 7.93
CA SER B 106 9.84 27.91 8.64
C SER B 106 11.31 28.18 9.04
N GLY B 107 12.22 27.41 8.43
CA GLY B 107 13.66 27.61 8.57
C GLY B 107 14.21 28.15 7.26
N ASP B 108 15.52 28.03 7.07
CA ASP B 108 16.16 28.52 5.85
C ASP B 108 15.91 27.56 4.68
N HIS B 109 15.25 28.06 3.64
CA HIS B 109 14.75 27.24 2.54
C HIS B 109 15.82 26.74 1.56
N SER B 110 16.98 27.40 1.54
CA SER B 110 18.08 27.00 0.67
C SER B 110 19.03 25.96 1.30
N ILE B 111 18.87 25.69 2.60
CA ILE B 111 19.57 24.60 3.26
C ILE B 111 18.67 23.37 3.29
N SER B 112 18.92 22.41 2.39
CA SER B 112 18.13 21.19 2.31
C SER B 112 19.01 19.97 2.10
N THR B 113 18.40 18.79 2.12
CA THR B 113 19.11 17.54 1.88
C THR B 113 19.59 17.49 0.42
N ARG B 114 20.77 16.91 0.22
CA ARG B 114 21.43 16.86 -1.08
C ARG B 114 21.55 15.38 -1.47
N PRO B 115 21.39 15.06 -2.78
CA PRO B 115 21.38 13.66 -3.23
C PRO B 115 22.60 12.84 -2.82
N GLU B 116 23.80 13.40 -2.98
CA GLU B 116 25.00 12.60 -2.71
C GLU B 116 25.20 12.27 -1.24
N THR B 117 24.81 13.17 -0.34
CA THR B 117 24.92 12.91 1.11
C THR B 117 23.79 12.02 1.59
N THR B 118 22.62 12.16 0.95
CA THR B 118 21.46 11.30 1.24
C THR B 118 21.75 9.85 0.87
N ILE B 119 22.32 9.63 -0.31
CA ILE B 119 22.73 8.31 -0.78
C ILE B 119 23.82 7.71 0.10
N GLN B 120 24.77 8.55 0.53
CA GLN B 120 25.80 8.17 1.50
C GLN B 120 25.17 7.72 2.80
N ALA B 121 24.30 8.55 3.37
CA ALA B 121 23.56 8.20 4.60
C ALA B 121 22.74 6.93 4.47
N LEU B 122 22.14 6.71 3.31
CA LEU B 122 21.31 5.53 3.08
C LEU B 122 22.13 4.27 3.10
N SER B 123 23.33 4.33 2.52
CA SER B 123 24.28 3.22 2.53
CA SER B 123 24.28 3.22 2.53
C SER B 123 24.74 2.91 3.95
N LYS B 124 24.98 3.96 4.73
CA LYS B 124 25.41 3.83 6.12
C LYS B 124 24.30 3.24 6.97
N ALA B 125 23.08 3.73 6.75
CA ALA B 125 21.88 3.22 7.42
C ALA B 125 21.62 1.75 7.06
N MET B 126 21.81 1.39 5.78
CA MET B 126 21.62 0.00 5.35
C MET B 126 22.65 -0.95 5.98
N GLU B 127 23.88 -0.46 6.17
CA GLU B 127 24.93 -1.18 6.90
C GLU B 127 24.54 -1.40 8.36
N LEU B 128 24.09 -0.33 8.99
CA LEU B 128 23.77 -0.33 10.43
C LEU B 128 22.53 -1.15 10.80
N LEU B 129 21.60 -1.31 9.85
CA LEU B 129 20.36 -2.05 10.10
C LEU B 129 20.58 -3.49 10.51
N VAL B 130 19.80 -3.92 11.50
CA VAL B 130 19.73 -5.32 11.89
C VAL B 130 18.84 -6.00 10.85
N THR B 131 19.05 -7.28 10.64
CA THR B 131 18.14 -8.05 9.86
C THR B 131 16.71 -7.89 10.37
N GLY B 132 15.77 -7.64 9.46
CA GLY B 132 14.40 -7.39 9.86
C GLY B 132 14.17 -5.95 10.29
N GLY B 133 15.16 -5.11 10.03
CA GLY B 133 15.06 -3.68 10.32
C GLY B 133 14.50 -2.88 9.15
N ILE B 134 14.07 -1.64 9.43
CA ILE B 134 13.44 -0.83 8.40
C ILE B 134 14.03 0.58 8.27
N ILE B 135 14.14 1.06 7.04
CA ILE B 135 14.37 2.47 6.76
C ILE B 135 13.13 2.98 6.03
N THR B 136 12.60 4.12 6.46
CA THR B 136 11.53 4.80 5.74
C THR B 136 12.07 6.13 5.21
N VAL B 137 11.74 6.42 3.96
CA VAL B 137 12.15 7.67 3.30
C VAL B 137 10.90 8.32 2.78
N VAL B 138 10.59 9.50 3.29
CA VAL B 138 9.55 10.34 2.72
C VAL B 138 10.26 11.36 1.83
N ILE B 139 9.99 11.29 0.54
CA ILE B 139 10.65 12.15 -0.44
C ILE B 139 9.72 13.29 -0.85
N TYR B 140 10.15 14.50 -0.57
CA TYR B 140 9.48 15.70 -1.05
C TYR B 140 10.20 16.24 -2.25
N TYR B 141 9.52 16.44 -3.37
CA TYR B 141 10.15 16.81 -4.63
C TYR B 141 9.69 18.05 -5.40
N GLY B 142 9.01 18.99 -4.80
CA GLY B 142 8.86 20.26 -5.48
C GLY B 142 10.15 21.06 -5.58
N GLY B 143 10.25 21.91 -6.58
CA GLY B 143 11.44 22.70 -6.79
C GLY B 143 12.54 21.91 -7.42
N ASP B 144 13.55 22.59 -7.92
CA ASP B 144 14.61 21.93 -8.68
C ASP B 144 15.41 20.93 -7.85
N THR B 145 15.67 21.28 -6.58
CA THR B 145 16.52 20.50 -5.70
C THR B 145 15.82 19.19 -5.34
N GLY B 146 14.55 19.29 -4.95
CA GLY B 146 13.70 18.13 -4.70
C GLY B 146 13.61 17.20 -5.89
N PHE B 147 13.38 17.76 -7.07
CA PHE B 147 13.33 16.98 -8.30
C PHE B 147 14.62 16.20 -8.54
N GLU B 148 15.77 16.85 -8.34
CA GLU B 148 17.07 16.22 -8.58
C GLU B 148 17.38 15.15 -7.54
N GLU B 149 17.00 15.42 -6.29
CA GLU B 149 17.21 14.45 -5.22
C GLU B 149 16.37 13.18 -5.36
N LYS B 150 15.09 13.32 -5.71
CA LYS B 150 14.22 12.17 -5.96
C LYS B 150 14.76 11.23 -7.08
N GLU B 151 15.11 11.82 -8.21
CA GLU B 151 15.67 11.07 -9.35
CA GLU B 151 15.70 11.13 -9.36
C GLU B 151 16.92 10.31 -8.96
N LYS B 152 17.85 10.96 -8.26
CA LYS B 152 19.11 10.31 -7.90
C LYS B 152 18.96 9.24 -6.81
N VAL B 153 18.19 9.54 -5.77
CA VAL B 153 17.93 8.57 -4.68
C VAL B 153 17.24 7.30 -5.16
N LEU B 154 16.19 7.47 -5.98
CA LEU B 154 15.46 6.36 -6.58
C LEU B 154 16.30 5.54 -7.56
N GLU B 155 17.12 6.23 -8.35
CA GLU B 155 18.08 5.55 -9.24
C GLU B 155 19.10 4.71 -8.45
N PHE B 156 19.56 5.25 -7.31
CA PHE B 156 20.42 4.50 -6.40
C PHE B 156 19.73 3.30 -5.78
N LEU B 157 18.49 3.48 -5.31
CA LEU B 157 17.77 2.41 -4.61
C LEU B 157 17.30 1.28 -5.54
N LYS B 158 17.14 1.60 -6.82
CA LYS B 158 16.85 0.58 -7.84
C LYS B 158 17.93 -0.49 -7.92
N GLY B 159 19.16 -0.09 -7.57
CA GLY B 159 20.31 -0.98 -7.67
C GLY B 159 20.63 -1.85 -6.47
N VAL B 160 19.93 -1.61 -5.36
CA VAL B 160 20.14 -2.34 -4.11
C VAL B 160 19.79 -3.85 -4.26
N ASP B 161 20.66 -4.72 -3.76
CA ASP B 161 20.52 -6.16 -3.93
C ASP B 161 19.21 -6.65 -3.32
N GLN B 162 18.37 -7.25 -4.16
CA GLN B 162 17.05 -7.73 -3.74
C GLN B 162 17.11 -8.93 -2.79
N LYS B 163 18.23 -9.64 -2.80
CA LYS B 163 18.47 -10.79 -1.92
C LYS B 163 18.80 -10.35 -0.49
N LYS B 164 19.19 -9.07 -0.35
CA LYS B 164 19.57 -8.51 0.92
C LYS B 164 18.53 -7.50 1.41
N PHE B 165 17.90 -6.79 0.49
CA PHE B 165 16.94 -5.75 0.87
C PHE B 165 15.67 -5.76 0.03
N ILE B 166 14.54 -5.52 0.68
CA ILE B 166 13.28 -5.18 0.03
C ILE B 166 13.19 -3.67 -0.06
N VAL B 167 13.01 -3.14 -1.26
CA VAL B 167 12.84 -1.70 -1.46
C VAL B 167 11.47 -1.45 -2.09
N GLN B 168 10.56 -0.88 -1.30
CA GLN B 168 9.19 -0.71 -1.71
C GLN B 168 8.89 0.77 -1.84
N ARG B 169 8.36 1.17 -2.99
CA ARG B 169 7.95 2.53 -3.21
C ARG B 169 6.42 2.61 -3.21
N THR B 170 5.87 3.56 -2.47
CA THR B 170 4.44 3.81 -2.39
C THR B 170 4.21 5.20 -2.99
N ASP B 171 3.21 5.34 -3.86
CA ASP B 171 3.06 6.52 -4.69
C ASP B 171 1.56 6.79 -4.94
N PHE B 172 1.14 8.04 -4.81
CA PHE B 172 -0.25 8.42 -5.08
C PHE B 172 -0.34 9.07 -6.44
N ILE B 173 -0.72 8.26 -7.42
CA ILE B 173 -0.53 8.57 -8.85
C ILE B 173 -1.59 9.47 -9.51
N ASN B 174 -2.66 9.78 -8.77
CA ASN B 174 -3.71 10.64 -9.28
C ASN B 174 -3.71 12.03 -8.63
N GLN B 175 -2.70 12.29 -7.81
CA GLN B 175 -2.56 13.57 -7.13
C GLN B 175 -1.59 14.45 -7.89
N ALA B 176 -1.91 15.74 -7.98
CA ALA B 176 -1.02 16.72 -8.58
C ALA B 176 -0.16 17.39 -7.51
N ASN B 177 0.68 18.32 -7.96
CA ASN B 177 1.55 19.13 -7.10
C ASN B 177 2.49 18.30 -6.21
N CYS B 178 3.15 17.33 -6.83
CA CYS B 178 4.20 16.52 -6.20
C CYS B 178 3.82 15.88 -4.85
N PRO B 179 2.91 14.88 -4.87
CA PRO B 179 2.59 14.24 -3.60
C PRO B 179 3.80 13.47 -3.10
N PRO B 180 4.20 13.68 -1.83
CA PRO B 180 5.36 13.00 -1.28
C PRO B 180 5.35 11.48 -1.47
N ILE B 181 6.53 10.93 -1.68
CA ILE B 181 6.72 9.53 -2.02
C ILE B 181 7.30 8.79 -0.82
N LEU B 182 6.80 7.58 -0.53
CA LEU B 182 7.38 6.78 0.54
C LEU B 182 8.19 5.64 -0.02
N VAL B 183 9.45 5.55 0.39
CA VAL B 183 10.25 4.35 0.13
C VAL B 183 10.48 3.64 1.48
N CYS B 184 10.30 2.32 1.48
CA CYS B 184 10.57 1.49 2.64
C CYS B 184 11.63 0.49 2.27
N ILE B 185 12.73 0.51 3.01
CA ILE B 185 13.81 -0.44 2.85
C ILE B 185 13.83 -1.40 4.05
N GLU B 186 13.73 -2.70 3.79
CA GLU B 186 13.80 -3.70 4.84
C GLU B 186 14.90 -4.71 4.58
N LYS B 187 15.82 -4.83 5.53
CA LYS B 187 16.92 -5.80 5.41
C LYS B 187 16.39 -7.21 5.66
N ILE B 188 16.69 -8.12 4.72
CA ILE B 188 16.23 -9.50 4.83
C ILE B 188 17.38 -10.51 4.94
N SER B 189 18.60 -10.06 4.62
CA SER B 189 19.83 -10.87 4.75
C SER B 189 21.06 -9.98 4.97
N GLU B 190 22.06 -10.54 5.66
CA GLU B 190 23.36 -9.85 5.82
C GLU B 190 24.28 -10.28 4.68
N HIS B 195 30.29 -8.01 -7.20
CA HIS B 195 30.58 -8.62 -8.48
CA HIS B 195 30.59 -8.63 -8.48
C HIS B 195 32.06 -8.98 -8.63
N HIS B 196 32.34 -9.87 -9.57
CA HIS B 196 33.69 -10.42 -9.77
C HIS B 196 34.65 -9.49 -10.51
N HIS B 197 35.92 -9.58 -10.14
CA HIS B 197 37.01 -8.83 -10.77
C HIS B 197 38.06 -9.80 -11.28
N LEU C 3 28.36 -21.53 -26.70
CA LEU C 3 28.66 -20.08 -26.88
C LEU C 3 27.69 -19.16 -26.14
N THR C 4 28.25 -18.33 -25.25
CA THR C 4 27.47 -17.45 -24.38
C THR C 4 28.06 -16.03 -24.43
N ILE C 5 27.18 -15.03 -24.42
CA ILE C 5 27.58 -13.62 -24.28
C ILE C 5 28.20 -13.42 -22.89
N LYS C 6 29.42 -12.90 -22.89
CA LYS C 6 30.16 -12.70 -21.66
C LYS C 6 29.72 -11.44 -20.96
N ASN C 7 29.90 -11.40 -19.63
CA ASN C 7 29.72 -10.20 -18.84
C ASN C 7 30.74 -9.12 -19.22
N SER C 8 30.59 -7.92 -18.68
CA SER C 8 31.49 -6.81 -18.98
C SER C 8 32.96 -7.09 -18.71
N LEU C 9 33.25 -7.76 -17.58
CA LEU C 9 34.61 -8.15 -17.22
C LEU C 9 35.22 -9.08 -18.27
N GLY C 10 34.43 -10.05 -18.73
CA GLY C 10 34.88 -10.98 -19.77
C GLY C 10 35.05 -10.33 -21.13
N GLN C 11 34.16 -9.42 -21.45
CA GLN C 11 34.19 -8.73 -22.74
C GLN C 11 35.36 -7.76 -22.88
N SER C 12 35.75 -7.11 -21.78
CA SER C 12 36.93 -6.22 -21.76
C SER C 12 38.20 -6.94 -22.20
N HIS C 13 38.38 -8.17 -21.72
CA HIS C 13 39.49 -9.03 -22.15
C HIS C 13 39.41 -9.37 -23.64
N ASP C 14 38.21 -9.69 -24.14
CA ASP C 14 37.98 -9.96 -25.56
C ASP C 14 38.29 -8.78 -26.48
N TYR C 15 37.89 -7.58 -26.06
CA TYR C 15 38.19 -6.34 -26.79
C TYR C 15 39.68 -6.02 -26.78
N ILE C 16 40.34 -6.30 -25.67
CA ILE C 16 41.78 -6.09 -25.54
C ILE C 16 42.57 -7.06 -26.43
N LYS C 17 42.17 -8.34 -26.43
CA LYS C 17 42.75 -9.36 -27.33
C LYS C 17 42.66 -9.02 -28.82
N MET C 18 41.57 -8.37 -29.22
CA MET C 18 41.38 -7.92 -30.60
C MET C 18 42.37 -6.85 -31.01
N PHE C 19 42.71 -5.98 -30.06
CA PHE C 19 43.49 -4.78 -30.36
C PHE C 19 44.98 -4.90 -30.07
N VAL C 20 45.35 -5.69 -29.07
CA VAL C 20 46.73 -5.81 -28.62
C VAL C 20 47.49 -6.92 -29.33
N LYS C 21 48.57 -6.54 -30.02
CA LYS C 21 49.49 -7.51 -30.61
C LYS C 21 50.82 -7.48 -29.88
N GLU C 22 51.72 -8.38 -30.25
CA GLU C 22 53.00 -8.54 -29.55
C GLU C 22 53.96 -7.39 -29.85
N GLY C 23 54.65 -6.93 -28.82
CA GLY C 23 55.57 -5.81 -28.96
C GLY C 23 54.97 -4.45 -28.62
N ASP C 24 53.66 -4.42 -28.37
CA ASP C 24 52.94 -3.17 -28.06
C ASP C 24 53.24 -2.61 -26.66
N THR C 25 52.90 -1.35 -26.45
CA THR C 25 52.94 -0.77 -25.12
C THR C 25 51.52 -0.58 -24.60
N VAL C 26 51.21 -1.21 -23.48
CA VAL C 26 49.88 -1.17 -22.89
C VAL C 26 49.92 -0.70 -21.43
N VAL C 27 48.75 -0.32 -20.90
CA VAL C 27 48.63 0.19 -19.53
C VAL C 27 47.55 -0.54 -18.73
N ASP C 28 47.91 -0.99 -17.55
CA ASP C 28 46.92 -1.39 -16.55
C ASP C 28 46.84 -0.22 -15.58
N ALA C 29 45.74 0.51 -15.66
CA ALA C 29 45.63 1.73 -14.91
C ALA C 29 45.16 1.48 -13.48
N THR C 30 44.67 0.28 -13.22
CA THR C 30 44.16 -0.12 -11.91
C THR C 30 44.64 -1.54 -11.59
N CYS C 31 45.86 -1.64 -11.07
CA CYS C 31 46.55 -2.92 -10.84
C CYS C 31 45.80 -3.95 -10.00
N GLY C 32 45.42 -3.56 -8.78
CA GLY C 32 44.74 -4.45 -7.85
C GLY C 32 45.62 -5.64 -7.51
N ASN C 33 45.06 -6.84 -7.68
CA ASN C 33 45.79 -8.08 -7.42
C ASN C 33 46.70 -8.53 -8.56
N GLY C 34 46.53 -7.91 -9.74
CA GLY C 34 47.46 -8.08 -10.85
C GLY C 34 46.99 -9.01 -11.96
N ASN C 35 45.70 -9.32 -11.96
CA ASN C 35 45.11 -10.23 -12.96
C ASN C 35 45.16 -9.68 -14.37
N ASP C 36 44.71 -8.44 -14.55
CA ASP C 36 44.72 -7.75 -15.84
C ASP C 36 46.14 -7.42 -16.27
N THR C 37 47.03 -7.20 -15.29
CA THR C 37 48.42 -6.91 -15.57
C THR C 37 49.13 -8.12 -16.18
N ALA C 38 48.83 -9.30 -15.65
CA ALA C 38 49.42 -10.55 -16.12
C ALA C 38 48.84 -10.94 -17.46
N PHE C 39 47.54 -10.67 -17.62
CA PHE C 39 46.82 -10.82 -18.88
C PHE C 39 47.45 -9.97 -19.98
N LEU C 40 47.66 -8.69 -19.70
CA LEU C 40 48.26 -7.75 -20.65
C LEU C 40 49.69 -8.13 -20.99
N ALA C 41 50.44 -8.59 -19.99
CA ALA C 41 51.83 -9.05 -20.14
C ALA C 41 51.99 -10.25 -21.05
N SER C 42 51.07 -11.21 -20.94
CA SER C 42 51.06 -12.41 -21.78
C SER C 42 50.72 -12.11 -23.23
N LEU C 43 49.89 -11.10 -23.47
CA LEU C 43 49.50 -10.71 -24.82
C LEU C 43 50.62 -9.97 -25.55
N VAL C 44 51.48 -9.31 -24.79
CA VAL C 44 52.39 -8.32 -25.35
C VAL C 44 53.79 -8.90 -25.67
N GLY C 45 54.10 -10.03 -25.05
CA GLY C 45 55.34 -10.76 -25.35
C GLY C 45 56.58 -10.20 -24.69
N GLU C 46 57.73 -10.67 -25.15
CA GLU C 46 59.02 -10.31 -24.55
C GLU C 46 59.47 -8.90 -24.91
N ASN C 47 59.12 -8.45 -26.12
CA ASN C 47 59.54 -7.15 -26.60
C ASN C 47 58.52 -6.05 -26.35
N GLY C 48 57.44 -6.39 -25.65
CA GLY C 48 56.40 -5.44 -25.30
C GLY C 48 56.57 -4.86 -23.91
N ARG C 49 55.73 -3.87 -23.58
CA ARG C 49 55.82 -3.15 -22.32
CA ARG C 49 55.83 -3.17 -22.30
C ARG C 49 54.45 -2.94 -21.68
N VAL C 50 54.34 -3.24 -20.39
CA VAL C 50 53.13 -3.01 -19.60
C VAL C 50 53.46 -2.03 -18.48
N PHE C 51 52.78 -0.89 -18.45
CA PHE C 51 52.84 0.01 -17.31
C PHE C 51 51.68 -0.29 -16.39
N GLY C 52 51.98 -0.52 -15.12
CA GLY C 52 50.95 -0.79 -14.12
C GLY C 52 50.94 0.27 -13.04
N PHE C 53 49.73 0.64 -12.60
CA PHE C 53 49.55 1.71 -11.60
C PHE C 53 48.65 1.27 -10.44
N ASP C 54 49.06 1.59 -9.22
CA ASP C 54 48.18 1.51 -8.06
C ASP C 54 48.67 2.46 -6.97
N ILE C 55 47.74 2.89 -6.11
CA ILE C 55 48.07 3.81 -5.01
C ILE C 55 48.33 3.08 -3.69
N GLN C 56 48.16 1.76 -3.69
CA GLN C 56 48.33 0.94 -2.48
C GLN C 56 49.60 0.09 -2.55
N ASP C 57 50.31 -0.01 -1.44
CA ASP C 57 51.52 -0.83 -1.32
C ASP C 57 51.21 -2.33 -1.36
N LYS C 58 50.03 -2.68 -0.82
CA LYS C 58 49.52 -4.05 -0.79
C LYS C 58 49.27 -4.55 -2.21
N ALA C 59 48.70 -3.68 -3.04
CA ALA C 59 48.36 -4.02 -4.42
C ALA C 59 49.59 -4.16 -5.33
N ILE C 60 50.59 -3.31 -5.13
CA ILE C 60 51.85 -3.37 -5.88
C ILE C 60 52.62 -4.65 -5.55
N ALA C 61 52.65 -5.00 -4.26
CA ALA C 61 53.33 -6.22 -3.80
C ALA C 61 52.68 -7.52 -4.31
N ASN C 62 51.35 -7.56 -4.27
CA ASN C 62 50.58 -8.69 -4.79
C ASN C 62 50.72 -8.88 -6.30
N THR C 63 50.79 -7.77 -7.04
CA THR C 63 51.01 -7.78 -8.48
C THR C 63 52.44 -8.21 -8.82
N THR C 64 53.41 -7.74 -8.02
CA THR C 64 54.81 -8.14 -8.17
C THR C 64 54.96 -9.64 -7.97
N LYS C 65 54.27 -10.17 -6.95
CA LYS C 65 54.25 -11.60 -6.62
C LYS C 65 53.63 -12.44 -7.74
N LYS C 66 52.46 -12.00 -8.22
CA LYS C 66 51.76 -12.62 -9.36
C LYS C 66 52.66 -12.76 -10.60
N LEU C 67 53.24 -11.65 -11.03
CA LEU C 67 54.03 -11.59 -12.27
C LEU C 67 55.34 -12.36 -12.20
N THR C 68 55.98 -12.35 -11.03
CA THR C 68 57.23 -13.10 -10.79
C THR C 68 56.96 -14.61 -10.83
N ASP C 69 55.81 -15.02 -10.27
CA ASP C 69 55.35 -16.41 -10.28
C ASP C 69 55.13 -16.94 -11.68
N LEU C 70 54.70 -16.06 -12.60
CA LEU C 70 54.36 -16.47 -13.96
C LEU C 70 55.47 -16.15 -14.96
N ASN C 71 56.61 -15.68 -14.43
CA ASN C 71 57.77 -15.27 -15.24
C ASN C 71 57.44 -14.13 -16.22
N LEU C 72 56.71 -13.14 -15.72
CA LEU C 72 56.20 -12.05 -16.55
C LEU C 72 56.61 -10.68 -16.05
N ILE C 73 57.40 -10.64 -14.98
CA ILE C 73 57.77 -9.38 -14.31
C ILE C 73 58.76 -8.51 -15.12
N ASP C 74 59.48 -9.11 -16.07
CA ASP C 74 60.51 -8.40 -16.83
CA ASP C 74 60.51 -8.39 -16.82
C ASP C 74 59.97 -7.34 -17.80
N ARG C 75 58.73 -7.55 -18.27
CA ARG C 75 58.14 -6.68 -19.28
C ARG C 75 57.21 -5.64 -18.65
N VAL C 76 57.07 -5.72 -17.33
CA VAL C 76 56.14 -4.86 -16.59
C VAL C 76 56.87 -3.82 -15.75
N THR C 77 56.47 -2.55 -15.90
CA THR C 77 56.90 -1.46 -15.03
C THR C 77 55.77 -1.09 -14.06
N LEU C 78 55.94 -1.47 -12.80
CA LEU C 78 54.96 -1.16 -11.76
C LEU C 78 55.28 0.16 -11.06
N ILE C 79 54.31 1.06 -11.03
CA ILE C 79 54.49 2.41 -10.51
C ILE C 79 53.50 2.67 -9.39
N LYS C 80 54.02 3.00 -8.21
CA LYS C 80 53.16 3.38 -7.09
C LYS C 80 52.84 4.87 -7.18
N ASP C 81 51.86 5.18 -8.03
CA ASP C 81 51.31 6.51 -8.18
C ASP C 81 49.89 6.36 -8.74
N GLY C 82 49.11 7.43 -8.67
CA GLY C 82 47.79 7.47 -9.28
C GLY C 82 47.82 7.48 -10.80
N HIS C 83 46.87 6.75 -11.40
CA HIS C 83 46.71 6.72 -12.86
C HIS C 83 46.44 8.09 -13.48
N GLN C 84 46.01 9.06 -12.68
CA GLN C 84 45.82 10.43 -13.14
C GLN C 84 47.16 11.12 -13.47
N ASN C 85 48.26 10.50 -13.02
CA ASN C 85 49.61 10.95 -13.30
C ASN C 85 50.36 10.08 -14.30
N MET C 86 49.64 9.30 -15.11
CA MET C 86 50.27 8.33 -16.03
C MET C 86 51.19 8.96 -17.11
N ASP C 87 50.91 10.21 -17.47
CA ASP C 87 51.71 10.97 -18.44
C ASP C 87 53.13 11.32 -17.98
N LYS C 88 53.35 11.32 -16.66
CA LYS C 88 54.68 11.54 -16.07
C LYS C 88 55.66 10.38 -16.31
N TYR C 89 55.12 9.21 -16.63
CA TYR C 89 55.91 7.98 -16.69
C TYR C 89 55.97 7.38 -18.10
N ILE C 90 55.06 7.81 -18.96
CA ILE C 90 54.91 7.29 -20.32
C ILE C 90 55.00 8.44 -21.31
N ASP C 91 55.83 8.27 -22.34
CA ASP C 91 55.99 9.30 -23.38
C ASP C 91 55.74 8.78 -24.80
N CYS C 92 55.74 7.45 -24.94
CA CYS C 92 55.43 6.79 -26.21
C CYS C 92 53.91 6.59 -26.38
N PRO C 93 53.42 6.45 -27.62
CA PRO C 93 52.01 6.09 -27.83
C PRO C 93 51.66 4.67 -27.34
N VAL C 94 50.50 4.54 -26.69
CA VAL C 94 50.05 3.24 -26.19
C VAL C 94 48.91 2.66 -27.02
N LYS C 95 48.87 1.33 -27.12
CA LYS C 95 47.83 0.63 -27.85
CA LYS C 95 47.82 0.65 -27.86
C LYS C 95 46.56 0.49 -27.02
N ALA C 96 46.71 0.15 -25.74
CA ALA C 96 45.57 -0.10 -24.88
C ALA C 96 45.76 0.36 -23.44
N VAL C 97 44.65 0.71 -22.78
CA VAL C 97 44.60 1.02 -21.36
C VAL C 97 43.39 0.29 -20.74
N MET C 98 43.60 -0.42 -19.63
CA MET C 98 42.51 -1.09 -18.91
C MET C 98 42.18 -0.36 -17.61
N PHE C 99 40.91 0.00 -17.45
CA PHE C 99 40.38 0.55 -16.19
C PHE C 99 39.37 -0.41 -15.61
N ASN C 100 39.57 -0.76 -14.34
CA ASN C 100 38.63 -1.58 -13.61
C ASN C 100 38.24 -0.80 -12.35
N LEU C 101 37.05 -0.22 -12.35
CA LEU C 101 36.68 0.83 -11.39
C LEU C 101 36.06 0.31 -10.10
N GLY C 102 36.57 0.80 -8.97
CA GLY C 102 36.03 0.48 -7.64
C GLY C 102 37.11 0.20 -6.61
N TYR C 103 36.89 -0.80 -5.76
CA TYR C 103 37.85 -1.14 -4.70
C TYR C 103 38.53 -2.50 -4.88
N LEU C 104 39.70 -2.63 -4.24
CA LEU C 104 40.50 -3.85 -4.25
C LEU C 104 39.81 -4.99 -3.49
N PRO C 105 39.59 -6.14 -4.16
CA PRO C 105 39.02 -7.33 -3.51
C PRO C 105 40.01 -7.99 -2.54
N SER C 106 39.51 -8.43 -1.39
CA SER C 106 40.31 -8.89 -0.23
C SER C 106 41.30 -7.83 0.26
N GLY C 107 40.80 -6.60 0.39
CA GLY C 107 41.59 -5.46 0.86
C GLY C 107 40.75 -4.42 1.58
N ASP C 108 41.23 -3.17 1.59
CA ASP C 108 40.51 -2.07 2.23
C ASP C 108 39.44 -1.49 1.30
N HIS C 109 38.18 -1.58 1.72
CA HIS C 109 37.05 -1.20 0.88
C HIS C 109 36.77 0.31 0.87
N SER C 110 37.41 1.04 1.78
CA SER C 110 37.31 2.50 1.82
C SER C 110 38.26 3.18 0.81
N ILE C 111 39.28 2.46 0.36
CA ILE C 111 40.19 2.97 -0.68
C ILE C 111 39.74 2.51 -2.07
N SER C 112 39.01 3.39 -2.74
CA SER C 112 38.47 3.11 -4.07
C SER C 112 38.77 4.26 -5.03
N THR C 113 38.57 4.00 -6.33
CA THR C 113 38.73 5.02 -7.37
C THR C 113 37.74 6.17 -7.14
N ARG C 114 38.19 7.39 -7.41
CA ARG C 114 37.37 8.61 -7.28
C ARG C 114 37.07 9.17 -8.67
N PRO C 115 35.88 9.80 -8.86
CA PRO C 115 35.50 10.34 -10.17
C PRO C 115 36.49 11.35 -10.77
N GLU C 116 36.98 12.26 -9.92
CA GLU C 116 37.85 13.36 -10.33
C GLU C 116 39.15 12.86 -10.94
N THR C 117 39.75 11.89 -10.27
CA THR C 117 41.02 11.29 -10.69
C THR C 117 40.85 10.27 -11.82
N THR C 118 39.70 9.60 -11.86
CA THR C 118 39.34 8.70 -12.96
C THR C 118 39.17 9.46 -14.27
N ILE C 119 38.42 10.57 -14.22
CA ILE C 119 38.22 11.44 -15.39
C ILE C 119 39.54 12.03 -15.92
N GLN C 120 40.40 12.45 -14.99
CA GLN C 120 41.77 12.89 -15.29
C GLN C 120 42.56 11.79 -16.00
N ALA C 121 42.59 10.59 -15.42
CA ALA C 121 43.33 9.45 -16.01
C ALA C 121 42.83 9.09 -17.39
N LEU C 122 41.51 9.18 -17.57
CA LEU C 122 40.86 8.90 -18.84
C LEU C 122 41.28 9.89 -19.91
N SER C 123 41.31 11.18 -19.56
CA SER C 123 41.85 12.22 -20.43
C SER C 123 43.32 11.98 -20.81
N LYS C 124 44.14 11.57 -19.84
CA LYS C 124 45.55 11.27 -20.07
C LYS C 124 45.71 10.04 -20.95
N ALA C 125 44.91 9.01 -20.66
CA ALA C 125 44.89 7.78 -21.45
C ALA C 125 44.48 8.06 -22.89
N MET C 126 43.45 8.89 -23.07
CA MET C 126 42.99 9.27 -24.40
C MET C 126 44.06 10.04 -25.21
N GLU C 127 44.86 10.86 -24.54
CA GLU C 127 45.96 11.57 -25.18
C GLU C 127 47.10 10.61 -25.55
N LEU C 128 47.37 9.65 -24.67
CA LEU C 128 48.47 8.71 -24.88
C LEU C 128 48.20 7.65 -25.93
N LEU C 129 46.92 7.43 -26.25
CA LEU C 129 46.50 6.41 -27.21
C LEU C 129 46.98 6.69 -28.63
N VAL C 130 47.49 5.64 -29.28
CA VAL C 130 47.72 5.66 -30.72
C VAL C 130 46.35 5.57 -31.41
N THR C 131 46.24 6.10 -32.62
CA THR C 131 45.02 5.94 -33.43
C THR C 131 44.77 4.46 -33.68
N GLY C 132 43.53 4.04 -33.48
CA GLY C 132 43.18 2.62 -33.52
C GLY C 132 43.49 1.90 -32.23
N GLY C 133 43.72 2.67 -31.16
CA GLY C 133 43.96 2.13 -29.84
C GLY C 133 42.70 2.13 -28.98
N ILE C 134 42.67 1.29 -27.96
CA ILE C 134 41.46 1.06 -27.18
C ILE C 134 41.63 1.36 -25.67
N ILE C 135 40.62 1.94 -25.05
CA ILE C 135 40.51 1.95 -23.59
C ILE C 135 39.28 1.13 -23.22
N THR C 136 39.41 0.23 -22.24
CA THR C 136 38.24 -0.45 -21.70
C THR C 136 38.03 -0.03 -20.26
N VAL C 137 36.78 0.29 -19.92
CA VAL C 137 36.41 0.72 -18.57
C VAL C 137 35.31 -0.19 -18.03
N VAL C 138 35.66 -1.08 -17.10
CA VAL C 138 34.65 -1.86 -16.41
C VAL C 138 34.22 -1.08 -15.17
N ILE C 139 32.95 -0.67 -15.15
CA ILE C 139 32.42 0.20 -14.11
C ILE C 139 31.59 -0.61 -13.14
N TYR C 140 31.97 -0.62 -11.88
CA TYR C 140 31.12 -1.13 -10.83
C TYR C 140 30.36 -0.06 -10.08
N TYR C 141 29.07 -0.22 -9.87
CA TYR C 141 28.27 0.78 -9.20
C TYR C 141 27.41 0.31 -8.01
N GLY C 142 27.63 -0.90 -7.57
CA GLY C 142 26.95 -1.36 -6.38
C GLY C 142 26.70 -0.45 -5.19
N GLY C 143 27.67 0.36 -4.78
CA GLY C 143 27.57 1.11 -3.55
C GLY C 143 27.33 2.57 -3.77
N ASP C 144 27.31 3.37 -2.73
CA ASP C 144 27.16 4.80 -2.86
C ASP C 144 28.31 5.40 -3.62
N THR C 145 29.46 4.83 -3.43
CA THR C 145 30.65 5.39 -3.94
C THR C 145 30.85 4.94 -5.37
N GLY C 146 30.58 3.69 -5.64
CA GLY C 146 30.39 3.23 -6.99
C GLY C 146 29.36 3.98 -7.82
N PHE C 147 28.20 4.23 -7.25
CA PHE C 147 27.14 4.92 -7.91
C PHE C 147 27.53 6.30 -8.36
N GLU C 148 28.21 7.00 -7.49
CA GLU C 148 28.60 8.39 -7.70
C GLU C 148 29.61 8.51 -8.85
N GLU C 149 30.47 7.52 -8.94
CA GLU C 149 31.51 7.46 -9.93
C GLU C 149 30.97 7.16 -11.33
N LYS C 150 30.10 6.15 -11.43
CA LYS C 150 29.38 5.83 -12.66
C LYS C 150 28.74 7.06 -13.31
N GLU C 151 27.96 7.79 -12.52
CA GLU C 151 27.23 8.99 -12.95
C GLU C 151 28.15 10.01 -13.58
N LYS C 152 29.23 10.31 -12.87
CA LYS C 152 30.20 11.33 -13.26
C LYS C 152 31.06 10.93 -14.46
N VAL C 153 31.55 9.69 -14.46
CA VAL C 153 32.39 9.15 -15.55
C VAL C 153 31.63 9.11 -16.89
N LEU C 154 30.39 8.62 -16.84
CA LEU C 154 29.50 8.57 -17.98
C LEU C 154 29.13 9.96 -18.48
N GLU C 155 28.80 10.87 -17.57
CA GLU C 155 28.59 12.27 -17.94
CA GLU C 155 28.57 12.28 -17.94
C GLU C 155 29.78 12.77 -18.75
N PHE C 156 30.98 12.62 -18.19
CA PHE C 156 32.19 13.06 -18.85
C PHE C 156 32.36 12.44 -20.23
N LEU C 157 32.21 11.12 -20.31
CA LEU C 157 32.42 10.39 -21.56
C LEU C 157 31.42 10.72 -22.66
N LYS C 158 30.23 11.20 -22.26
CA LYS C 158 29.24 11.65 -23.24
CA LYS C 158 29.21 11.68 -23.21
C LYS C 158 29.68 12.91 -23.98
N GLY C 159 30.62 13.66 -23.38
CA GLY C 159 31.11 14.92 -23.94
C GLY C 159 32.33 14.81 -24.83
N VAL C 160 32.90 13.61 -24.92
CA VAL C 160 34.08 13.33 -25.74
C VAL C 160 33.77 13.54 -27.23
N ASP C 161 34.67 14.22 -27.94
CA ASP C 161 34.52 14.51 -29.37
C ASP C 161 34.40 13.22 -30.17
N GLN C 162 33.29 13.08 -30.88
CA GLN C 162 33.00 11.89 -31.68
C GLN C 162 33.86 11.77 -32.93
N LYS C 163 34.41 12.91 -33.37
CA LYS C 163 35.30 12.98 -34.52
C LYS C 163 36.66 12.41 -34.17
N LYS C 164 36.99 12.37 -32.87
CA LYS C 164 38.27 11.89 -32.37
C LYS C 164 38.17 10.52 -31.70
N PHE C 165 37.05 10.27 -31.01
CA PHE C 165 36.86 9.00 -30.29
C PHE C 165 35.48 8.38 -30.49
N ILE C 166 35.45 7.05 -30.58
CA ILE C 166 34.23 6.26 -30.45
C ILE C 166 34.07 5.84 -28.99
N VAL C 167 32.99 6.25 -28.34
CA VAL C 167 32.70 5.80 -26.98
C VAL C 167 31.48 4.88 -27.00
N GLN C 168 31.70 3.60 -26.71
CA GLN C 168 30.67 2.57 -26.78
C GLN C 168 30.33 2.05 -25.39
N ARG C 169 29.05 2.07 -25.05
CA ARG C 169 28.60 1.51 -23.78
C ARG C 169 27.87 0.20 -23.97
N THR C 170 28.19 -0.80 -23.15
CA THR C 170 27.54 -2.10 -23.21
C THR C 170 26.91 -2.37 -21.84
N ASP C 171 25.65 -2.77 -21.85
CA ASP C 171 24.82 -2.75 -20.66
C ASP C 171 23.86 -3.94 -20.73
N PHE C 172 23.74 -4.66 -19.63
CA PHE C 172 22.77 -5.75 -19.50
C PHE C 172 21.54 -5.29 -18.76
N ILE C 173 20.51 -4.95 -19.54
CA ILE C 173 19.40 -4.11 -19.05
C ILE C 173 18.30 -4.87 -18.30
N ASN C 174 18.31 -6.19 -18.39
CA ASN C 174 17.33 -7.02 -17.70
C ASN C 174 17.88 -7.70 -16.44
N GLN C 175 19.11 -7.38 -16.07
CA GLN C 175 19.72 -7.88 -14.84
C GLN C 175 19.56 -6.88 -13.71
N ALA C 176 19.26 -7.39 -12.51
CA ALA C 176 19.17 -6.58 -11.30
C ALA C 176 20.51 -6.55 -10.58
N ASN C 177 20.55 -5.81 -9.46
CA ASN C 177 21.72 -5.73 -8.58
C ASN C 177 22.98 -5.21 -9.31
N CYS C 178 22.81 -4.07 -9.99
CA CYS C 178 23.90 -3.34 -10.63
C CYS C 178 24.89 -4.18 -11.47
N PRO C 179 24.44 -4.74 -12.61
CA PRO C 179 25.41 -5.49 -13.43
C PRO C 179 26.47 -4.53 -13.95
N PRO C 180 27.76 -4.91 -13.82
CA PRO C 180 28.85 -4.05 -14.27
C PRO C 180 28.71 -3.65 -15.75
N ILE C 181 29.05 -2.39 -16.03
CA ILE C 181 28.91 -1.77 -17.34
C ILE C 181 30.28 -1.74 -18.02
N LEU C 182 30.32 -1.99 -19.33
CA LEU C 182 31.54 -1.85 -20.10
C LEU C 182 31.49 -0.61 -20.96
N VAL C 183 32.54 0.20 -20.90
CA VAL C 183 32.74 1.31 -21.82
C VAL C 183 34.03 1.08 -22.64
N CYS C 184 33.92 1.13 -23.96
CA CYS C 184 35.07 1.01 -24.85
C CYS C 184 35.32 2.32 -25.56
N ILE C 185 36.54 2.84 -25.42
CA ILE C 185 36.92 4.09 -26.07
C ILE C 185 38.01 3.77 -27.07
N GLU C 186 37.73 4.07 -28.34
CA GLU C 186 38.71 3.89 -29.39
C GLU C 186 39.01 5.22 -30.06
N LYS C 187 40.30 5.53 -30.19
CA LYS C 187 40.76 6.73 -30.89
C LYS C 187 40.72 6.50 -32.40
N ILE C 188 40.06 7.42 -33.10
CA ILE C 188 39.93 7.32 -34.56
C ILE C 188 40.60 8.46 -35.34
N SER C 189 40.86 9.58 -34.68
CA SER C 189 41.54 10.74 -35.29
C SER C 189 42.34 11.54 -34.27
N GLU C 190 43.47 12.10 -34.71
CA GLU C 190 44.34 12.90 -33.84
C GLU C 190 44.03 14.40 -33.86
N GLY C 191 44.77 15.16 -33.07
CA GLY C 191 44.57 16.60 -32.91
C GLY C 191 43.89 16.92 -31.59
N LEU D 3 8.56 -10.75 10.65
CA LEU D 3 7.69 -9.74 9.97
C LEU D 3 8.32 -9.25 8.68
N THR D 4 7.89 -9.82 7.56
CA THR D 4 8.41 -9.50 6.24
C THR D 4 7.36 -8.73 5.45
N ILE D 5 7.81 -7.73 4.67
CA ILE D 5 6.94 -7.03 3.71
C ILE D 5 6.53 -7.99 2.60
N LYS D 6 5.21 -8.10 2.38
CA LYS D 6 4.66 -9.05 1.42
C LYS D 6 4.70 -8.46 0.02
N ASN D 7 4.70 -9.34 -0.99
CA ASN D 7 4.53 -8.93 -2.38
C ASN D 7 3.15 -8.29 -2.64
N SER D 8 2.92 -7.86 -3.87
CA SER D 8 1.64 -7.25 -4.25
C SER D 8 0.45 -8.17 -4.05
N LEU D 9 0.60 -9.46 -4.43
CA LEU D 9 -0.46 -10.44 -4.24
C LEU D 9 -0.84 -10.59 -2.78
N GLY D 10 0.16 -10.67 -1.91
CA GLY D 10 -0.05 -10.81 -0.46
C GLY D 10 -0.64 -9.56 0.17
N GLN D 11 -0.23 -8.39 -0.34
CA GLN D 11 -0.71 -7.11 0.18
C GLN D 11 -2.15 -6.80 -0.20
N SER D 12 -2.58 -7.23 -1.38
CA SER D 12 -3.99 -7.08 -1.79
C SER D 12 -4.94 -7.78 -0.82
N HIS D 13 -4.55 -8.97 -0.36
CA HIS D 13 -5.31 -9.71 0.65
C HIS D 13 -5.37 -8.99 1.99
N ASP D 14 -4.25 -8.43 2.43
CA ASP D 14 -4.18 -7.62 3.67
C ASP D 14 -5.03 -6.36 3.63
N TYR D 15 -4.99 -5.64 2.50
CA TYR D 15 -5.85 -4.47 2.29
C TYR D 15 -7.33 -4.83 2.26
N ILE D 16 -7.66 -6.01 1.73
CA ILE D 16 -9.05 -6.45 1.65
C ILE D 16 -9.57 -6.82 3.04
N LYS D 17 -8.75 -7.54 3.82
CA LYS D 17 -9.09 -7.90 5.21
C LYS D 17 -9.36 -6.69 6.10
N MET D 18 -8.61 -5.62 5.91
CA MET D 18 -8.82 -4.35 6.60
C MET D 18 -10.19 -3.74 6.33
N PHE D 19 -10.68 -3.89 5.10
CA PHE D 19 -11.86 -3.16 4.66
C PHE D 19 -13.16 -3.96 4.73
N VAL D 20 -13.07 -5.27 4.51
CA VAL D 20 -14.24 -6.14 4.39
C VAL D 20 -14.70 -6.74 5.72
N LYS D 21 -15.90 -6.36 6.12
CA LYS D 21 -16.57 -6.99 7.23
C LYS D 21 -17.56 -8.08 6.87
N GLU D 22 -18.11 -8.73 7.88
CA GLU D 22 -19.12 -9.75 7.61
C GLU D 22 -20.45 -9.13 7.23
N GLY D 23 -21.07 -9.71 6.21
CA GLY D 23 -22.36 -9.24 5.70
C GLY D 23 -22.26 -8.27 4.54
N ASP D 24 -21.03 -7.95 4.14
CA ASP D 24 -20.78 -6.99 3.06
C ASP D 24 -21.07 -7.57 1.67
N THR D 25 -21.21 -6.71 0.66
CA THR D 25 -21.24 -7.18 -0.71
C THR D 25 -19.91 -6.85 -1.38
N VAL D 26 -19.24 -7.88 -1.88
CA VAL D 26 -17.94 -7.74 -2.52
C VAL D 26 -17.91 -8.37 -3.94
N VAL D 27 -16.89 -8.02 -4.73
CA VAL D 27 -16.75 -8.52 -6.10
C VAL D 27 -15.35 -9.09 -6.37
N ASP D 28 -15.29 -10.30 -6.89
CA ASP D 28 -14.08 -10.81 -7.55
C ASP D 28 -14.33 -10.57 -9.04
N ALA D 29 -13.62 -9.60 -9.60
CA ALA D 29 -13.82 -9.20 -10.99
C ALA D 29 -13.10 -10.12 -11.99
N THR D 30 -12.21 -10.96 -11.47
CA THR D 30 -11.35 -11.83 -12.28
C THR D 30 -11.27 -13.18 -11.54
N CYS D 31 -12.27 -14.03 -11.74
CA CYS D 31 -12.41 -15.29 -10.99
C CYS D 31 -11.21 -16.25 -11.06
N GLY D 32 -10.82 -16.60 -12.28
CA GLY D 32 -9.74 -17.56 -12.51
C GLY D 32 -10.06 -18.91 -11.89
N ASN D 33 -9.14 -19.41 -11.07
CA ASN D 33 -9.32 -20.69 -10.38
C ASN D 33 -10.14 -20.59 -9.08
N GLY D 34 -10.42 -19.36 -8.65
CA GLY D 34 -11.36 -19.10 -7.57
C GLY D 34 -10.78 -18.83 -6.19
N ASN D 35 -9.46 -18.64 -6.14
CA ASN D 35 -8.73 -18.39 -4.88
C ASN D 35 -9.18 -17.11 -4.18
N ASP D 36 -9.26 -16.03 -4.93
CA ASP D 36 -9.71 -14.75 -4.40
C ASP D 36 -11.21 -14.78 -4.08
N THR D 37 -11.95 -15.58 -4.83
CA THR D 37 -13.40 -15.73 -4.62
C THR D 37 -13.68 -16.45 -3.30
N ALA D 38 -12.92 -17.52 -3.04
CA ALA D 38 -13.01 -18.26 -1.78
C ALA D 38 -12.59 -17.37 -0.61
N PHE D 39 -11.48 -16.65 -0.81
CA PHE D 39 -10.96 -15.69 0.17
C PHE D 39 -12.02 -14.63 0.53
N LEU D 40 -12.64 -14.03 -0.47
CA LEU D 40 -13.70 -13.05 -0.26
C LEU D 40 -14.95 -13.65 0.40
N ALA D 41 -15.22 -14.92 0.13
CA ALA D 41 -16.39 -15.61 0.68
C ALA D 41 -16.26 -15.90 2.18
N SER D 42 -15.03 -16.27 2.58
CA SER D 42 -14.71 -16.54 3.98
C SER D 42 -14.75 -15.29 4.87
N LEU D 43 -14.43 -14.14 4.28
CA LEU D 43 -14.40 -12.88 5.01
C LEU D 43 -15.78 -12.31 5.22
N VAL D 44 -16.70 -12.69 4.35
CA VAL D 44 -17.99 -12.01 4.26
C VAL D 44 -19.13 -12.73 5.03
N GLY D 45 -18.90 -14.00 5.36
CA GLY D 45 -19.84 -14.75 6.18
C GLY D 45 -21.11 -15.21 5.50
N GLU D 46 -22.02 -15.78 6.29
CA GLU D 46 -23.28 -16.36 5.84
C GLU D 46 -24.24 -15.32 5.21
N ASN D 47 -24.27 -14.12 5.77
CA ASN D 47 -25.21 -13.09 5.32
C ASN D 47 -24.61 -12.12 4.29
N GLY D 48 -23.40 -12.42 3.84
CA GLY D 48 -22.73 -11.62 2.83
C GLY D 48 -22.85 -12.19 1.43
N ARG D 49 -22.48 -11.40 0.43
CA ARG D 49 -22.63 -11.76 -0.97
C ARG D 49 -21.35 -11.45 -1.78
N VAL D 50 -20.88 -12.45 -2.51
CA VAL D 50 -19.74 -12.30 -3.42
C VAL D 50 -20.22 -12.46 -4.86
N PHE D 51 -20.02 -11.44 -5.69
CA PHE D 51 -20.22 -11.57 -7.13
C PHE D 51 -18.91 -11.93 -7.82
N GLY D 52 -18.92 -13.02 -8.58
CA GLY D 52 -17.74 -13.46 -9.33
C GLY D 52 -17.93 -13.40 -10.84
N PHE D 53 -16.92 -12.95 -11.56
CA PHE D 53 -16.98 -12.79 -13.02
C PHE D 53 -15.80 -13.46 -13.68
N ASP D 54 -16.08 -14.17 -14.76
CA ASP D 54 -15.07 -14.61 -15.71
C ASP D 54 -15.69 -14.84 -17.10
N ILE D 55 -14.87 -14.80 -18.13
CA ILE D 55 -15.33 -14.98 -19.51
C ILE D 55 -15.13 -16.41 -20.02
N GLN D 56 -14.47 -17.24 -19.21
CA GLN D 56 -14.16 -18.62 -19.59
C GLN D 56 -15.02 -19.62 -18.82
N ASP D 57 -15.47 -20.66 -19.52
CA ASP D 57 -16.27 -21.74 -18.93
C ASP D 57 -15.44 -22.62 -18.00
N LYS D 58 -14.16 -22.77 -18.35
CA LYS D 58 -13.18 -23.51 -17.55
C LYS D 58 -12.98 -22.85 -16.18
N ALA D 59 -12.92 -21.52 -16.19
CA ALA D 59 -12.70 -20.75 -14.97
C ALA D 59 -13.90 -20.73 -14.04
N ILE D 60 -15.11 -20.66 -14.61
CA ILE D 60 -16.35 -20.70 -13.84
C ILE D 60 -16.53 -22.08 -13.17
N ALA D 61 -16.20 -23.15 -13.90
CA ALA D 61 -16.32 -24.51 -13.39
C ALA D 61 -15.34 -24.82 -12.24
N ASN D 62 -14.10 -24.37 -12.41
CA ASN D 62 -13.06 -24.52 -11.39
C ASN D 62 -13.36 -23.73 -10.11
N THR D 63 -13.98 -22.56 -10.26
CA THR D 63 -14.39 -21.74 -9.13
C THR D 63 -15.61 -22.35 -8.42
N THR D 64 -16.54 -22.92 -9.20
CA THR D 64 -17.69 -23.62 -8.64
C THR D 64 -17.27 -24.84 -7.83
N LYS D 65 -16.30 -25.59 -8.35
CA LYS D 65 -15.72 -26.76 -7.68
C LYS D 65 -15.04 -26.38 -6.36
N LYS D 66 -14.19 -25.35 -6.42
CA LYS D 66 -13.50 -24.77 -5.27
C LYS D 66 -14.45 -24.40 -4.13
N LEU D 67 -15.48 -23.63 -4.44
CA LEU D 67 -16.39 -23.08 -3.44
C LEU D 67 -17.33 -24.12 -2.86
N THR D 68 -17.68 -25.13 -3.66
CA THR D 68 -18.57 -26.21 -3.21
C THR D 68 -17.83 -27.11 -2.23
N ASP D 69 -16.55 -27.35 -2.51
CA ASP D 69 -15.73 -28.18 -1.65
C ASP D 69 -15.38 -27.52 -0.30
N LEU D 70 -15.45 -26.19 -0.25
CA LEU D 70 -15.19 -25.47 0.99
C LEU D 70 -16.48 -24.99 1.68
N ASN D 71 -17.64 -25.50 1.21
CA ASN D 71 -18.98 -25.08 1.67
C ASN D 71 -19.20 -23.55 1.63
N LEU D 72 -18.81 -22.94 0.52
CA LEU D 72 -18.85 -21.48 0.38
C LEU D 72 -19.68 -21.00 -0.82
N ILE D 73 -20.18 -21.94 -1.62
CA ILE D 73 -20.92 -21.65 -2.86
C ILE D 73 -22.25 -20.92 -2.64
N ASP D 74 -22.80 -21.04 -1.43
CA ASP D 74 -24.10 -20.48 -1.07
C ASP D 74 -24.13 -18.94 -1.13
N ARG D 75 -23.03 -18.29 -0.80
CA ARG D 75 -23.00 -16.83 -0.78
C ARG D 75 -22.38 -16.19 -2.01
N VAL D 76 -22.02 -17.03 -2.96
CA VAL D 76 -21.40 -16.56 -4.19
C VAL D 76 -22.32 -16.66 -5.42
N THR D 77 -22.43 -15.56 -6.15
CA THR D 77 -23.09 -15.52 -7.44
C THR D 77 -22.03 -15.46 -8.56
N LEU D 78 -21.83 -16.59 -9.24
CA LEU D 78 -20.91 -16.68 -10.38
C LEU D 78 -21.59 -16.32 -11.70
N ILE D 79 -20.99 -15.38 -12.41
CA ILE D 79 -21.57 -14.84 -13.64
C ILE D 79 -20.57 -15.02 -14.79
N LYS D 80 -21.02 -15.68 -15.85
CA LYS D 80 -20.19 -15.83 -17.05
C LYS D 80 -20.43 -14.65 -17.98
N ASP D 81 -19.80 -13.53 -17.64
CA ASP D 81 -19.81 -12.32 -18.44
C ASP D 81 -18.54 -11.56 -18.06
N GLY D 82 -18.17 -10.57 -18.88
CA GLY D 82 -17.02 -9.72 -18.60
C GLY D 82 -17.30 -8.74 -17.47
N HIS D 83 -16.26 -8.41 -16.71
CA HIS D 83 -16.34 -7.50 -15.58
C HIS D 83 -16.68 -6.07 -15.98
N GLN D 84 -16.47 -5.76 -17.26
CA GLN D 84 -16.90 -4.48 -17.82
C GLN D 84 -18.43 -4.31 -17.78
N ASN D 85 -19.14 -5.43 -17.59
CA ASN D 85 -20.60 -5.46 -17.54
C ASN D 85 -21.14 -5.67 -16.13
N MET D 86 -20.33 -5.41 -15.10
CA MET D 86 -20.70 -5.73 -13.71
C MET D 86 -21.89 -4.93 -13.18
N ASP D 87 -22.14 -3.77 -13.79
CA ASP D 87 -23.27 -2.92 -13.42
C ASP D 87 -24.63 -3.50 -13.82
N LYS D 88 -24.65 -4.46 -14.74
CA LYS D 88 -25.87 -5.14 -15.18
C LYS D 88 -26.39 -6.12 -14.13
N TYR D 89 -25.52 -6.54 -13.23
CA TYR D 89 -25.82 -7.62 -12.30
C TYR D 89 -25.86 -7.18 -10.84
N ILE D 90 -25.32 -5.99 -10.57
CA ILE D 90 -25.19 -5.45 -9.22
C ILE D 90 -25.82 -4.06 -9.17
N ASP D 91 -26.69 -3.84 -8.19
CA ASP D 91 -27.38 -2.55 -8.03
C ASP D 91 -27.19 -1.92 -6.64
N CYS D 92 -26.69 -2.72 -5.70
CA CYS D 92 -26.37 -2.28 -4.35
C CYS D 92 -24.92 -1.75 -4.28
N PRO D 93 -24.61 -0.87 -3.29
CA PRO D 93 -23.22 -0.47 -3.04
C PRO D 93 -22.32 -1.62 -2.58
N VAL D 94 -21.12 -1.69 -3.15
CA VAL D 94 -20.15 -2.75 -2.81
C VAL D 94 -19.02 -2.21 -1.93
N LYS D 95 -18.52 -3.08 -1.05
CA LYS D 95 -17.43 -2.71 -0.15
C LYS D 95 -16.07 -2.84 -0.81
N ALA D 96 -15.90 -3.91 -1.60
CA ALA D 96 -14.61 -4.19 -2.21
C ALA D 96 -14.71 -4.88 -3.56
N VAL D 97 -13.73 -4.58 -4.44
CA VAL D 97 -13.58 -5.23 -5.75
C VAL D 97 -12.12 -5.68 -5.90
N MET D 98 -11.91 -6.95 -6.24
CA MET D 98 -10.57 -7.45 -6.51
C MET D 98 -10.32 -7.67 -8.01
N PHE D 99 -9.26 -7.07 -8.52
CA PHE D 99 -8.78 -7.28 -9.89
C PHE D 99 -7.43 -7.95 -9.88
N ASN D 100 -7.28 -9.00 -10.61
CA ASN D 100 -6.03 -9.66 -10.77
C ASN D 100 -5.69 -9.88 -12.24
N LEU D 101 -4.91 -8.96 -12.81
CA LEU D 101 -4.82 -8.74 -14.25
C LEU D 101 -3.82 -9.64 -14.96
N GLY D 102 -4.29 -10.31 -16.01
CA GLY D 102 -3.46 -11.20 -16.81
C GLY D 102 -4.25 -12.38 -17.34
N TYR D 103 -3.60 -13.52 -17.48
CA TYR D 103 -4.20 -14.73 -18.06
C TYR D 103 -4.52 -15.79 -16.99
N LEU D 104 -5.44 -16.71 -17.30
CA LEU D 104 -5.80 -17.81 -16.40
C LEU D 104 -4.64 -18.78 -16.18
N PRO D 105 -4.26 -19.00 -14.90
CA PRO D 105 -3.23 -19.98 -14.50
C PRO D 105 -3.53 -21.42 -14.95
N SER D 106 -2.54 -22.03 -15.59
CA SER D 106 -2.63 -23.38 -16.19
C SER D 106 -3.78 -23.54 -17.20
N GLY D 107 -3.89 -22.56 -18.10
CA GLY D 107 -4.93 -22.56 -19.13
C GLY D 107 -4.48 -21.89 -20.42
N ASP D 108 -5.43 -21.23 -21.10
CA ASP D 108 -5.15 -20.54 -22.36
C ASP D 108 -4.46 -19.19 -22.11
N HIS D 109 -3.20 -19.11 -22.54
CA HIS D 109 -2.35 -17.93 -22.31
C HIS D 109 -2.71 -16.76 -23.24
N SER D 110 -3.35 -17.08 -24.36
CA SER D 110 -3.78 -16.06 -25.33
C SER D 110 -5.05 -15.32 -24.88
N ILE D 111 -5.80 -15.92 -23.97
CA ILE D 111 -6.98 -15.28 -23.38
C ILE D 111 -6.63 -14.62 -22.04
N SER D 112 -6.47 -13.30 -22.09
CA SER D 112 -6.13 -12.52 -20.92
C SER D 112 -6.97 -11.23 -20.87
N THR D 113 -6.81 -10.44 -19.80
CA THR D 113 -7.52 -9.17 -19.66
C THR D 113 -7.00 -8.15 -20.66
N ARG D 114 -7.89 -7.30 -21.14
CA ARG D 114 -7.59 -6.28 -22.14
C ARG D 114 -7.75 -4.88 -21.53
N PRO D 115 -6.90 -3.90 -21.94
CA PRO D 115 -6.94 -2.57 -21.33
C PRO D 115 -8.29 -1.86 -21.42
N GLU D 116 -8.94 -1.95 -22.58
CA GLU D 116 -10.23 -1.29 -22.83
CA GLU D 116 -10.21 -1.25 -22.78
C GLU D 116 -11.30 -1.75 -21.83
N THR D 117 -11.42 -3.06 -21.70
CA THR D 117 -12.43 -3.68 -20.84
C THR D 117 -12.11 -3.54 -19.34
N THR D 118 -10.82 -3.60 -18.99
CA THR D 118 -10.36 -3.41 -17.61
C THR D 118 -10.69 -1.98 -17.14
N ILE D 119 -10.40 -1.00 -17.98
CA ILE D 119 -10.67 0.42 -17.69
C ILE D 119 -12.17 0.68 -17.51
N GLN D 120 -12.98 0.08 -18.39
CA GLN D 120 -14.44 0.05 -18.26
C GLN D 120 -14.91 -0.52 -16.93
N ALA D 121 -14.44 -1.74 -16.63
CA ALA D 121 -14.73 -2.41 -15.36
C ALA D 121 -14.32 -1.60 -14.13
N LEU D 122 -13.17 -0.94 -14.22
CA LEU D 122 -12.68 -0.09 -13.15
C LEU D 122 -13.58 1.11 -12.93
N SER D 123 -14.09 1.70 -14.00
CA SER D 123 -15.09 2.77 -13.92
C SER D 123 -16.40 2.33 -13.27
N LYS D 124 -16.83 1.12 -13.62
CA LYS D 124 -18.05 0.54 -13.07
C LYS D 124 -17.87 0.19 -11.59
N ALA D 125 -16.72 -0.43 -11.27
CA ALA D 125 -16.34 -0.73 -9.88
C ALA D 125 -16.25 0.53 -9.01
N MET D 126 -15.64 1.58 -9.55
CA MET D 126 -15.59 2.88 -8.89
C MET D 126 -16.96 3.52 -8.63
N GLU D 127 -17.89 3.34 -9.58
CA GLU D 127 -19.28 3.80 -9.39
C GLU D 127 -20.02 2.98 -8.32
N LEU D 128 -19.81 1.68 -8.34
CA LEU D 128 -20.46 0.74 -7.41
C LEU D 128 -19.96 0.79 -5.98
N LEU D 129 -18.75 1.30 -5.76
CA LEU D 129 -18.16 1.37 -4.42
C LEU D 129 -18.94 2.27 -3.47
N VAL D 130 -19.11 1.79 -2.23
CA VAL D 130 -19.57 2.64 -1.14
C VAL D 130 -18.39 3.52 -0.71
N THR D 131 -18.68 4.72 -0.20
CA THR D 131 -17.64 5.57 0.38
C THR D 131 -16.94 4.82 1.49
N GLY D 132 -15.61 4.82 1.43
CA GLY D 132 -14.78 4.02 2.32
C GLY D 132 -14.57 2.61 1.82
N GLY D 133 -14.94 2.37 0.56
CA GLY D 133 -14.72 1.06 -0.07
C GLY D 133 -13.41 0.99 -0.82
N ILE D 134 -12.97 -0.22 -1.18
CA ILE D 134 -11.66 -0.41 -1.79
C ILE D 134 -11.66 -1.26 -3.07
N ILE D 135 -10.90 -0.83 -4.07
CA ILE D 135 -10.52 -1.69 -5.19
C ILE D 135 -9.02 -2.00 -5.11
N THR D 136 -8.67 -3.28 -5.15
CA THR D 136 -7.29 -3.69 -5.32
C THR D 136 -7.05 -4.27 -6.71
N VAL D 137 -5.98 -3.83 -7.34
CA VAL D 137 -5.61 -4.26 -8.68
C VAL D 137 -4.19 -4.78 -8.61
N VAL D 138 -4.01 -6.09 -8.75
CA VAL D 138 -2.67 -6.64 -8.87
C VAL D 138 -2.37 -6.72 -10.37
N ILE D 139 -1.33 -6.03 -10.81
CA ILE D 139 -0.98 -5.93 -12.22
C ILE D 139 0.22 -6.81 -12.55
N TYR D 140 0.02 -7.74 -13.47
CA TYR D 140 1.09 -8.57 -13.99
C TYR D 140 1.39 -8.09 -15.39
N TYR D 141 2.68 -7.99 -15.71
CA TYR D 141 3.13 -7.29 -16.91
C TYR D 141 4.40 -7.89 -17.55
N GLY D 142 4.62 -9.17 -17.29
CA GLY D 142 5.80 -9.87 -17.79
C GLY D 142 5.79 -10.22 -19.26
N GLY D 143 4.60 -10.25 -19.86
CA GLY D 143 4.48 -10.57 -21.28
C GLY D 143 4.02 -9.36 -22.07
N ASP D 144 3.84 -9.54 -23.37
CA ASP D 144 3.41 -8.45 -24.27
C ASP D 144 2.05 -7.86 -23.91
N THR D 145 1.11 -8.74 -23.57
CA THR D 145 -0.27 -8.33 -23.29
C THR D 145 -0.41 -7.70 -21.91
N GLY D 146 0.35 -8.21 -20.95
CA GLY D 146 0.37 -7.69 -19.60
C GLY D 146 1.04 -6.33 -19.56
N PHE D 147 2.14 -6.22 -20.31
CA PHE D 147 2.91 -4.99 -20.41
C PHE D 147 2.09 -3.87 -21.02
N GLU D 148 1.32 -4.20 -22.05
CA GLU D 148 0.49 -3.21 -22.77
C GLU D 148 -0.67 -2.70 -21.93
N GLU D 149 -1.18 -3.57 -21.07
CA GLU D 149 -2.28 -3.29 -20.17
C GLU D 149 -1.88 -2.40 -19.00
N LYS D 150 -0.72 -2.70 -18.41
CA LYS D 150 -0.14 -1.88 -17.34
C LYS D 150 -0.09 -0.40 -17.71
N GLU D 151 0.43 -0.11 -18.90
CA GLU D 151 0.62 1.26 -19.39
C GLU D 151 -0.68 2.02 -19.46
N LYS D 152 -1.69 1.40 -20.06
CA LYS D 152 -3.02 2.03 -20.22
C LYS D 152 -3.81 2.17 -18.94
N VAL D 153 -3.84 1.10 -18.13
CA VAL D 153 -4.53 1.11 -16.83
C VAL D 153 -3.98 2.22 -15.92
N LEU D 154 -2.66 2.27 -15.82
CA LEU D 154 -1.98 3.32 -15.04
C LEU D 154 -2.19 4.72 -15.60
N GLU D 155 -2.18 4.86 -16.93
CA GLU D 155 -2.51 6.14 -17.58
C GLU D 155 -3.93 6.62 -17.26
N PHE D 156 -4.90 5.70 -17.35
CA PHE D 156 -6.27 5.94 -16.94
C PHE D 156 -6.41 6.35 -15.48
N LEU D 157 -5.82 5.56 -14.56
CA LEU D 157 -5.96 5.81 -13.11
C LEU D 157 -5.29 7.09 -12.64
N LYS D 158 -4.29 7.58 -13.37
CA LYS D 158 -3.68 8.88 -13.10
C LYS D 158 -4.67 10.03 -13.22
N GLY D 159 -5.70 9.85 -14.05
CA GLY D 159 -6.70 10.88 -14.28
C GLY D 159 -7.89 10.90 -13.34
N VAL D 160 -8.00 9.88 -12.48
CA VAL D 160 -9.11 9.75 -11.54
C VAL D 160 -9.11 10.93 -10.54
N ASP D 161 -10.28 11.51 -10.30
CA ASP D 161 -10.44 12.68 -9.42
C ASP D 161 -9.97 12.39 -8.00
N GLN D 162 -8.94 13.13 -7.56
CA GLN D 162 -8.35 12.96 -6.23
C GLN D 162 -9.26 13.36 -5.07
N LYS D 163 -10.23 14.23 -5.38
CA LYS D 163 -11.27 14.66 -4.44
C LYS D 163 -12.27 13.54 -4.13
N LYS D 164 -12.37 12.58 -5.05
CA LYS D 164 -13.32 11.47 -4.96
C LYS D 164 -12.62 10.15 -4.63
N PHE D 165 -11.42 9.95 -5.17
CA PHE D 165 -10.68 8.70 -4.96
C PHE D 165 -9.22 8.90 -4.59
N ILE D 166 -8.73 8.02 -3.72
CA ILE D 166 -7.30 7.88 -3.44
C ILE D 166 -6.77 6.74 -4.32
N VAL D 167 -5.82 7.03 -5.20
CA VAL D 167 -5.21 5.97 -5.99
C VAL D 167 -3.74 5.78 -5.58
N GLN D 168 -3.46 4.67 -4.93
CA GLN D 168 -2.15 4.41 -4.39
C GLN D 168 -1.48 3.29 -5.15
N ARG D 169 -0.25 3.53 -5.63
CA ARG D 169 0.52 2.49 -6.30
C ARG D 169 1.68 1.99 -5.42
N THR D 170 1.84 0.67 -5.35
CA THR D 170 2.91 0.06 -4.58
C THR D 170 3.81 -0.75 -5.52
N ASP D 171 5.12 -0.54 -5.41
CA ASP D 171 6.05 -0.99 -6.41
C ASP D 171 7.37 -1.39 -5.76
N PHE D 172 7.89 -2.56 -6.14
CA PHE D 172 9.17 -3.05 -5.65
C PHE D 172 10.26 -2.73 -6.64
N ILE D 173 10.95 -1.62 -6.38
CA ILE D 173 11.79 -0.98 -7.41
C ILE D 173 13.19 -1.57 -7.61
N ASN D 174 13.58 -2.51 -6.76
CA ASN D 174 14.91 -3.11 -6.88
C ASN D 174 14.86 -4.56 -7.34
N GLN D 175 13.65 -5.02 -7.68
CA GLN D 175 13.46 -6.35 -8.21
C GLN D 175 13.41 -6.33 -9.73
N ALA D 176 14.04 -7.33 -10.34
CA ALA D 176 13.98 -7.54 -11.79
C ALA D 176 12.83 -8.47 -12.15
N ASN D 177 12.70 -8.77 -13.44
CA ASN D 177 11.69 -9.69 -13.99
C ASN D 177 10.24 -9.33 -13.62
N CYS D 178 9.90 -8.06 -13.80
CA CYS D 178 8.52 -7.57 -13.70
C CYS D 178 7.80 -7.95 -12.38
N PRO D 179 8.28 -7.43 -11.24
CA PRO D 179 7.54 -7.78 -10.01
C PRO D 179 6.14 -7.15 -10.10
N PRO D 180 5.10 -7.93 -9.77
CA PRO D 180 3.74 -7.41 -9.85
C PRO D 180 3.50 -6.14 -9.02
N ILE D 181 2.67 -5.26 -9.56
CA ILE D 181 2.40 -3.94 -9.01
C ILE D 181 1.02 -3.95 -8.36
N LEU D 182 0.88 -3.30 -7.20
CA LEU D 182 -0.43 -3.19 -6.56
C LEU D 182 -0.97 -1.77 -6.69
N VAL D 183 -2.18 -1.63 -7.22
CA VAL D 183 -2.88 -0.36 -7.13
C VAL D 183 -4.06 -0.50 -6.13
N CYS D 184 -4.25 0.52 -5.30
CA CYS D 184 -5.33 0.53 -4.33
C CYS D 184 -6.15 1.76 -4.58
N ILE D 185 -7.44 1.57 -4.85
CA ILE D 185 -8.34 2.67 -5.09
C ILE D 185 -9.34 2.69 -3.95
N GLU D 186 -9.38 3.82 -3.23
CA GLU D 186 -10.37 4.02 -2.17
C GLU D 186 -11.24 5.23 -2.46
N LYS D 187 -12.56 5.02 -2.45
CA LYS D 187 -13.54 6.09 -2.56
C LYS D 187 -13.62 6.88 -1.25
N ILE D 188 -13.45 8.20 -1.35
CA ILE D 188 -13.49 9.09 -0.19
C ILE D 188 -14.65 10.09 -0.23
N SER D 189 -15.26 10.25 -1.42
CA SER D 189 -16.44 11.09 -1.62
C SER D 189 -17.35 10.56 -2.74
N GLU D 190 -18.62 10.95 -2.71
CA GLU D 190 -19.58 10.56 -3.75
C GLU D 190 -19.63 11.58 -4.90
N GLY D 191 -19.63 11.08 -6.13
CA GLY D 191 -19.70 11.90 -7.34
C GLY D 191 -20.00 11.09 -8.58
N LEU E 3 -4.35 34.23 -42.91
CA LEU E 3 -3.92 33.95 -41.51
C LEU E 3 -3.60 32.46 -41.32
N THR E 4 -2.43 32.20 -40.72
CA THR E 4 -1.94 30.85 -40.49
C THR E 4 -1.50 30.69 -39.03
N ILE E 5 -1.76 29.52 -38.45
CA ILE E 5 -1.26 29.15 -37.13
C ILE E 5 0.28 29.03 -37.19
N LYS E 6 0.95 29.77 -36.32
CA LYS E 6 2.40 29.82 -36.32
C LYS E 6 2.99 28.61 -35.61
N ASN E 7 4.25 28.31 -35.94
CA ASN E 7 5.02 27.29 -35.24
C ASN E 7 5.37 27.78 -33.82
N SER E 8 5.99 26.90 -33.03
CA SER E 8 6.30 27.19 -31.64
C SER E 8 7.17 28.42 -31.46
N LEU E 9 8.18 28.56 -32.33
CA LEU E 9 9.06 29.72 -32.34
C LEU E 9 8.29 31.02 -32.58
N GLY E 10 7.37 30.98 -33.54
CA GLY E 10 6.55 32.14 -33.88
C GLY E 10 5.55 32.48 -32.78
N GLN E 11 4.99 31.45 -32.17
CA GLN E 11 4.01 31.62 -31.10
C GLN E 11 4.60 32.18 -29.81
N SER E 12 5.86 31.86 -29.56
CA SER E 12 6.57 32.37 -28.38
C SER E 12 6.68 33.90 -28.41
N HIS E 13 6.96 34.43 -29.60
CA HIS E 13 7.02 35.88 -29.81
C HIS E 13 5.66 36.54 -29.64
N ASP E 14 4.61 35.89 -30.14
CA ASP E 14 3.25 36.34 -29.94
C ASP E 14 2.84 36.39 -28.47
N TYR E 15 3.19 35.36 -27.71
CA TYR E 15 2.90 35.30 -26.26
C TYR E 15 3.66 36.36 -25.48
N ILE E 16 4.91 36.61 -25.88
CA ILE E 16 5.74 37.63 -25.26
C ILE E 16 5.18 39.04 -25.55
N LYS E 17 4.80 39.29 -26.81
CA LYS E 17 4.17 40.56 -27.22
C LYS E 17 2.89 40.94 -26.45
N MET E 18 2.09 39.93 -26.09
CA MET E 18 0.88 40.13 -25.31
CA MET E 18 0.87 40.20 -25.34
C MET E 18 1.13 40.49 -23.85
N PHE E 19 2.27 40.04 -23.33
CA PHE E 19 2.61 40.24 -21.91
C PHE E 19 3.57 41.39 -21.62
N VAL E 20 4.48 41.68 -22.56
CA VAL E 20 5.52 42.69 -22.34
C VAL E 20 5.11 44.08 -22.82
N LYS E 21 5.09 45.03 -21.89
CA LYS E 21 4.89 46.44 -22.23
C LYS E 21 6.20 47.21 -22.03
N GLU E 22 6.18 48.50 -22.35
CA GLU E 22 7.40 49.32 -22.31
C GLU E 22 7.79 49.68 -20.87
N GLY E 23 9.09 49.60 -20.58
CA GLY E 23 9.61 49.88 -19.25
C GLY E 23 9.79 48.66 -18.35
N ASP E 24 9.40 47.49 -18.83
CA ASP E 24 9.48 46.23 -18.09
C ASP E 24 10.90 45.68 -17.99
N THR E 25 11.11 44.75 -17.05
CA THR E 25 12.38 44.03 -16.98
C THR E 25 12.17 42.60 -17.48
N VAL E 26 12.89 42.24 -18.53
CA VAL E 26 12.73 40.93 -19.16
C VAL E 26 14.06 40.19 -19.24
N VAL E 27 13.98 38.88 -19.47
CA VAL E 27 15.18 38.03 -19.53
C VAL E 27 15.22 37.18 -20.80
N ASP E 28 16.35 37.24 -21.52
CA ASP E 28 16.67 36.24 -22.52
C ASP E 28 17.66 35.29 -21.86
N ALA E 29 17.19 34.08 -21.54
CA ALA E 29 17.98 33.13 -20.77
C ALA E 29 18.94 32.34 -21.64
N THR E 30 18.73 32.41 -22.96
CA THR E 30 19.52 31.66 -23.94
C THR E 30 19.82 32.59 -25.12
N CYS E 31 20.88 33.41 -24.98
CA CYS E 31 21.20 34.47 -25.96
C CYS E 31 21.41 34.03 -27.40
N GLY E 32 22.30 33.06 -27.60
CA GLY E 32 22.64 32.57 -28.93
C GLY E 32 23.17 33.69 -29.80
N ASN E 33 22.57 33.87 -30.98
CA ASN E 33 22.96 34.94 -31.90
C ASN E 33 22.35 36.29 -31.55
N GLY E 34 21.37 36.30 -30.66
CA GLY E 34 20.82 37.54 -30.12
C GLY E 34 19.50 38.01 -30.68
N ASN E 35 18.86 37.15 -31.48
CA ASN E 35 17.58 37.45 -32.13
C ASN E 35 16.45 37.75 -31.14
N ASP E 36 16.33 36.92 -30.10
CA ASP E 36 15.32 37.09 -29.07
C ASP E 36 15.67 38.26 -28.15
N THR E 37 16.96 38.51 -27.98
CA THR E 37 17.46 39.61 -27.14
C THR E 37 17.10 40.95 -27.77
N ALA E 38 17.30 41.05 -29.08
CA ALA E 38 16.93 42.23 -29.88
C ALA E 38 15.42 42.45 -29.94
N PHE E 39 14.68 41.34 -30.12
CA PHE E 39 13.22 41.33 -30.06
C PHE E 39 12.71 41.85 -28.71
N LEU E 40 13.26 41.33 -27.61
CA LEU E 40 12.87 41.75 -26.27
C LEU E 40 13.21 43.21 -26.00
N ALA E 41 14.37 43.64 -26.50
CA ALA E 41 14.84 45.03 -26.38
C ALA E 41 13.94 46.06 -27.06
N SER E 42 13.43 45.69 -28.24
CA SER E 42 12.54 46.56 -29.01
C SER E 42 11.17 46.71 -28.36
N LEU E 43 10.71 45.66 -27.69
CA LEU E 43 9.42 45.68 -27.01
C LEU E 43 9.46 46.55 -25.76
N VAL E 44 10.62 46.60 -25.13
CA VAL E 44 10.75 47.11 -23.78
C VAL E 44 11.07 48.62 -23.70
N GLY E 45 11.58 49.18 -24.80
CA GLY E 45 11.81 50.62 -24.90
C GLY E 45 13.07 51.11 -24.21
N GLU E 46 13.20 52.43 -24.13
CA GLU E 46 14.40 53.09 -23.59
CA GLU E 46 14.39 53.09 -23.58
C GLU E 46 14.51 52.94 -22.06
N ASN E 47 13.37 52.94 -21.37
CA ASN E 47 13.36 52.85 -19.90
C ASN E 47 13.26 51.42 -19.37
N GLY E 48 13.30 50.46 -20.29
CA GLY E 48 13.25 49.03 -19.94
C GLY E 48 14.61 48.37 -19.87
N ARG E 49 14.61 47.10 -19.47
CA ARG E 49 15.83 46.37 -19.17
C ARG E 49 15.76 44.93 -19.67
N VAL E 50 16.75 44.52 -20.43
CA VAL E 50 16.87 43.13 -20.86
C VAL E 50 18.15 42.55 -20.25
N PHE E 51 18.00 41.45 -19.50
CA PHE E 51 19.14 40.67 -19.07
C PHE E 51 19.33 39.52 -20.04
N GLY E 52 20.54 39.40 -20.56
CA GLY E 52 20.86 38.33 -21.50
C GLY E 52 21.92 37.40 -20.92
N PHE E 53 21.78 36.10 -21.17
CA PHE E 53 22.69 35.10 -20.64
C PHE E 53 23.14 34.14 -21.72
N ASP E 54 24.45 33.83 -21.70
CA ASP E 54 25.00 32.71 -22.45
C ASP E 54 26.32 32.25 -21.82
N ILE E 55 26.68 30.98 -22.08
CA ILE E 55 27.91 30.40 -21.55
C ILE E 55 29.08 30.43 -22.55
N GLN E 56 28.80 30.90 -23.76
CA GLN E 56 29.82 30.97 -24.82
C GLN E 56 30.24 32.41 -25.14
N ASP E 57 31.54 32.60 -25.39
CA ASP E 57 32.10 33.89 -25.75
C ASP E 57 31.70 34.33 -27.16
N LYS E 58 31.57 33.34 -28.05
CA LYS E 58 31.13 33.55 -29.42
C LYS E 58 29.69 34.10 -29.46
N ALA E 59 28.84 33.56 -28.59
CA ALA E 59 27.43 33.96 -28.50
C ALA E 59 27.23 35.34 -27.89
N ILE E 60 28.04 35.70 -26.89
CA ILE E 60 27.99 37.02 -26.27
C ILE E 60 28.45 38.10 -27.26
N ALA E 61 29.50 37.81 -28.02
CA ALA E 61 30.04 38.77 -29.00
C ALA E 61 29.09 39.02 -30.16
N ASN E 62 28.48 37.97 -30.68
CA ASN E 62 27.48 38.06 -31.76
C ASN E 62 26.24 38.85 -31.34
N THR E 63 25.80 38.65 -30.10
CA THR E 63 24.67 39.38 -29.52
C THR E 63 25.03 40.85 -29.28
N THR E 64 26.26 41.10 -28.85
CA THR E 64 26.77 42.47 -28.67
C THR E 64 26.80 43.20 -30.01
N LYS E 65 27.25 42.49 -31.05
CA LYS E 65 27.30 43.00 -32.42
C LYS E 65 25.90 43.32 -32.98
N LYS E 66 24.98 42.36 -32.83
CA LYS E 66 23.57 42.50 -33.19
C LYS E 66 22.91 43.75 -32.61
N LEU E 67 23.00 43.90 -31.29
CA LEU E 67 22.32 44.97 -30.56
C LEU E 67 22.90 46.35 -30.83
N THR E 68 24.22 46.42 -31.01
CA THR E 68 24.92 47.69 -31.30
C THR E 68 24.53 48.21 -32.69
N ASP E 69 24.42 47.28 -33.64
CA ASP E 69 23.99 47.58 -35.01
C ASP E 69 22.57 48.12 -35.10
N LEU E 70 21.69 47.70 -34.17
CA LEU E 70 20.30 48.14 -34.17
C LEU E 70 20.03 49.26 -33.15
N ASN E 71 21.09 49.77 -32.54
CA ASN E 71 21.03 50.85 -31.53
C ASN E 71 20.23 50.43 -30.26
N LEU E 72 20.44 49.19 -29.84
CA LEU E 72 19.65 48.57 -28.76
C LEU E 72 20.48 48.10 -27.56
N ILE E 73 21.80 48.19 -27.68
CA ILE E 73 22.75 47.71 -26.65
C ILE E 73 22.66 48.45 -25.29
N ASP E 74 22.06 49.64 -25.30
CA ASP E 74 21.98 50.51 -24.12
C ASP E 74 21.07 49.96 -23.03
N ARG E 75 20.00 49.27 -23.43
CA ARG E 75 19.02 48.72 -22.49
C ARG E 75 19.30 47.27 -22.08
N VAL E 76 20.36 46.69 -22.65
CA VAL E 76 20.67 45.26 -22.45
C VAL E 76 21.92 45.04 -21.60
N THR E 77 21.76 44.24 -20.55
CA THR E 77 22.89 43.74 -19.75
C THR E 77 23.23 42.30 -20.14
N LEU E 78 24.34 42.13 -20.85
CA LEU E 78 24.81 40.80 -21.26
C LEU E 78 25.75 40.20 -20.22
N ILE E 79 25.42 38.98 -19.81
CA ILE E 79 26.15 38.29 -18.75
C ILE E 79 26.69 36.97 -19.28
N LYS E 80 28.00 36.77 -19.16
CA LYS E 80 28.60 35.48 -19.50
C LYS E 80 28.57 34.56 -18.28
N ASP E 81 27.41 33.98 -18.04
CA ASP E 81 27.20 32.99 -16.99
C ASP E 81 26.01 32.14 -17.44
N GLY E 82 25.80 31.01 -16.78
CA GLY E 82 24.64 30.17 -17.04
C GLY E 82 23.36 30.78 -16.51
N HIS E 83 22.26 30.48 -17.21
CA HIS E 83 20.92 30.93 -16.79
C HIS E 83 20.43 30.36 -15.46
N GLN E 84 21.02 29.24 -15.03
CA GLN E 84 20.78 28.65 -13.71
C GLN E 84 21.26 29.57 -12.55
N ASN E 85 22.12 30.53 -12.89
CA ASN E 85 22.62 31.54 -11.95
C ASN E 85 22.00 32.93 -12.13
N MET E 86 20.82 33.02 -12.74
CA MET E 86 20.20 34.33 -13.05
C MET E 86 19.81 35.17 -11.81
N ASP E 87 19.61 34.50 -10.68
CA ASP E 87 19.23 35.15 -9.43
C ASP E 87 20.37 35.99 -8.83
N LYS E 88 21.62 35.67 -9.20
CA LYS E 88 22.80 36.41 -8.75
C LYS E 88 22.90 37.81 -9.38
N TYR E 89 22.21 38.01 -10.49
CA TYR E 89 22.33 39.22 -11.29
C TYR E 89 21.05 40.06 -11.33
N ILE E 90 19.94 39.45 -10.94
CA ILE E 90 18.64 40.10 -10.95
C ILE E 90 18.02 40.02 -9.56
N ASP E 91 17.49 41.14 -9.07
CA ASP E 91 16.84 41.19 -7.76
C ASP E 91 15.42 41.77 -7.82
N CYS E 92 15.10 42.44 -8.92
CA CYS E 92 13.76 42.99 -9.17
C CYS E 92 12.84 41.92 -9.80
N PRO E 93 11.51 42.06 -9.67
CA PRO E 93 10.57 41.20 -10.38
C PRO E 93 10.63 41.36 -11.90
N VAL E 94 10.63 40.23 -12.62
CA VAL E 94 10.67 40.26 -14.09
C VAL E 94 9.31 39.96 -14.72
N LYS E 95 9.08 40.55 -15.90
CA LYS E 95 7.83 40.38 -16.63
C LYS E 95 7.83 39.11 -17.47
N ALA E 96 8.96 38.85 -18.14
CA ALA E 96 9.05 37.69 -19.03
C ALA E 96 10.43 37.08 -19.07
N VAL E 97 10.48 35.77 -19.30
CA VAL E 97 11.72 35.03 -19.52
C VAL E 97 11.57 34.16 -20.77
N MET E 98 12.53 34.24 -21.69
CA MET E 98 12.49 33.41 -22.89
C MET E 98 13.57 32.34 -22.84
N PHE E 99 13.17 31.09 -23.05
CA PHE E 99 14.09 29.96 -23.12
C PHE E 99 13.98 29.34 -24.50
N ASN E 100 15.13 29.15 -25.12
CA ASN E 100 15.21 28.49 -26.39
C ASN E 100 16.18 27.32 -26.25
N LEU E 101 15.63 26.12 -26.13
CA LEU E 101 16.42 24.96 -25.70
C LEU E 101 17.10 24.19 -26.82
N GLY E 102 18.41 24.01 -26.71
CA GLY E 102 19.18 23.24 -27.69
C GLY E 102 20.60 23.75 -27.92
N TYR E 103 21.11 23.43 -29.11
CA TYR E 103 22.44 23.86 -29.55
C TYR E 103 22.31 25.12 -30.40
N LEU E 104 23.42 25.84 -30.55
CA LEU E 104 23.48 27.04 -31.39
C LEU E 104 23.60 26.66 -32.86
N PRO E 105 22.65 27.12 -33.70
CA PRO E 105 22.77 26.96 -35.15
C PRO E 105 23.86 27.88 -35.67
N SER E 106 24.75 27.34 -36.52
CA SER E 106 26.03 27.96 -36.89
C SER E 106 26.91 28.21 -35.66
N GLY E 107 27.21 27.13 -34.93
CA GLY E 107 28.03 27.19 -33.72
C GLY E 107 28.50 25.82 -33.27
N ASP E 108 28.92 25.73 -32.00
CA ASP E 108 29.38 24.48 -31.40
C ASP E 108 28.17 23.60 -31.06
N HIS E 109 28.07 22.47 -31.76
CA HIS E 109 26.93 21.56 -31.63
C HIS E 109 26.89 20.79 -30.31
N SER E 110 28.07 20.52 -29.76
CA SER E 110 28.21 19.71 -28.55
C SER E 110 27.79 20.45 -27.27
N ILE E 111 28.29 21.67 -27.11
CA ILE E 111 27.99 22.48 -25.93
C ILE E 111 26.59 23.10 -26.04
N SER E 112 25.63 22.49 -25.35
CA SER E 112 24.23 22.90 -25.42
C SER E 112 23.56 22.95 -24.03
N THR E 113 22.25 23.18 -24.01
CA THR E 113 21.49 23.22 -22.75
C THR E 113 21.35 21.81 -22.19
N ARG E 114 21.53 21.68 -20.87
CA ARG E 114 21.41 20.39 -20.19
CA ARG E 114 21.42 20.40 -20.18
C ARG E 114 20.22 20.42 -19.21
N PRO E 115 19.57 19.24 -18.96
CA PRO E 115 18.34 19.23 -18.16
C PRO E 115 18.44 19.80 -16.75
N GLU E 116 19.50 19.41 -16.04
CA GLU E 116 19.73 19.82 -14.65
C GLU E 116 19.82 21.33 -14.48
N THR E 117 20.54 21.99 -15.38
CA THR E 117 20.71 23.45 -15.33
C THR E 117 19.50 24.21 -15.89
N THR E 118 18.84 23.62 -16.88
CA THR E 118 17.57 24.15 -17.41
C THR E 118 16.47 24.15 -16.32
N ILE E 119 16.34 23.05 -15.60
CA ILE E 119 15.35 22.92 -14.51
C ILE E 119 15.62 23.92 -13.38
N GLN E 120 16.92 24.08 -13.05
CA GLN E 120 17.39 25.10 -12.13
C GLN E 120 17.00 26.50 -12.57
N ALA E 121 17.37 26.84 -13.82
CA ALA E 121 17.03 28.13 -14.43
C ALA E 121 15.54 28.43 -14.44
N LEU E 122 14.74 27.40 -14.75
CA LEU E 122 13.29 27.51 -14.75
C LEU E 122 12.73 27.81 -13.37
N SER E 123 13.29 27.17 -12.34
CA SER E 123 12.98 27.46 -10.94
C SER E 123 13.28 28.90 -10.55
N LYS E 124 14.45 29.40 -10.97
CA LYS E 124 14.88 30.76 -10.66
C LYS E 124 14.02 31.78 -11.38
N ALA E 125 13.74 31.52 -12.66
CA ALA E 125 12.84 32.35 -13.46
C ALA E 125 11.43 32.41 -12.88
N MET E 126 10.92 31.27 -12.41
CA MET E 126 9.60 31.20 -11.76
C MET E 126 9.54 32.02 -10.48
N GLU E 127 10.63 32.02 -9.71
CA GLU E 127 10.77 32.86 -8.52
C GLU E 127 10.82 34.34 -8.88
N LEU E 128 11.59 34.66 -9.91
CA LEU E 128 11.80 36.04 -10.32
C LEU E 128 10.61 36.69 -11.03
N LEU E 129 9.66 35.89 -11.50
CA LEU E 129 8.46 36.39 -12.18
C LEU E 129 7.54 37.21 -11.27
N VAL E 130 7.05 38.31 -11.81
CA VAL E 130 5.93 39.04 -11.21
C VAL E 130 4.65 38.23 -11.49
N THR E 131 3.64 38.35 -10.62
CA THR E 131 2.32 37.76 -10.89
C THR E 131 1.75 38.34 -12.18
N GLY E 132 1.34 37.45 -13.07
CA GLY E 132 0.86 37.82 -14.39
C GLY E 132 2.01 37.89 -15.38
N GLY E 133 3.16 37.35 -14.99
CA GLY E 133 4.33 37.27 -15.86
C GLY E 133 4.38 35.96 -16.63
N ILE E 134 5.20 35.87 -17.66
CA ILE E 134 5.23 34.70 -18.54
C ILE E 134 6.65 34.15 -18.76
N ILE E 135 6.78 32.84 -18.78
CA ILE E 135 7.98 32.19 -19.31
C ILE E 135 7.59 31.42 -20.58
N THR E 136 8.30 31.64 -21.67
CA THR E 136 8.14 30.80 -22.85
C THR E 136 9.35 29.89 -23.03
N VAL E 137 9.08 28.62 -23.36
CA VAL E 137 10.14 27.63 -23.54
C VAL E 137 9.88 26.94 -24.88
N VAL E 138 10.76 27.22 -25.85
CA VAL E 138 10.74 26.49 -27.13
C VAL E 138 11.70 25.30 -26.99
N ILE E 139 11.15 24.10 -27.01
CA ILE E 139 11.92 22.89 -26.80
C ILE E 139 12.23 22.21 -28.13
N TYR E 140 13.50 22.18 -28.49
CA TYR E 140 13.97 21.42 -29.62
C TYR E 140 14.47 20.07 -29.08
N TYR E 141 14.02 19.01 -29.73
CA TYR E 141 14.38 17.65 -29.39
C TYR E 141 14.54 16.93 -30.74
N GLY E 142 14.96 15.67 -30.71
CA GLY E 142 15.33 14.97 -31.94
C GLY E 142 16.74 15.36 -32.32
N GLY E 143 16.88 15.84 -33.57
CA GLY E 143 18.10 16.46 -34.11
C GLY E 143 19.44 15.95 -33.58
N ASP E 144 20.32 16.86 -33.20
CA ASP E 144 21.57 16.49 -32.54
C ASP E 144 21.39 16.40 -31.02
N THR E 145 20.31 17.01 -30.53
CA THR E 145 20.03 17.17 -29.09
C THR E 145 19.65 15.91 -28.31
N GLY E 146 18.94 14.98 -28.97
CA GLY E 146 18.41 13.82 -28.28
C GLY E 146 17.00 14.08 -27.77
N PHE E 147 16.70 13.57 -26.58
CA PHE E 147 15.32 13.43 -26.13
C PHE E 147 15.19 13.65 -24.61
N GLU E 148 16.33 13.53 -23.92
CA GLU E 148 16.36 13.48 -22.46
C GLU E 148 16.00 14.80 -21.81
N GLU E 149 16.37 15.90 -22.44
CA GLU E 149 16.06 17.21 -21.88
C GLU E 149 14.56 17.46 -21.88
N LYS E 150 13.92 17.32 -23.04
CA LYS E 150 12.47 17.45 -23.18
C LYS E 150 11.72 16.61 -22.14
N GLU E 151 12.07 15.33 -22.02
CA GLU E 151 11.41 14.42 -21.08
C GLU E 151 11.53 14.87 -19.63
N LYS E 152 12.72 15.30 -19.24
CA LYS E 152 13.01 15.72 -17.86
C LYS E 152 12.36 17.05 -17.50
N VAL E 153 12.49 18.03 -18.39
CA VAL E 153 11.89 19.35 -18.24
C VAL E 153 10.37 19.24 -18.10
N LEU E 154 9.76 18.45 -18.98
CA LEU E 154 8.31 18.22 -18.93
C LEU E 154 7.88 17.48 -17.67
N GLU E 155 8.67 16.49 -17.25
CA GLU E 155 8.44 15.76 -16.00
C GLU E 155 8.48 16.71 -14.78
N PHE E 156 9.44 17.64 -14.80
CA PHE E 156 9.56 18.67 -13.78
C PHE E 156 8.38 19.65 -13.77
N LEU E 157 8.03 20.17 -14.93
CA LEU E 157 6.92 21.14 -15.07
C LEU E 157 5.54 20.59 -14.76
N LYS E 158 5.36 19.26 -14.93
CA LYS E 158 4.13 18.58 -14.52
C LYS E 158 3.85 18.71 -13.03
N GLY E 159 4.91 18.96 -12.25
CA GLY E 159 4.82 18.95 -10.80
C GLY E 159 4.59 20.33 -10.21
N VAL E 160 4.72 21.36 -11.03
CA VAL E 160 4.53 22.75 -10.60
C VAL E 160 3.10 23.00 -10.08
N ASP E 161 3.00 23.70 -8.95
CA ASP E 161 1.73 23.97 -8.28
C ASP E 161 0.79 24.79 -9.17
N GLN E 162 -0.38 24.20 -9.46
CA GLN E 162 -1.38 24.80 -10.34
C GLN E 162 -2.10 26.01 -9.74
N LYS E 163 -2.03 26.12 -8.41
CA LYS E 163 -2.54 27.27 -7.69
C LYS E 163 -1.62 28.48 -7.86
N LYS E 164 -0.34 28.22 -8.16
CA LYS E 164 0.63 29.29 -8.34
C LYS E 164 0.99 29.56 -9.80
N PHE E 165 1.02 28.52 -10.63
CA PHE E 165 1.38 28.69 -12.04
C PHE E 165 0.44 27.94 -12.98
N ILE E 166 0.22 28.53 -14.16
CA ILE E 166 -0.39 27.84 -15.30
C ILE E 166 0.74 27.34 -16.19
N VAL E 167 0.74 26.05 -16.49
CA VAL E 167 1.75 25.49 -17.39
C VAL E 167 1.05 24.86 -18.59
N GLN E 168 1.27 25.44 -19.77
CA GLN E 168 0.56 25.08 -20.97
C GLN E 168 1.54 24.53 -22.01
N ARG E 169 1.26 23.34 -22.51
CA ARG E 169 2.06 22.74 -23.61
C ARG E 169 1.30 22.85 -24.94
N THR E 170 1.96 23.42 -25.95
CA THR E 170 1.43 23.47 -27.31
C THR E 170 2.22 22.50 -28.20
N ASP E 171 1.51 21.67 -28.96
CA ASP E 171 2.14 20.54 -29.65
C ASP E 171 1.47 20.31 -31.01
N PHE E 172 2.27 20.13 -32.05
CA PHE E 172 1.75 19.83 -33.39
C PHE E 172 1.84 18.33 -33.64
N ILE E 173 0.71 17.65 -33.47
CA ILE E 173 0.71 16.21 -33.28
C ILE E 173 0.66 15.36 -34.56
N ASN E 174 0.46 16.01 -35.70
CA ASN E 174 0.47 15.32 -36.99
C ASN E 174 1.72 15.60 -37.81
N GLN E 175 2.68 16.32 -37.23
CA GLN E 175 3.95 16.57 -37.90
C GLN E 175 4.99 15.53 -37.48
N ALA E 176 5.84 15.13 -38.43
CA ALA E 176 6.94 14.22 -38.15
C ALA E 176 8.24 15.02 -37.98
N ASN E 177 9.33 14.31 -37.67
CA ASN E 177 10.66 14.91 -37.49
C ASN E 177 10.72 15.94 -36.35
N CYS E 178 10.18 15.53 -35.20
CA CYS E 178 10.26 16.28 -33.95
C CYS E 178 9.93 17.77 -34.06
N PRO E 179 8.64 18.11 -34.29
CA PRO E 179 8.31 19.53 -34.32
C PRO E 179 8.50 20.14 -32.93
N PRO E 180 9.21 21.29 -32.85
CA PRO E 180 9.47 21.95 -31.57
C PRO E 180 8.21 22.22 -30.76
N ILE E 181 8.32 22.04 -29.46
CA ILE E 181 7.21 22.13 -28.52
C ILE E 181 7.26 23.49 -27.82
N LEU E 182 6.10 24.11 -27.58
CA LEU E 182 6.08 25.34 -26.80
C LEU E 182 5.50 25.09 -25.41
N VAL E 183 6.22 25.52 -24.36
CA VAL E 183 5.66 25.54 -23.01
C VAL E 183 5.51 26.96 -22.47
N CYS E 184 4.30 27.32 -22.05
CA CYS E 184 4.08 28.64 -21.49
C CYS E 184 3.78 28.54 -20.00
N ILE E 185 4.63 29.17 -19.19
CA ILE E 185 4.41 29.23 -17.75
C ILE E 185 3.98 30.64 -17.37
N GLU E 186 2.82 30.76 -16.74
CA GLU E 186 2.34 32.05 -16.23
C GLU E 186 2.09 31.99 -14.73
N LYS E 187 2.69 32.93 -14.00
CA LYS E 187 2.47 33.05 -12.56
C LYS E 187 1.11 33.67 -12.28
N ILE E 188 0.29 32.99 -11.47
CA ILE E 188 -1.03 33.51 -11.10
C ILE E 188 -1.20 33.81 -9.61
N SER E 189 -0.30 33.26 -8.78
CA SER E 189 -0.21 33.59 -7.37
C SER E 189 1.22 33.52 -6.84
N GLU E 190 1.44 34.20 -5.73
CA GLU E 190 2.70 34.12 -4.99
C GLU E 190 2.60 33.07 -3.88
N GLY E 191 3.74 32.50 -3.50
CA GLY E 191 3.80 31.46 -2.47
C GLY E 191 5.10 30.66 -2.49
N SER F 2 -38.23 17.72 20.81
CA SER F 2 -36.93 17.93 20.11
C SER F 2 -35.75 17.35 20.89
N LEU F 3 -36.04 16.39 21.77
CA LEU F 3 -35.02 15.72 22.58
C LEU F 3 -34.19 14.76 21.72
N THR F 4 -32.87 14.84 21.88
CA THR F 4 -31.96 14.05 21.06
C THR F 4 -30.93 13.31 21.92
N ILE F 5 -30.64 12.07 21.52
CA ILE F 5 -29.58 11.25 22.12
C ILE F 5 -28.24 11.86 21.78
N LYS F 6 -27.48 12.21 22.82
CA LYS F 6 -26.18 12.88 22.65
C LYS F 6 -25.10 11.89 22.20
N ASN F 7 -24.02 12.42 21.66
CA ASN F 7 -22.85 11.60 21.36
C ASN F 7 -22.10 11.24 22.64
N SER F 8 -21.05 10.43 22.49
CA SER F 8 -20.23 9.98 23.61
C SER F 8 -19.67 11.13 24.45
N LEU F 9 -19.16 12.17 23.79
CA LEU F 9 -18.65 13.35 24.48
C LEU F 9 -19.74 14.06 25.29
N GLY F 10 -20.93 14.20 24.71
CA GLY F 10 -22.07 14.82 25.39
C GLY F 10 -22.58 14.00 26.57
N GLN F 11 -22.62 12.68 26.37
CA GLN F 11 -23.08 11.76 27.41
C GLN F 11 -22.14 11.65 28.61
N SER F 12 -20.83 11.78 28.37
CA SER F 12 -19.85 11.78 29.45
C SER F 12 -20.10 12.91 30.44
N HIS F 13 -20.39 14.10 29.91
CA HIS F 13 -20.78 15.25 30.75
C HIS F 13 -22.06 15.00 31.56
N ASP F 14 -23.05 14.38 30.91
CA ASP F 14 -24.30 14.02 31.57
C ASP F 14 -24.13 13.01 32.69
N TYR F 15 -23.28 12.01 32.47
CA TYR F 15 -22.96 11.03 33.51
C TYR F 15 -22.21 11.65 34.69
N ILE F 16 -21.31 12.58 34.39
CA ILE F 16 -20.54 13.27 35.43
C ILE F 16 -21.45 14.17 36.29
N LYS F 17 -22.35 14.91 35.65
CA LYS F 17 -23.36 15.74 36.33
C LYS F 17 -24.24 14.95 37.29
N MET F 18 -24.61 13.74 36.90
CA MET F 18 -25.36 12.81 37.73
C MET F 18 -24.64 12.45 39.04
N PHE F 19 -23.31 12.35 38.98
CA PHE F 19 -22.54 11.78 40.07
C PHE F 19 -21.79 12.80 40.93
N VAL F 20 -21.43 13.94 40.34
CA VAL F 20 -20.62 14.94 41.03
C VAL F 20 -21.47 16.00 41.72
N LYS F 21 -21.35 16.08 43.05
CA LYS F 21 -21.96 17.17 43.80
C LYS F 21 -20.88 18.16 44.27
N GLU F 22 -21.30 19.24 44.90
CA GLU F 22 -20.37 20.28 45.34
C GLU F 22 -19.55 19.85 46.57
N GLY F 23 -18.27 20.19 46.57
CA GLY F 23 -17.35 19.81 47.64
C GLY F 23 -16.59 18.52 47.38
N ASP F 24 -16.87 17.87 46.26
CA ASP F 24 -16.23 16.60 45.90
C ASP F 24 -14.79 16.76 45.41
N THR F 25 -14.04 15.67 45.40
CA THR F 25 -12.73 15.71 44.75
C THR F 25 -12.81 14.93 43.45
N VAL F 26 -12.53 15.61 42.34
CA VAL F 26 -12.57 14.99 41.01
C VAL F 26 -11.22 15.06 40.28
N VAL F 27 -11.09 14.29 39.20
CA VAL F 27 -9.88 14.29 38.37
C VAL F 27 -10.20 14.45 36.88
N ASP F 28 -9.49 15.36 36.22
CA ASP F 28 -9.43 15.39 34.76
C ASP F 28 -8.08 14.74 34.42
N ALA F 29 -8.12 13.54 33.87
CA ALA F 29 -6.92 12.76 33.64
C ALA F 29 -6.21 13.14 32.34
N THR F 30 -6.93 13.86 31.48
CA THR F 30 -6.40 14.30 30.18
C THR F 30 -6.83 15.75 29.96
N CYS F 31 -6.03 16.69 30.46
CA CYS F 31 -6.37 18.14 30.50
C CYS F 31 -6.66 18.77 29.15
N GLY F 32 -5.75 18.58 28.19
CA GLY F 32 -5.85 19.20 26.86
C GLY F 32 -5.99 20.71 26.96
N ASN F 33 -7.02 21.24 26.29
CA ASN F 33 -7.29 22.67 26.30
C ASN F 33 -7.98 23.17 27.57
N GLY F 34 -8.50 22.22 28.37
CA GLY F 34 -9.03 22.53 29.71
C GLY F 34 -10.54 22.60 29.83
N ASN F 35 -11.24 22.18 28.78
CA ASN F 35 -12.71 22.19 28.74
C ASN F 35 -13.37 21.36 29.82
N ASP F 36 -12.94 20.10 29.94
CA ASP F 36 -13.45 19.18 30.95
C ASP F 36 -13.01 19.61 32.34
N THR F 37 -11.88 20.29 32.43
CA THR F 37 -11.33 20.75 33.70
C THR F 37 -12.17 21.90 34.24
N ALA F 38 -12.55 22.80 33.34
CA ALA F 38 -13.44 23.93 33.66
C ALA F 38 -14.83 23.43 34.03
N PHE F 39 -15.33 22.48 33.23
CA PHE F 39 -16.59 21.79 33.49
C PHE F 39 -16.61 21.16 34.88
N LEU F 40 -15.56 20.41 35.22
CA LEU F 40 -15.47 19.75 36.53
C LEU F 40 -15.38 20.76 37.68
N ALA F 41 -14.67 21.86 37.45
CA ALA F 41 -14.48 22.92 38.46
C ALA F 41 -15.79 23.62 38.82
N SER F 42 -16.62 23.88 37.82
CA SER F 42 -17.92 24.53 38.01
C SER F 42 -18.92 23.66 38.79
N LEU F 43 -18.84 22.35 38.61
CA LEU F 43 -19.72 21.41 39.29
C LEU F 43 -19.38 21.24 40.76
N VAL F 44 -18.10 21.42 41.07
CA VAL F 44 -17.56 21.01 42.35
C VAL F 44 -17.55 22.14 43.40
N GLY F 45 -17.74 23.39 42.94
CA GLY F 45 -17.85 24.56 43.83
C GLY F 45 -16.55 25.04 44.45
N GLU F 46 -16.65 25.99 45.36
CA GLU F 46 -15.46 26.61 45.98
C GLU F 46 -14.75 25.69 46.98
N ASN F 47 -15.49 24.82 47.66
CA ASN F 47 -14.90 23.90 48.64
C ASN F 47 -14.48 22.56 48.03
N GLY F 48 -14.62 22.43 46.72
CA GLY F 48 -14.23 21.23 45.99
C GLY F 48 -12.82 21.30 45.45
N ARG F 49 -12.35 20.19 44.90
CA ARG F 49 -10.99 20.07 44.42
C ARG F 49 -10.92 19.29 43.10
N VAL F 50 -10.29 19.90 42.09
CA VAL F 50 -10.04 19.26 40.81
C VAL F 50 -8.54 19.05 40.61
N PHE F 51 -8.14 17.80 40.36
CA PHE F 51 -6.77 17.51 39.94
C PHE F 51 -6.73 17.37 38.42
N GLY F 52 -5.86 18.14 37.78
CA GLY F 52 -5.70 18.07 36.34
C GLY F 52 -4.34 17.53 35.94
N PHE F 53 -4.29 16.74 34.87
CA PHE F 53 -3.05 16.12 34.41
C PHE F 53 -2.86 16.28 32.92
N ASP F 54 -1.64 16.62 32.52
CA ASP F 54 -1.21 16.52 31.13
C ASP F 54 0.31 16.42 31.06
N ILE F 55 0.82 15.89 29.94
CA ILE F 55 2.26 15.70 29.74
C ILE F 55 2.90 16.80 28.89
N GLN F 56 2.07 17.71 28.38
CA GLN F 56 2.54 18.82 27.56
C GLN F 56 2.47 20.17 28.28
N ASP F 57 3.48 21.00 28.07
CA ASP F 57 3.55 22.36 28.65
C ASP F 57 2.54 23.29 28.00
N LYS F 58 2.28 23.06 26.71
CA LYS F 58 1.29 23.80 25.93
C LYS F 58 -0.12 23.60 26.50
N ALA F 59 -0.43 22.35 26.86
CA ALA F 59 -1.73 21.98 27.41
C ALA F 59 -1.95 22.52 28.83
N ILE F 60 -0.91 22.48 29.66
CA ILE F 60 -0.99 23.00 31.03
C ILE F 60 -1.22 24.53 31.02
N ALA F 61 -0.54 25.21 30.11
CA ALA F 61 -0.66 26.68 29.97
C ALA F 61 -2.04 27.11 29.48
N ASN F 62 -2.57 26.40 28.48
CA ASN F 62 -3.91 26.66 27.94
C ASN F 62 -5.02 26.40 28.95
N THR F 63 -4.84 25.38 29.78
CA THR F 63 -5.77 25.05 30.86
C THR F 63 -5.68 26.09 32.00
N THR F 64 -4.46 26.54 32.31
CA THR F 64 -4.25 27.62 33.29
C THR F 64 -4.93 28.92 32.84
N LYS F 65 -4.77 29.24 31.55
CA LYS F 65 -5.39 30.42 30.93
C LYS F 65 -6.91 30.36 30.98
N LYS F 66 -7.48 29.21 30.58
CA LYS F 66 -8.93 28.93 30.64
C LYS F 66 -9.51 29.14 32.04
N LEU F 67 -8.96 28.46 33.04
CA LEU F 67 -9.48 28.49 34.41
C LEU F 67 -9.34 29.84 35.14
N THR F 68 -8.27 30.57 34.84
CA THR F 68 -8.08 31.93 35.37
C THR F 68 -9.10 32.90 34.75
N ASP F 69 -9.36 32.73 33.45
CA ASP F 69 -10.34 33.53 32.72
CA ASP F 69 -10.34 33.53 32.72
C ASP F 69 -11.76 33.38 33.27
N LEU F 70 -12.07 32.21 33.81
CA LEU F 70 -13.41 31.90 34.33
C LEU F 70 -13.47 31.93 35.86
N ASN F 71 -12.41 32.44 36.49
CA ASN F 71 -12.29 32.53 37.96
C ASN F 71 -12.40 31.17 38.68
N LEU F 72 -11.80 30.14 38.07
CA LEU F 72 -11.94 28.75 38.55
C LEU F 72 -10.60 28.12 38.94
N ILE F 73 -9.50 28.85 38.74
CA ILE F 73 -8.14 28.35 39.01
C ILE F 73 -7.89 28.04 40.50
N ASP F 74 -8.71 28.63 41.36
CA ASP F 74 -8.66 28.46 42.82
C ASP F 74 -8.74 27.00 43.28
N ARG F 75 -9.64 26.23 42.69
CA ARG F 75 -9.92 24.89 43.19
C ARG F 75 -9.10 23.83 42.50
N VAL F 76 -8.46 24.23 41.41
CA VAL F 76 -7.78 23.27 40.52
C VAL F 76 -6.28 23.18 40.84
N THR F 77 -5.79 21.95 41.02
CA THR F 77 -4.37 21.66 41.09
C THR F 77 -3.90 21.03 39.76
N LEU F 78 -3.19 21.82 38.95
CA LEU F 78 -2.66 21.32 37.68
C LEU F 78 -1.28 20.68 37.86
N ILE F 79 -1.13 19.48 37.32
CA ILE F 79 0.10 18.70 37.49
C ILE F 79 0.65 18.34 36.11
N LYS F 80 1.91 18.69 35.86
CA LYS F 80 2.57 18.26 34.62
C LYS F 80 3.28 16.92 34.83
N ASP F 81 2.49 15.86 34.72
CA ASP F 81 2.96 14.49 34.83
C ASP F 81 1.91 13.64 34.11
N GLY F 82 2.24 12.38 33.85
CA GLY F 82 1.28 11.45 33.28
C GLY F 82 0.22 11.00 34.26
N HIS F 83 -0.97 10.71 33.74
CA HIS F 83 -2.10 10.27 34.55
C HIS F 83 -1.87 8.88 35.16
N GLN F 84 -0.90 8.14 34.62
CA GLN F 84 -0.48 6.86 35.18
C GLN F 84 0.21 7.00 36.55
N ASN F 85 0.54 8.25 36.91
CA ASN F 85 1.17 8.59 38.18
C ASN F 85 0.25 9.40 39.09
N MET F 86 -1.07 9.28 38.92
CA MET F 86 -2.02 10.12 39.66
C MET F 86 -2.06 9.82 41.16
N ASP F 87 -1.67 8.60 41.53
CA ASP F 87 -1.63 8.17 42.93
C ASP F 87 -0.55 8.87 43.77
N LYS F 88 0.47 9.41 43.09
CA LYS F 88 1.55 10.15 43.75
C LYS F 88 1.12 11.53 44.25
N TYR F 89 -0.02 12.01 43.75
CA TYR F 89 -0.50 13.37 44.00
C TYR F 89 -1.82 13.42 44.76
N ILE F 90 -2.55 12.30 44.72
CA ILE F 90 -3.86 12.19 45.37
C ILE F 90 -3.84 11.04 46.39
N ASP F 91 -4.33 11.33 47.60
CA ASP F 91 -4.41 10.32 48.66
C ASP F 91 -5.83 10.15 49.25
N CYS F 92 -6.70 11.11 48.95
CA CYS F 92 -8.11 11.05 49.35
C CYS F 92 -8.93 10.26 48.31
N PRO F 93 -10.10 9.70 48.70
CA PRO F 93 -11.00 9.13 47.71
C PRO F 93 -11.62 10.17 46.76
N VAL F 94 -11.68 9.82 45.48
CA VAL F 94 -12.23 10.72 44.46
C VAL F 94 -13.62 10.26 43.99
N LYS F 95 -14.46 11.24 43.62
CA LYS F 95 -15.82 10.96 43.18
C LYS F 95 -15.84 10.61 41.69
N ALA F 96 -15.09 11.35 40.88
CA ALA F 96 -15.09 11.14 39.44
C ALA F 96 -13.73 11.33 38.78
N VAL F 97 -13.50 10.62 37.66
CA VAL F 97 -12.32 10.79 36.80
C VAL F 97 -12.78 10.84 35.34
N MET F 98 -12.29 11.83 34.60
CA MET F 98 -12.61 11.93 33.17
C MET F 98 -11.39 11.63 32.28
N PHE F 99 -11.55 10.66 31.38
CA PHE F 99 -10.54 10.34 30.38
C PHE F 99 -11.08 10.68 29.02
N ASN F 100 -10.24 11.31 28.21
CA ASN F 100 -10.56 11.67 26.85
C ASN F 100 -9.38 11.23 25.98
N LEU F 101 -9.53 10.09 25.32
CA LEU F 101 -8.37 9.39 24.75
C LEU F 101 -8.05 9.77 23.31
N GLY F 102 -6.81 10.16 23.07
CA GLY F 102 -6.34 10.46 21.73
C GLY F 102 -5.30 11.56 21.68
N TYR F 103 -5.25 12.22 20.52
CA TYR F 103 -4.39 13.37 20.32
C TYR F 103 -5.20 14.65 20.46
N LEU F 104 -4.50 15.75 20.76
CA LEU F 104 -5.13 17.05 20.88
C LEU F 104 -5.38 17.62 19.47
N PRO F 105 -6.67 17.84 19.12
CA PRO F 105 -7.00 18.41 17.81
C PRO F 105 -6.57 19.88 17.76
N SER F 106 -6.01 20.27 16.61
CA SER F 106 -5.27 21.53 16.47
C SER F 106 -4.03 21.50 17.37
N GLY F 107 -3.15 20.54 17.11
CA GLY F 107 -1.92 20.33 17.87
C GLY F 107 -1.01 19.31 17.22
N ASP F 108 -0.36 18.48 18.04
CA ASP F 108 0.53 17.44 17.56
C ASP F 108 -0.18 16.09 17.56
N HIS F 109 -0.50 15.60 16.36
CA HIS F 109 -1.34 14.42 16.17
C HIS F 109 -0.64 13.08 16.45
N SER F 110 0.70 13.10 16.44
CA SER F 110 1.47 11.89 16.75
C SER F 110 1.69 11.72 18.25
N ILE F 111 1.52 12.80 19.02
CA ILE F 111 1.50 12.71 20.48
C ILE F 111 0.09 12.37 20.96
N SER F 112 -0.10 11.13 21.36
CA SER F 112 -1.39 10.69 21.88
C SER F 112 -1.23 9.86 23.15
N THR F 113 -2.36 9.59 23.80
CA THR F 113 -2.41 8.63 24.90
C THR F 113 -1.99 7.24 24.39
N ARG F 114 -1.30 6.50 25.24
CA ARG F 114 -0.82 5.17 24.86
C ARG F 114 -1.52 4.12 25.72
N PRO F 115 -1.75 2.91 25.15
CA PRO F 115 -2.51 1.86 25.86
C PRO F 115 -1.93 1.49 27.24
N GLU F 116 -0.61 1.31 27.31
CA GLU F 116 0.08 0.89 28.53
CA GLU F 116 0.05 0.88 28.54
C GLU F 116 -0.16 1.85 29.70
N THR F 117 0.05 3.13 29.45
CA THR F 117 -0.11 4.17 30.46
C THR F 117 -1.58 4.50 30.77
N THR F 118 -2.45 4.36 29.76
CA THR F 118 -3.89 4.55 29.96
C THR F 118 -4.45 3.48 30.91
N ILE F 119 -4.07 2.23 30.67
CA ILE F 119 -4.49 1.10 31.51
C ILE F 119 -4.00 1.28 32.96
N GLN F 120 -2.73 1.68 33.11
CA GLN F 120 -2.15 2.03 34.41
C GLN F 120 -2.95 3.10 35.13
N ALA F 121 -3.19 4.21 34.44
CA ALA F 121 -4.01 5.30 34.97
C ALA F 121 -5.42 4.85 35.36
N LEU F 122 -6.02 3.98 34.56
CA LEU F 122 -7.37 3.48 34.84
C LEU F 122 -7.39 2.64 36.10
N SER F 123 -6.33 1.88 36.32
CA SER F 123 -6.16 1.08 37.54
C SER F 123 -6.00 1.96 38.75
N LYS F 124 -5.22 3.04 38.59
CA LYS F 124 -5.01 4.03 39.63
C LYS F 124 -6.31 4.77 39.97
N ALA F 125 -7.03 5.16 38.94
CA ALA F 125 -8.34 5.82 39.07
C ALA F 125 -9.38 4.92 39.75
N MET F 126 -9.40 3.64 39.37
CA MET F 126 -10.30 2.66 39.98
C MET F 126 -9.99 2.41 41.45
N GLU F 127 -8.71 2.46 41.83
CA GLU F 127 -8.31 2.37 43.24
C GLU F 127 -8.68 3.64 44.01
N LEU F 128 -8.51 4.79 43.37
CA LEU F 128 -8.80 6.07 44.03
C LEU F 128 -10.28 6.37 44.18
N LEU F 129 -11.13 5.70 43.40
CA LEU F 129 -12.58 5.97 43.43
C LEU F 129 -13.20 5.62 44.78
N VAL F 130 -14.12 6.48 45.22
CA VAL F 130 -15.01 6.14 46.32
C VAL F 130 -16.11 5.22 45.77
N THR F 131 -16.67 4.34 46.61
CA THR F 131 -17.86 3.55 46.24
C THR F 131 -19.01 4.46 45.84
N GLY F 132 -19.55 4.23 44.65
CA GLY F 132 -20.54 5.10 44.06
C GLY F 132 -19.93 6.15 43.16
N GLY F 133 -18.63 6.05 42.94
CA GLY F 133 -17.91 6.98 42.05
C GLY F 133 -17.86 6.52 40.60
N ILE F 134 -17.55 7.45 39.70
CA ILE F 134 -17.61 7.19 38.24
C ILE F 134 -16.31 7.54 37.49
N ILE F 135 -15.92 6.69 36.54
CA ILE F 135 -14.92 7.05 35.56
C ILE F 135 -15.60 7.05 34.19
N THR F 136 -15.51 8.17 33.47
CA THR F 136 -15.94 8.17 32.08
C THR F 136 -14.70 8.18 31.18
N VAL F 137 -14.79 7.43 30.08
CA VAL F 137 -13.71 7.30 29.11
C VAL F 137 -14.31 7.48 27.73
N VAL F 138 -13.98 8.59 27.07
CA VAL F 138 -14.36 8.80 25.67
C VAL F 138 -13.19 8.33 24.79
N ILE F 139 -13.43 7.26 24.02
CA ILE F 139 -12.38 6.65 23.23
C ILE F 139 -12.49 7.04 21.77
N TYR F 140 -11.53 7.82 21.28
CA TYR F 140 -11.40 8.15 19.87
C TYR F 140 -10.43 7.12 19.26
N TYR F 141 -10.85 6.50 18.17
CA TYR F 141 -10.09 5.39 17.55
C TYR F 141 -10.08 5.47 16.01
N GLY F 142 -9.10 4.83 15.40
CA GLY F 142 -8.95 4.86 13.94
C GLY F 142 -8.33 6.17 13.46
N GLY F 143 -7.99 6.21 12.17
CA GLY F 143 -7.31 7.36 11.59
C GLY F 143 -5.88 7.40 12.05
N ASP F 144 -5.41 8.60 12.39
CA ASP F 144 -4.05 8.77 12.90
C ASP F 144 -3.87 8.29 14.35
N THR F 145 -4.99 8.00 15.03
CA THR F 145 -4.97 7.49 16.40
C THR F 145 -4.48 6.04 16.45
N GLY F 146 -5.10 5.20 15.63
CA GLY F 146 -4.86 3.77 15.65
C GLY F 146 -6.09 3.02 16.14
N PHE F 147 -6.03 1.69 16.10
CA PHE F 147 -7.10 0.85 16.64
C PHE F 147 -6.60 0.20 17.91
N GLU F 148 -5.30 0.33 18.15
CA GLU F 148 -4.59 -0.36 19.23
C GLU F 148 -5.12 -0.04 20.62
N GLU F 149 -5.16 1.25 20.94
CA GLU F 149 -5.55 1.71 22.27
C GLU F 149 -6.94 1.26 22.67
N LYS F 150 -7.94 1.52 21.82
CA LYS F 150 -9.32 1.05 22.03
C LYS F 150 -9.38 -0.45 22.33
N GLU F 151 -8.71 -1.26 21.51
CA GLU F 151 -8.73 -2.71 21.65
C GLU F 151 -8.15 -3.19 22.98
N LYS F 152 -6.99 -2.66 23.39
CA LYS F 152 -6.33 -3.12 24.61
CA LYS F 152 -6.33 -3.11 24.61
C LYS F 152 -7.00 -2.57 25.88
N VAL F 153 -7.46 -1.31 25.82
CA VAL F 153 -8.21 -0.69 26.94
C VAL F 153 -9.51 -1.45 27.20
N LEU F 154 -10.22 -1.79 26.13
CA LEU F 154 -11.45 -2.60 26.26
C LEU F 154 -11.17 -4.02 26.75
N GLU F 155 -10.07 -4.61 26.28
CA GLU F 155 -9.67 -5.96 26.72
C GLU F 155 -9.31 -5.98 28.21
N PHE F 156 -8.66 -4.92 28.68
CA PHE F 156 -8.37 -4.73 30.09
C PHE F 156 -9.65 -4.55 30.92
N LEU F 157 -10.55 -3.70 30.44
CA LEU F 157 -11.77 -3.39 31.19
C LEU F 157 -12.74 -4.56 31.28
N LYS F 158 -12.69 -5.46 30.29
CA LYS F 158 -13.42 -6.73 30.32
C LYS F 158 -13.06 -7.59 31.53
N GLY F 159 -11.83 -7.45 32.00
CA GLY F 159 -11.29 -8.22 33.12
C GLY F 159 -11.63 -7.69 34.51
N VAL F 160 -12.14 -6.47 34.58
CA VAL F 160 -12.47 -5.83 35.86
C VAL F 160 -13.59 -6.59 36.61
N ASP F 161 -13.37 -6.83 37.90
CA ASP F 161 -14.31 -7.55 38.76
C ASP F 161 -15.70 -6.89 38.79
N GLN F 162 -16.70 -7.65 38.34
CA GLN F 162 -18.09 -7.14 38.29
C GLN F 162 -18.74 -6.94 39.65
N LYS F 163 -18.18 -7.60 40.67
CA LYS F 163 -18.60 -7.44 42.06
C LYS F 163 -18.15 -6.10 42.65
N LYS F 164 -17.11 -5.50 42.05
CA LYS F 164 -16.53 -4.24 42.52
C LYS F 164 -16.84 -3.06 41.61
N PHE F 165 -16.90 -3.31 40.30
CA PHE F 165 -17.17 -2.26 39.31
C PHE F 165 -18.21 -2.64 38.25
N ILE F 166 -19.04 -1.67 37.89
CA ILE F 166 -19.90 -1.75 36.71
C ILE F 166 -19.14 -1.12 35.54
N VAL F 167 -18.90 -1.88 34.47
CA VAL F 167 -18.28 -1.31 33.27
C VAL F 167 -19.29 -1.34 32.12
N GLN F 168 -19.67 -0.17 31.65
CA GLN F 168 -20.68 -0.05 30.63
C GLN F 168 -20.08 0.54 29.37
N ARG F 169 -20.35 -0.09 28.23
CA ARG F 169 -19.94 0.44 26.92
CA ARG F 169 -19.93 0.45 26.92
C ARG F 169 -21.14 0.94 26.14
N THR F 170 -21.05 2.18 25.64
CA THR F 170 -22.09 2.79 24.80
C THR F 170 -21.51 3.03 23.41
N ASP F 171 -22.21 2.56 22.38
CA ASP F 171 -21.67 2.45 21.03
C ASP F 171 -22.76 2.74 19.99
N PHE F 172 -22.44 3.60 19.02
CA PHE F 172 -23.34 3.92 17.91
C PHE F 172 -23.03 3.06 16.70
N ILE F 173 -23.80 1.99 16.54
CA ILE F 173 -23.40 0.86 15.69
C ILE F 173 -23.80 0.98 14.22
N ASN F 174 -24.57 2.00 13.87
CA ASN F 174 -24.95 2.24 12.48
C ASN F 174 -24.19 3.41 11.85
N GLN F 175 -23.27 4.01 12.60
CA GLN F 175 -22.46 5.11 12.10
C GLN F 175 -21.14 4.59 11.55
N ALA F 176 -20.69 5.21 10.47
CA ALA F 176 -19.39 4.89 9.89
C ALA F 176 -18.35 5.92 10.34
N ASN F 177 -17.10 5.71 9.92
CA ASN F 177 -15.96 6.58 10.25
C ASN F 177 -15.72 6.69 11.76
N CYS F 178 -15.64 5.53 12.40
CA CYS F 178 -15.24 5.39 13.81
C CYS F 178 -15.91 6.37 14.79
N PRO F 179 -17.21 6.19 15.07
CA PRO F 179 -17.82 7.07 16.07
C PRO F 179 -17.21 6.79 17.44
N PRO F 180 -16.84 7.84 18.19
CA PRO F 180 -16.26 7.67 19.52
C PRO F 180 -17.15 6.87 20.47
N ILE F 181 -16.49 6.04 21.27
CA ILE F 181 -17.14 5.10 22.17
C ILE F 181 -17.09 5.69 23.58
N LEU F 182 -18.17 5.51 24.35
CA LEU F 182 -18.16 5.91 25.75
C LEU F 182 -18.12 4.71 26.68
N VAL F 183 -17.16 4.69 27.61
CA VAL F 183 -17.14 3.67 28.65
C VAL F 183 -17.36 4.36 29.99
N CYS F 184 -18.32 3.85 30.77
CA CYS F 184 -18.55 4.33 32.13
C CYS F 184 -18.21 3.27 33.13
N ILE F 185 -17.30 3.59 34.05
CA ILE F 185 -16.92 2.69 35.14
C ILE F 185 -17.45 3.25 36.48
N GLU F 186 -18.30 2.49 37.14
CA GLU F 186 -18.82 2.89 38.46
C GLU F 186 -18.42 1.89 39.55
N LYS F 187 -17.82 2.38 40.63
CA LYS F 187 -17.45 1.54 41.77
C LYS F 187 -18.68 1.24 42.62
N ILE F 188 -18.90 -0.04 42.88
CA ILE F 188 -20.06 -0.47 43.67
C ILE F 188 -19.67 -1.18 44.97
N SER F 189 -18.41 -1.62 45.07
CA SER F 189 -17.88 -2.31 46.26
C SER F 189 -16.39 -2.03 46.48
N GLU F 190 -15.95 -2.17 47.74
CA GLU F 190 -14.55 -1.94 48.12
C GLU F 190 -13.69 -3.21 48.08
N GLY F 191 -12.46 -3.07 47.58
CA GLY F 191 -11.52 -4.18 47.48
C GLY F 191 -10.08 -3.76 47.77
N LEU G 3 8.29 -38.47 25.50
CA LEU G 3 7.21 -37.66 26.14
C LEU G 3 6.99 -36.33 25.40
N THR G 4 6.23 -36.40 24.29
CA THR G 4 5.95 -35.22 23.47
C THR G 4 4.49 -34.78 23.67
N ILE G 5 4.30 -33.47 23.82
CA ILE G 5 2.98 -32.84 23.84
C ILE G 5 2.33 -33.00 22.47
N LYS G 6 1.11 -33.55 22.47
CA LYS G 6 0.39 -33.84 21.24
C LYS G 6 -0.27 -32.58 20.66
N ASN G 7 -0.56 -32.61 19.37
CA ASN G 7 -1.41 -31.60 18.75
C ASN G 7 -2.85 -31.68 19.27
N SER G 8 -3.72 -30.79 18.83
CA SER G 8 -5.12 -30.76 19.27
C SER G 8 -5.86 -32.06 18.97
N LEU G 9 -5.69 -32.59 17.75
CA LEU G 9 -6.29 -33.85 17.33
C LEU G 9 -5.90 -35.00 18.26
N GLY G 10 -4.61 -35.07 18.59
CA GLY G 10 -4.07 -36.10 19.50
C GLY G 10 -4.57 -35.93 20.92
N GLN G 11 -4.64 -34.68 21.37
CA GLN G 11 -5.12 -34.35 22.71
C GLN G 11 -6.62 -34.60 22.93
N SER G 12 -7.43 -34.39 21.91
CA SER G 12 -8.87 -34.68 21.97
C SER G 12 -9.09 -36.14 22.34
N HIS G 13 -8.35 -37.04 21.68
CA HIS G 13 -8.45 -38.48 21.94
C HIS G 13 -8.09 -38.81 23.38
N ASP G 14 -7.02 -38.19 23.88
CA ASP G 14 -6.56 -38.39 25.25
C ASP G 14 -7.59 -37.95 26.28
N TYR G 15 -8.21 -36.79 26.05
CA TYR G 15 -9.30 -36.30 26.87
C TYR G 15 -10.50 -37.23 26.83
N ILE G 16 -10.77 -37.79 25.66
CA ILE G 16 -11.90 -38.69 25.49
C ILE G 16 -11.66 -40.01 26.25
N LYS G 17 -10.43 -40.52 26.19
CA LYS G 17 -10.05 -41.75 26.94
C LYS G 17 -10.14 -41.58 28.46
N MET G 18 -9.83 -40.38 28.94
CA MET G 18 -9.94 -40.03 30.36
C MET G 18 -11.37 -40.14 30.87
N PHE G 19 -12.32 -39.74 30.04
CA PHE G 19 -13.71 -39.56 30.46
C PHE G 19 -14.63 -40.73 30.12
N VAL G 20 -14.34 -41.44 29.04
CA VAL G 20 -15.23 -42.48 28.53
C VAL G 20 -14.89 -43.86 29.08
N LYS G 21 -15.88 -44.47 29.73
CA LYS G 21 -15.73 -45.82 30.23
CA LYS G 21 -15.77 -45.81 30.28
C LYS G 21 -16.68 -46.76 29.50
N GLU G 22 -16.53 -48.06 29.71
CA GLU G 22 -17.33 -49.05 28.99
C GLU G 22 -18.79 -49.02 29.42
N GLY G 23 -19.69 -49.13 28.45
CA GLY G 23 -21.12 -49.05 28.71
C GLY G 23 -21.73 -47.68 28.52
N ASP G 24 -20.89 -46.67 28.26
CA ASP G 24 -21.35 -45.27 28.12
C ASP G 24 -22.07 -45.01 26.80
N THR G 25 -22.78 -43.89 26.73
CA THR G 25 -23.37 -43.44 25.48
C THR G 25 -22.63 -42.19 25.01
N VAL G 26 -22.04 -42.28 23.82
CA VAL G 26 -21.19 -41.20 23.32
C VAL G 26 -21.66 -40.80 21.92
N VAL G 27 -21.19 -39.65 21.44
CA VAL G 27 -21.59 -39.10 20.14
C VAL G 27 -20.38 -38.70 19.29
N ASP G 28 -20.35 -39.15 18.05
CA ASP G 28 -19.47 -38.55 17.04
C ASP G 28 -20.32 -37.61 16.21
N ALA G 29 -20.17 -36.31 16.47
CA ALA G 29 -21.05 -35.31 15.87
C ALA G 29 -20.72 -35.05 14.42
N THR G 30 -19.49 -35.42 14.03
CA THR G 30 -18.97 -35.17 12.69
C THR G 30 -18.29 -36.45 12.21
N CYS G 31 -19.06 -37.35 11.60
CA CYS G 31 -18.59 -38.71 11.24
C CYS G 31 -17.41 -38.80 10.29
N GLY G 32 -17.52 -38.13 9.15
CA GLY G 32 -16.50 -38.13 8.10
C GLY G 32 -16.21 -39.54 7.59
N ASN G 33 -14.93 -39.91 7.64
CA ASN G 33 -14.51 -41.26 7.23
C ASN G 33 -14.74 -42.32 8.31
N GLY G 34 -15.02 -41.87 9.53
CA GLY G 34 -15.40 -42.76 10.62
C GLY G 34 -14.32 -43.15 11.61
N ASN G 35 -13.19 -42.46 11.57
CA ASN G 35 -12.06 -42.71 12.47
C ASN G 35 -12.44 -42.51 13.94
N ASP G 36 -13.04 -41.36 14.24
CA ASP G 36 -13.48 -41.01 15.59
C ASP G 36 -14.62 -41.92 16.04
N THR G 37 -15.44 -42.35 15.09
CA THR G 37 -16.55 -43.26 15.37
C THR G 37 -16.04 -44.62 15.81
N ALA G 38 -15.05 -45.14 15.08
CA ALA G 38 -14.37 -46.39 15.43
C ALA G 38 -13.61 -46.29 16.74
N PHE G 39 -12.94 -45.14 16.95
CA PHE G 39 -12.24 -44.82 18.20
C PHE G 39 -13.20 -44.82 19.40
N LEU G 40 -14.33 -44.14 19.26
CA LEU G 40 -15.35 -44.08 20.30
C LEU G 40 -15.96 -45.45 20.59
N ALA G 41 -16.19 -46.23 19.53
CA ALA G 41 -16.78 -47.56 19.62
C ALA G 41 -15.92 -48.53 20.44
N SER G 42 -14.61 -48.45 20.24
CA SER G 42 -13.65 -49.32 20.93
C SER G 42 -13.56 -49.04 22.43
N LEU G 43 -13.80 -47.80 22.82
CA LEU G 43 -13.73 -47.38 24.23
C LEU G 43 -14.97 -47.78 25.00
N VAL G 44 -16.07 -47.94 24.29
CA VAL G 44 -17.37 -48.03 24.90
C VAL G 44 -17.85 -49.49 25.12
N GLY G 45 -17.23 -50.43 24.43
CA GLY G 45 -17.51 -51.86 24.63
C GLY G 45 -18.79 -52.35 24.00
N GLU G 46 -19.13 -53.61 24.30
CA GLU G 46 -20.30 -54.27 23.72
C GLU G 46 -21.63 -53.71 24.20
N ASN G 47 -21.66 -53.26 25.46
CA ASN G 47 -22.87 -52.75 26.09
C ASN G 47 -23.06 -51.23 25.98
N GLY G 48 -22.12 -50.56 25.32
CA GLY G 48 -22.19 -49.13 25.09
C GLY G 48 -22.83 -48.75 23.76
N ARG G 49 -23.04 -47.45 23.56
CA ARG G 49 -23.65 -46.92 22.35
C ARG G 49 -22.92 -45.71 21.80
N VAL G 50 -22.70 -45.72 20.48
CA VAL G 50 -22.17 -44.56 19.77
C VAL G 50 -23.21 -44.05 18.77
N PHE G 51 -23.57 -42.78 18.87
CA PHE G 51 -24.40 -42.14 17.86
C PHE G 51 -23.51 -41.37 16.90
N GLY G 52 -23.60 -41.69 15.62
CA GLY G 52 -22.84 -41.02 14.59
C GLY G 52 -23.71 -40.17 13.70
N PHE G 53 -23.22 -39.00 13.30
CA PHE G 53 -23.95 -38.07 12.46
C PHE G 53 -23.14 -37.58 11.27
N ASP G 54 -23.74 -37.59 10.09
CA ASP G 54 -23.20 -36.85 8.94
C ASP G 54 -24.31 -36.48 7.96
N ILE G 55 -24.10 -35.41 7.21
CA ILE G 55 -25.08 -34.95 6.21
C ILE G 55 -24.82 -35.52 4.81
N GLN G 56 -23.69 -36.19 4.63
CA GLN G 56 -23.30 -36.74 3.34
C GLN G 56 -23.50 -38.26 3.29
N ASP G 57 -23.96 -38.75 2.14
CA ASP G 57 -24.15 -40.19 1.89
C ASP G 57 -22.84 -40.95 1.74
N LYS G 58 -21.84 -40.27 1.16
CA LYS G 58 -20.48 -40.79 1.02
C LYS G 58 -19.86 -41.06 2.39
N ALA G 59 -20.07 -40.14 3.33
CA ALA G 59 -19.51 -40.23 4.66
C ALA G 59 -20.14 -41.33 5.52
N ILE G 60 -21.45 -41.51 5.38
CA ILE G 60 -22.19 -42.54 6.11
C ILE G 60 -21.80 -43.94 5.62
N ALA G 61 -21.61 -44.08 4.32
CA ALA G 61 -21.19 -45.34 3.70
C ALA G 61 -19.75 -45.74 4.03
N ASN G 62 -18.84 -44.77 4.04
CA ASN G 62 -17.45 -44.99 4.44
C ASN G 62 -17.33 -45.41 5.90
N THR G 63 -18.15 -44.79 6.76
CA THR G 63 -18.15 -45.08 8.19
C THR G 63 -18.76 -46.47 8.45
N THR G 64 -19.78 -46.82 7.69
CA THR G 64 -20.40 -48.15 7.78
C THR G 64 -19.42 -49.23 7.34
N LYS G 65 -18.66 -48.96 6.27
CA LYS G 65 -17.60 -49.85 5.78
C LYS G 65 -16.49 -50.03 6.83
N LYS G 66 -16.00 -48.93 7.40
CA LYS G 66 -14.99 -48.92 8.48
C LYS G 66 -15.41 -49.82 9.65
N LEU G 67 -16.58 -49.54 10.21
CA LEU G 67 -17.04 -50.19 11.43
C LEU G 67 -17.37 -51.67 11.26
N THR G 68 -17.85 -52.04 10.08
CA THR G 68 -18.17 -53.43 9.77
C THR G 68 -16.90 -54.28 9.63
N ASP G 69 -15.87 -53.69 9.02
CA ASP G 69 -14.55 -54.32 8.93
C ASP G 69 -13.88 -54.56 10.28
N LEU G 70 -14.13 -53.67 11.24
CA LEU G 70 -13.49 -53.76 12.55
C LEU G 70 -14.37 -54.45 13.61
N ASN G 71 -15.48 -55.05 13.16
CA ASN G 71 -16.49 -55.69 14.03
CA ASN G 71 -16.48 -55.68 14.03
C ASN G 71 -17.03 -54.73 15.11
N LEU G 72 -17.35 -53.51 14.70
CA LEU G 72 -17.78 -52.48 15.63
C LEU G 72 -19.13 -51.86 15.29
N ILE G 73 -19.76 -52.31 14.21
CA ILE G 73 -21.01 -51.72 13.70
C ILE G 73 -22.23 -51.99 14.61
N ASP G 74 -22.13 -53.05 15.41
CA ASP G 74 -23.15 -53.45 16.39
C ASP G 74 -23.52 -52.37 17.40
N ARG G 75 -22.52 -51.63 17.85
CA ARG G 75 -22.68 -50.62 18.86
C ARG G 75 -22.81 -49.22 18.39
N VAL G 76 -22.96 -49.05 17.10
CA VAL G 76 -23.06 -47.73 16.49
C VAL G 76 -24.38 -47.51 15.76
N THR G 77 -25.04 -46.40 16.08
CA THR G 77 -26.22 -45.94 15.33
C THR G 77 -25.81 -44.76 14.45
N LEU G 78 -25.79 -44.99 13.15
CA LEU G 78 -25.46 -43.96 12.18
C LEU G 78 -26.72 -43.27 11.65
N ILE G 79 -26.73 -41.95 11.74
CA ILE G 79 -27.89 -41.15 11.38
C ILE G 79 -27.52 -40.16 10.30
N LYS G 80 -28.26 -40.18 9.19
CA LYS G 80 -28.04 -39.22 8.13
C LYS G 80 -28.88 -37.96 8.38
N ASP G 81 -28.38 -37.11 9.28
CA ASP G 81 -28.98 -35.83 9.60
C ASP G 81 -27.85 -34.96 10.13
N GLY G 82 -28.09 -33.66 10.24
CA GLY G 82 -27.14 -32.75 10.86
C GLY G 82 -27.08 -32.94 12.36
N HIS G 83 -25.90 -32.67 12.93
CA HIS G 83 -25.66 -32.76 14.37
C HIS G 83 -26.47 -31.74 15.18
N GLN G 84 -26.91 -30.67 14.53
CA GLN G 84 -27.82 -29.70 15.15
C GLN G 84 -29.16 -30.30 15.57
N ASN G 85 -29.45 -31.49 15.04
CA ASN G 85 -30.70 -32.20 15.30
C ASN G 85 -30.48 -33.47 16.15
N MET G 86 -29.37 -33.51 16.90
CA MET G 86 -29.03 -34.71 17.69
C MET G 86 -30.00 -35.02 18.83
N ASP G 87 -30.73 -34.00 19.29
CA ASP G 87 -31.75 -34.18 20.33
C ASP G 87 -32.96 -35.03 19.89
N LYS G 88 -33.20 -35.07 18.58
CA LYS G 88 -34.29 -35.85 17.98
C LYS G 88 -34.06 -37.37 18.04
N TYR G 89 -32.80 -37.78 18.21
CA TYR G 89 -32.41 -39.18 18.12
C TYR G 89 -31.88 -39.74 19.45
N ILE G 90 -31.58 -38.84 20.38
CA ILE G 90 -31.00 -39.22 21.67
C ILE G 90 -31.87 -38.62 22.79
N ASP G 91 -32.18 -39.44 23.78
CA ASP G 91 -33.00 -38.98 24.92
C ASP G 91 -32.34 -39.29 26.27
N CYS G 92 -31.34 -40.16 26.25
CA CYS G 92 -30.55 -40.49 27.43
C CYS G 92 -29.38 -39.50 27.60
N PRO G 93 -28.87 -39.33 28.85
CA PRO G 93 -27.65 -38.54 29.06
C PRO G 93 -26.40 -39.17 28.43
N VAL G 94 -25.58 -38.33 27.77
CA VAL G 94 -24.36 -38.78 27.12
C VAL G 94 -23.09 -38.39 27.88
N LYS G 95 -22.08 -39.25 27.81
CA LYS G 95 -20.80 -38.96 28.48
C LYS G 95 -19.88 -38.08 27.62
N ALA G 96 -19.84 -38.30 26.32
CA ALA G 96 -18.93 -37.55 25.47
C ALA G 96 -19.46 -37.26 24.08
N VAL G 97 -19.06 -36.11 23.53
CA VAL G 97 -19.42 -35.69 22.17
C VAL G 97 -18.14 -35.18 21.49
N MET G 98 -17.83 -35.72 20.32
CA MET G 98 -16.65 -35.27 19.57
C MET G 98 -17.05 -34.40 18.38
N PHE G 99 -16.55 -33.17 18.35
CA PHE G 99 -16.67 -32.30 17.18
C PHE G 99 -15.33 -32.16 16.51
N ASN G 100 -15.35 -32.27 15.19
CA ASN G 100 -14.17 -32.06 14.38
C ASN G 100 -14.57 -31.14 13.23
N LEU G 101 -14.19 -29.88 13.39
CA LEU G 101 -14.68 -28.77 12.62
C LEU G 101 -13.67 -28.35 11.56
N GLY G 102 -14.11 -28.26 10.31
CA GLY G 102 -13.30 -27.65 9.29
C GLY G 102 -12.32 -28.65 8.72
N THR G 113 -18.77 -27.78 7.80
CA THR G 113 -19.56 -27.30 8.94
C THR G 113 -19.75 -25.77 8.87
N ARG G 114 -20.92 -25.30 9.27
CA ARG G 114 -21.23 -23.85 9.31
C ARG G 114 -21.51 -23.40 10.76
N PRO G 115 -21.19 -22.12 11.10
CA PRO G 115 -21.24 -21.61 12.48
C PRO G 115 -22.58 -21.73 13.18
N GLU G 116 -23.65 -21.47 12.44
CA GLU G 116 -25.02 -21.43 12.96
C GLU G 116 -25.47 -22.81 13.46
N THR G 117 -25.16 -23.84 12.66
CA THR G 117 -25.55 -25.21 12.97
C THR G 117 -24.60 -25.88 13.97
N THR G 118 -23.33 -25.46 13.94
CA THR G 118 -22.34 -25.88 14.93
C THR G 118 -22.71 -25.39 16.34
N ILE G 119 -23.06 -24.11 16.45
CA ILE G 119 -23.51 -23.51 17.71
C ILE G 119 -24.77 -24.20 18.23
N GLN G 120 -25.72 -24.47 17.33
CA GLN G 120 -26.91 -25.25 17.64
C GLN G 120 -26.57 -26.62 18.21
N ALA G 121 -25.72 -27.36 17.49
CA ALA G 121 -25.30 -28.70 17.92
C ALA G 121 -24.60 -28.68 19.27
N LEU G 122 -23.79 -27.66 19.50
CA LEU G 122 -23.09 -27.48 20.77
C LEU G 122 -24.05 -27.26 21.94
N SER G 123 -25.12 -26.50 21.71
CA SER G 123 -26.19 -26.30 22.70
C SER G 123 -26.90 -27.62 23.01
N LYS G 124 -27.20 -28.37 21.95
CA LYS G 124 -27.85 -29.68 22.09
C LYS G 124 -26.96 -30.66 22.84
N ALA G 125 -25.67 -30.66 22.50
CA ALA G 125 -24.67 -31.53 23.12
C ALA G 125 -24.50 -31.20 24.59
N MET G 126 -24.47 -29.89 24.89
CA MET G 126 -24.37 -29.40 26.27
C MET G 126 -25.59 -29.79 27.10
N GLU G 127 -26.77 -29.77 26.47
CA GLU G 127 -28.01 -30.21 27.10
CA GLU G 127 -28.01 -30.22 27.09
C GLU G 127 -27.98 -31.72 27.38
N LEU G 128 -27.52 -32.49 26.41
CA LEU G 128 -27.48 -33.94 26.53
C LEU G 128 -26.41 -34.51 27.45
N LEU G 129 -25.36 -33.74 27.73
CA LEU G 129 -24.27 -34.21 28.59
C LEU G 129 -24.72 -34.53 30.01
N VAL G 130 -24.20 -35.64 30.54
CA VAL G 130 -24.30 -35.93 31.97
C VAL G 130 -23.30 -35.03 32.69
N THR G 131 -23.57 -34.72 33.96
CA THR G 131 -22.58 -34.01 34.79
C THR G 131 -21.31 -34.85 34.86
N GLY G 132 -20.18 -34.20 34.61
CA GLY G 132 -18.90 -34.88 34.49
C GLY G 132 -18.65 -35.39 33.09
N GLY G 133 -19.47 -34.96 32.14
CA GLY G 133 -19.30 -35.33 30.72
C GLY G 133 -18.46 -34.33 29.94
N ILE G 134 -17.94 -34.74 28.78
CA ILE G 134 -17.02 -33.89 28.02
C ILE G 134 -17.43 -33.69 26.56
N ILE G 135 -17.28 -32.46 26.08
CA ILE G 135 -17.30 -32.20 24.65
C ILE G 135 -15.89 -31.77 24.23
N THR G 136 -15.34 -32.41 23.19
CA THR G 136 -14.10 -31.93 22.59
C THR G 136 -14.39 -31.34 21.21
N VAL G 137 -13.78 -30.19 20.93
CA VAL G 137 -13.99 -29.49 19.67
C VAL G 137 -12.61 -29.19 19.08
N VAL G 138 -12.26 -29.88 18.02
CA VAL G 138 -11.05 -29.56 17.27
C VAL G 138 -11.45 -28.59 16.14
N ILE G 139 -10.95 -27.37 16.23
CA ILE G 139 -11.28 -26.31 15.28
C ILE G 139 -10.17 -26.13 14.25
N TYR G 140 -10.48 -26.43 12.98
CA TYR G 140 -9.57 -26.15 11.88
C TYR G 140 -9.99 -24.79 11.31
N TYR G 141 -9.11 -23.80 11.50
CA TYR G 141 -9.39 -22.40 11.10
C TYR G 141 -8.32 -21.83 10.16
N GLY G 142 -8.61 -20.63 9.64
CA GLY G 142 -7.67 -19.91 8.78
C GLY G 142 -7.50 -20.49 7.40
N GLY G 143 -6.75 -19.77 6.56
CA GLY G 143 -6.54 -20.16 5.18
C GLY G 143 -7.83 -20.14 4.37
N ASP G 144 -8.24 -21.32 3.92
CA ASP G 144 -9.44 -21.49 3.09
C ASP G 144 -10.74 -21.47 3.90
N THR G 145 -10.71 -21.99 5.11
CA THR G 145 -11.87 -22.03 5.98
C THR G 145 -12.22 -20.67 6.59
N GLY G 146 -11.22 -19.79 6.67
CA GLY G 146 -11.41 -18.46 7.22
C GLY G 146 -11.43 -18.42 8.73
N PHE G 147 -11.98 -17.34 9.29
CA PHE G 147 -11.95 -17.11 10.73
C PHE G 147 -13.35 -16.98 11.31
N GLU G 148 -14.36 -17.05 10.44
CA GLU G 148 -15.76 -16.85 10.82
C GLU G 148 -16.23 -17.87 11.85
N GLU G 149 -15.99 -19.15 11.57
CA GLU G 149 -16.48 -20.20 12.44
C GLU G 149 -15.81 -20.17 13.80
N LYS G 150 -14.47 -20.18 13.82
CA LYS G 150 -13.69 -20.02 15.05
C LYS G 150 -14.17 -18.84 15.89
N GLU G 151 -14.23 -17.64 15.29
CA GLU G 151 -14.62 -16.44 16.02
C GLU G 151 -16.00 -16.52 16.67
N LYS G 152 -17.00 -16.96 15.90
CA LYS G 152 -18.37 -17.07 16.42
CA LYS G 152 -18.38 -17.06 16.42
C LYS G 152 -18.55 -18.19 17.44
N VAL G 153 -17.90 -19.33 17.21
CA VAL G 153 -17.98 -20.48 18.14
C VAL G 153 -17.35 -20.10 19.47
N LEU G 154 -16.16 -19.51 19.43
CA LEU G 154 -15.49 -19.00 20.64
C LEU G 154 -16.29 -17.90 21.35
N GLU G 155 -16.88 -16.98 20.59
CA GLU G 155 -17.76 -15.93 21.14
C GLU G 155 -18.99 -16.50 21.83
N PHE G 156 -19.56 -17.55 21.24
CA PHE G 156 -20.67 -18.25 21.84
C PHE G 156 -20.26 -18.94 23.14
N LEU G 157 -19.16 -19.68 23.10
CA LEU G 157 -18.67 -20.44 24.26
C LEU G 157 -18.19 -19.56 25.43
N LYS G 158 -17.76 -18.34 25.13
CA LYS G 158 -17.45 -17.32 26.16
C LYS G 158 -18.64 -16.99 27.07
N GLY G 159 -19.84 -17.15 26.54
CA GLY G 159 -21.06 -16.81 27.26
C GLY G 159 -21.65 -17.94 28.10
N VAL G 160 -21.10 -19.15 27.97
CA VAL G 160 -21.62 -20.32 28.66
C VAL G 160 -21.43 -20.15 30.18
N ASP G 161 -22.48 -20.47 30.95
CA ASP G 161 -22.49 -20.29 32.41
C ASP G 161 -21.40 -21.13 33.08
N GLN G 162 -20.51 -20.45 33.79
CA GLN G 162 -19.35 -21.10 34.41
C GLN G 162 -19.72 -21.96 35.62
N LYS G 163 -20.92 -21.71 36.16
CA LYS G 163 -21.46 -22.53 37.25
C LYS G 163 -21.91 -23.90 36.74
N LYS G 164 -22.22 -23.98 35.44
CA LYS G 164 -22.74 -25.20 34.83
C LYS G 164 -21.70 -25.92 33.98
N PHE G 165 -20.82 -25.16 33.32
CA PHE G 165 -19.82 -25.74 32.43
C PHE G 165 -18.44 -25.10 32.60
N ILE G 166 -17.40 -25.94 32.51
CA ILE G 166 -16.02 -25.52 32.36
C ILE G 166 -15.70 -25.51 30.86
N VAL G 167 -15.32 -24.36 30.33
CA VAL G 167 -14.88 -24.25 28.92
C VAL G 167 -13.38 -23.92 28.88
N GLN G 168 -12.58 -24.88 28.43
CA GLN G 168 -11.15 -24.69 28.41
C GLN G 168 -10.64 -24.63 26.97
N ARG G 169 -9.81 -23.63 26.67
CA ARG G 169 -9.21 -23.49 25.35
C ARG G 169 -7.71 -23.73 25.44
N THR G 170 -7.20 -24.56 24.54
CA THR G 170 -5.80 -24.91 24.50
C THR G 170 -5.23 -24.44 23.15
N ASP G 171 -4.10 -23.74 23.20
CA ASP G 171 -3.63 -22.99 22.05
C ASP G 171 -2.10 -23.02 22.00
N PHE G 172 -1.56 -23.31 20.82
CA PHE G 172 -0.10 -23.28 20.59
C PHE G 172 0.33 -21.95 19.98
N ILE G 173 0.73 -21.03 20.85
CA ILE G 173 0.85 -19.62 20.49
C ILE G 173 2.13 -19.21 19.75
N ASN G 174 3.10 -20.11 19.67
CA ASN G 174 4.34 -19.82 18.94
C ASN G 174 4.40 -20.46 17.55
N GLN G 175 3.35 -21.17 17.17
CA GLN G 175 3.26 -21.79 15.84
C GLN G 175 2.53 -20.90 14.84
N ALA G 176 3.04 -20.88 13.61
CA ALA G 176 2.41 -20.15 12.53
C ALA G 176 1.51 -21.07 11.71
N ASN G 177 0.82 -20.48 10.73
CA ASN G 177 -0.08 -21.20 9.81
C ASN G 177 -1.23 -21.91 10.54
N CYS G 178 -1.92 -21.13 11.39
CA CYS G 178 -3.16 -21.52 12.08
C CYS G 178 -3.14 -22.93 12.69
N PRO G 179 -2.39 -23.09 13.78
CA PRO G 179 -2.41 -24.40 14.42
C PRO G 179 -3.79 -24.62 15.03
N PRO G 180 -4.40 -25.81 14.81
CA PRO G 180 -5.73 -26.12 15.33
C PRO G 180 -5.84 -25.93 16.84
N ILE G 181 -6.99 -25.40 17.25
CA ILE G 181 -7.29 -25.07 18.63
C ILE G 181 -8.16 -26.18 19.25
N LEU G 182 -7.90 -26.53 20.51
CA LEU G 182 -8.77 -27.49 21.20
C LEU G 182 -9.60 -26.77 22.24
N VAL G 183 -10.91 -26.98 22.20
CA VAL G 183 -11.82 -26.51 23.25
C VAL G 183 -12.45 -27.71 23.97
N CYS G 184 -12.37 -27.71 25.30
CA CYS G 184 -12.97 -28.77 26.11
C CYS G 184 -14.08 -28.20 26.96
N ILE G 185 -15.28 -28.73 26.79
CA ILE G 185 -16.42 -28.34 27.60
C ILE G 185 -16.77 -29.48 28.53
N GLU G 186 -16.77 -29.21 29.84
CA GLU G 186 -17.18 -30.21 30.81
C GLU G 186 -18.35 -29.71 31.64
N LYS G 187 -19.42 -30.52 31.71
CA LYS G 187 -20.58 -30.19 32.53
C LYS G 187 -20.26 -30.47 33.99
N ILE G 188 -20.51 -29.49 34.86
CA ILE G 188 -20.22 -29.65 36.29
C ILE G 188 -21.45 -29.52 37.20
N SER G 189 -22.52 -28.93 36.66
CA SER G 189 -23.80 -28.81 37.34
C SER G 189 -24.90 -28.83 36.29
N GLU G 190 -26.10 -29.27 36.68
CA GLU G 190 -27.23 -29.34 35.75
C GLU G 190 -28.03 -28.04 35.66
N GLY G 191 -28.35 -27.65 34.43
CA GLY G 191 -29.03 -26.38 34.15
C GLY G 191 -30.50 -26.37 34.53
N LEU H 3 -4.34 40.10 -17.47
CA LEU H 3 -4.18 39.08 -18.55
C LEU H 3 -3.76 37.74 -17.98
N THR H 4 -4.30 36.66 -18.57
CA THR H 4 -4.13 35.30 -18.11
C THR H 4 -4.33 34.33 -19.28
N ILE H 5 -3.52 33.27 -19.34
CA ILE H 5 -3.71 32.19 -20.30
C ILE H 5 -5.02 31.49 -19.97
N LYS H 6 -5.90 31.39 -20.96
CA LYS H 6 -7.20 30.77 -20.79
C LYS H 6 -7.14 29.24 -20.91
N ASN H 7 -8.11 28.57 -20.30
CA ASN H 7 -8.29 27.14 -20.48
C ASN H 7 -8.71 26.75 -21.91
N SER H 8 -8.84 25.46 -22.17
CA SER H 8 -9.14 24.96 -23.51
C SER H 8 -10.48 25.49 -24.05
N LEU H 9 -11.49 25.53 -23.20
CA LEU H 9 -12.78 26.10 -23.53
C LEU H 9 -12.70 27.58 -23.92
N GLY H 10 -11.93 28.37 -23.16
CA GLY H 10 -11.77 29.79 -23.43
C GLY H 10 -10.97 30.04 -24.70
N GLN H 11 -9.95 29.21 -24.92
CA GLN H 11 -9.06 29.31 -26.08
C GLN H 11 -9.74 28.94 -27.40
N SER H 12 -10.70 28.01 -27.35
CA SER H 12 -11.45 27.63 -28.55
C SER H 12 -12.23 28.83 -29.12
N HIS H 13 -12.80 29.63 -28.23
CA HIS H 13 -13.51 30.86 -28.59
C HIS H 13 -12.59 31.89 -29.20
N ASP H 14 -11.39 32.03 -28.63
CA ASP H 14 -10.35 32.92 -29.15
C ASP H 14 -9.86 32.54 -30.53
N TYR H 15 -9.67 31.24 -30.76
CA TYR H 15 -9.29 30.71 -32.07
C TYR H 15 -10.38 30.89 -33.11
N ILE H 16 -11.64 30.74 -32.69
CA ILE H 16 -12.79 30.93 -33.57
C ILE H 16 -12.91 32.40 -34.00
N LYS H 17 -12.83 33.32 -33.04
CA LYS H 17 -12.83 34.78 -33.30
C LYS H 17 -11.73 35.24 -34.28
N MET H 18 -10.58 34.55 -34.26
CA MET H 18 -9.46 34.78 -35.19
C MET H 18 -9.84 34.48 -36.64
N PHE H 19 -10.71 33.49 -36.82
CA PHE H 19 -10.98 32.92 -38.15
C PHE H 19 -12.33 33.29 -38.74
N VAL H 20 -13.35 33.46 -37.90
CA VAL H 20 -14.70 33.72 -38.35
C VAL H 20 -14.97 35.22 -38.58
N LYS H 21 -15.32 35.58 -39.81
CA LYS H 21 -15.84 36.92 -40.10
C LYS H 21 -17.36 36.89 -40.32
N GLU H 22 -17.94 38.06 -40.55
CA GLU H 22 -19.38 38.17 -40.77
C GLU H 22 -19.77 37.69 -42.16
N GLY H 23 -20.88 36.97 -42.24
CA GLY H 23 -21.37 36.40 -43.49
C GLY H 23 -20.96 34.96 -43.74
N ASP H 24 -20.11 34.42 -42.86
CA ASP H 24 -19.56 33.06 -43.03
C ASP H 24 -20.58 31.96 -42.75
N THR H 25 -20.26 30.74 -43.17
CA THR H 25 -21.03 29.59 -42.77
C THR H 25 -20.20 28.77 -41.80
N VAL H 26 -20.74 28.55 -40.60
CA VAL H 26 -20.05 27.86 -39.53
C VAL H 26 -20.92 26.74 -38.96
N VAL H 27 -20.28 25.80 -38.25
CA VAL H 27 -20.99 24.66 -37.66
C VAL H 27 -20.73 24.52 -36.17
N ASP H 28 -21.79 24.33 -35.40
CA ASP H 28 -21.68 23.84 -34.02
C ASP H 28 -22.07 22.37 -34.09
N ALA H 29 -21.10 21.49 -33.91
CA ALA H 29 -21.33 20.08 -34.15
C ALA H 29 -21.86 19.37 -32.90
N THR H 30 -21.88 20.11 -31.79
CA THR H 30 -22.32 19.58 -30.50
C THR H 30 -23.07 20.69 -29.78
N CYS H 31 -24.36 20.80 -30.04
CA CYS H 31 -25.19 21.93 -29.57
C CYS H 31 -25.29 22.11 -28.07
N GLY H 32 -25.68 21.03 -27.37
CA GLY H 32 -25.86 21.04 -25.92
C GLY H 32 -26.88 22.07 -25.52
N ASN H 33 -26.48 22.96 -24.61
CA ASN H 33 -27.35 24.03 -24.13
C ASN H 33 -27.39 25.28 -25.04
N GLY H 34 -26.44 25.35 -25.97
CA GLY H 34 -26.48 26.37 -27.04
C GLY H 34 -25.53 27.53 -26.92
N ASN H 35 -24.58 27.42 -25.98
CA ASN H 35 -23.61 28.48 -25.71
C ASN H 35 -22.66 28.78 -26.87
N ASP H 36 -22.11 27.71 -27.47
CA ASP H 36 -21.26 27.86 -28.64
C ASP H 36 -22.06 28.26 -29.88
N THR H 37 -23.32 27.83 -29.94
CA THR H 37 -24.22 28.16 -31.05
C THR H 37 -24.51 29.66 -31.07
N ALA H 38 -24.86 30.20 -29.90
CA ALA H 38 -25.12 31.62 -29.72
C ALA H 38 -23.88 32.46 -30.01
N PHE H 39 -22.73 31.95 -29.56
CA PHE H 39 -21.43 32.57 -29.80
C PHE H 39 -21.11 32.66 -31.29
N LEU H 40 -21.29 31.54 -32.00
CA LEU H 40 -21.06 31.50 -33.44
C LEU H 40 -22.05 32.39 -34.21
N ALA H 41 -23.30 32.41 -33.77
CA ALA H 41 -24.34 33.25 -34.38
C ALA H 41 -24.04 34.74 -34.31
N SER H 42 -23.51 35.19 -33.17
CA SER H 42 -23.19 36.60 -32.95
C SER H 42 -21.98 37.05 -33.76
N LEU H 43 -21.06 36.13 -34.05
CA LEU H 43 -19.85 36.44 -34.82
C LEU H 43 -20.14 36.59 -36.32
N VAL H 44 -21.19 35.91 -36.75
CA VAL H 44 -21.43 35.66 -38.16
C VAL H 44 -22.39 36.67 -38.80
N GLY H 45 -23.15 37.38 -37.96
CA GLY H 45 -24.04 38.45 -38.41
C GLY H 45 -25.34 37.99 -39.04
N GLU H 46 -26.05 38.95 -39.64
CA GLU H 46 -27.37 38.72 -40.23
C GLU H 46 -27.31 37.89 -41.50
N ASN H 47 -26.26 38.08 -42.29
CA ASN H 47 -26.09 37.41 -43.58
C ASN H 47 -25.32 36.09 -43.50
N GLY H 48 -24.98 35.68 -42.28
CA GLY H 48 -24.26 34.42 -42.05
C GLY H 48 -25.17 33.26 -41.68
N ARG H 49 -24.58 32.07 -41.61
CA ARG H 49 -25.33 30.85 -41.35
C ARG H 49 -24.62 29.96 -40.33
N VAL H 50 -25.37 29.49 -39.33
CA VAL H 50 -24.89 28.54 -38.35
C VAL H 50 -25.71 27.26 -38.45
N PHE H 51 -25.04 26.13 -38.68
CA PHE H 51 -25.69 24.82 -38.60
C PHE H 51 -25.38 24.20 -37.25
N GLY H 52 -26.42 23.81 -36.52
CA GLY H 52 -26.24 23.23 -35.19
C GLY H 52 -26.76 21.80 -35.14
N PHE H 53 -26.06 20.93 -34.42
CA PHE H 53 -26.39 19.51 -34.39
C PHE H 53 -26.45 18.97 -32.97
N ASP H 54 -27.47 18.17 -32.69
CA ASP H 54 -27.52 17.36 -31.47
C ASP H 54 -28.45 16.17 -31.67
N ILE H 55 -28.23 15.13 -30.87
CA ILE H 55 -29.05 13.91 -30.97
C ILE H 55 -30.14 13.87 -29.92
N GLN H 56 -30.17 14.88 -29.05
CA GLN H 56 -31.17 14.95 -27.96
C GLN H 56 -32.22 16.03 -28.19
N ASP H 57 -33.48 15.69 -27.91
CA ASP H 57 -34.62 16.62 -28.03
C ASP H 57 -34.55 17.74 -27.00
N LYS H 58 -34.04 17.40 -25.83
CA LYS H 58 -33.83 18.34 -24.72
C LYS H 58 -32.81 19.41 -25.10
N ALA H 59 -31.77 19.00 -25.80
CA ALA H 59 -30.70 19.89 -26.22
C ALA H 59 -31.10 20.84 -27.35
N ILE H 60 -31.88 20.33 -28.30
CA ILE H 60 -32.40 21.14 -29.40
C ILE H 60 -33.36 22.23 -28.87
N ALA H 61 -34.21 21.85 -27.91
CA ALA H 61 -35.17 22.77 -27.30
C ALA H 61 -34.50 23.87 -26.48
N ASN H 62 -33.47 23.51 -25.73
CA ASN H 62 -32.69 24.46 -24.92
C ASN H 62 -31.90 25.45 -25.76
N THR H 63 -31.41 24.97 -26.91
CA THR H 63 -30.69 25.80 -27.87
C THR H 63 -31.65 26.73 -28.62
N THR H 64 -32.84 26.21 -28.95
CA THR H 64 -33.89 27.02 -29.58
C THR H 64 -34.33 28.15 -28.64
N LYS H 65 -34.52 27.82 -27.37
CA LYS H 65 -34.91 28.79 -26.33
C LYS H 65 -33.85 29.89 -26.16
N LYS H 66 -32.58 29.46 -26.10
CA LYS H 66 -31.43 30.37 -26.00
C LYS H 66 -31.35 31.38 -27.13
N LEU H 67 -31.42 30.89 -28.37
CA LEU H 67 -31.23 31.72 -29.56
C LEU H 67 -32.39 32.68 -29.82
N THR H 68 -33.60 32.25 -29.48
CA THR H 68 -34.81 33.08 -29.61
C THR H 68 -34.78 34.22 -28.59
N ASP H 69 -34.29 33.91 -27.38
CA ASP H 69 -34.10 34.90 -26.31
C ASP H 69 -33.11 36.00 -26.68
N LEU H 70 -32.12 35.68 -27.51
CA LEU H 70 -31.09 36.64 -27.87
C LEU H 70 -31.26 37.21 -29.29
N ASN H 71 -32.42 36.95 -29.89
CA ASN H 71 -32.74 37.37 -31.27
C ASN H 71 -31.71 36.86 -32.29
N LEU H 72 -31.39 35.57 -32.18
CA LEU H 72 -30.33 34.97 -32.99
C LEU H 72 -30.77 33.72 -33.75
N ILE H 73 -32.01 33.31 -33.54
CA ILE H 73 -32.57 32.08 -34.15
C ILE H 73 -32.71 32.15 -35.69
N ASP H 74 -32.73 33.37 -36.24
CA ASP H 74 -32.91 33.63 -37.68
C ASP H 74 -31.79 33.04 -38.54
N ARG H 75 -30.57 33.15 -38.05
CA ARG H 75 -29.39 32.73 -38.80
C ARG H 75 -28.94 31.29 -38.48
N VAL H 76 -29.68 30.60 -37.61
CA VAL H 76 -29.33 29.26 -37.17
C VAL H 76 -30.29 28.17 -37.66
N THR H 77 -29.74 27.15 -38.31
CA THR H 77 -30.47 25.94 -38.68
C THR H 77 -30.14 24.80 -37.72
N LEU H 78 -31.08 24.49 -36.83
CA LEU H 78 -30.91 23.41 -35.86
C LEU H 78 -31.40 22.06 -36.40
N ILE H 79 -30.53 21.08 -36.33
CA ILE H 79 -30.78 19.77 -36.90
C ILE H 79 -30.71 18.71 -35.79
N LYS H 80 -31.77 17.94 -35.63
CA LYS H 80 -31.74 16.81 -34.70
C LYS H 80 -31.23 15.54 -35.40
N ASP H 81 -29.92 15.51 -35.62
CA ASP H 81 -29.24 14.36 -36.21
C ASP H 81 -27.80 14.38 -35.66
N GLY H 82 -27.09 13.26 -35.80
CA GLY H 82 -25.69 13.18 -35.43
C GLY H 82 -24.81 14.03 -36.33
N HIS H 83 -23.70 14.54 -35.76
CA HIS H 83 -22.73 15.34 -36.51
C HIS H 83 -21.95 14.53 -37.53
N GLN H 84 -21.99 13.21 -37.41
CA GLN H 84 -21.38 12.30 -38.39
C GLN H 84 -22.12 12.38 -39.73
N ASN H 85 -23.34 12.90 -39.69
CA ASN H 85 -24.19 13.07 -40.86
C ASN H 85 -24.31 14.52 -41.35
N MET H 86 -23.34 15.37 -41.01
CA MET H 86 -23.42 16.80 -41.36
C MET H 86 -23.32 17.11 -42.86
N ASP H 87 -22.75 16.18 -43.63
CA ASP H 87 -22.62 16.35 -45.09
C ASP H 87 -23.97 16.25 -45.83
N LYS H 88 -24.95 15.62 -45.18
CA LYS H 88 -26.32 15.49 -45.71
C LYS H 88 -27.10 16.80 -45.66
N TYR H 89 -26.60 17.78 -44.89
CA TYR H 89 -27.34 19.03 -44.64
C TYR H 89 -26.61 20.27 -45.14
N ILE H 90 -25.32 20.11 -45.40
CA ILE H 90 -24.47 21.22 -45.80
C ILE H 90 -23.75 20.83 -47.10
N ASP H 91 -23.77 21.73 -48.08
CA ASP H 91 -23.11 21.51 -49.37
C ASP H 91 -22.10 22.60 -49.73
N CYS H 92 -22.22 23.74 -49.05
CA CYS H 92 -21.30 24.87 -49.19
C CYS H 92 -20.05 24.67 -48.32
N PRO H 93 -18.90 25.30 -48.70
CA PRO H 93 -17.73 25.28 -47.82
C PRO H 93 -17.96 26.06 -46.51
N VAL H 94 -17.53 25.45 -45.40
CA VAL H 94 -17.64 26.09 -44.08
C VAL H 94 -16.31 26.71 -43.62
N LYS H 95 -16.43 27.78 -42.83
CA LYS H 95 -15.25 28.47 -42.30
C LYS H 95 -14.76 27.84 -41.00
N ALA H 96 -15.70 27.37 -40.18
CA ALA H 96 -15.36 26.85 -38.84
C ALA H 96 -16.33 25.80 -38.36
N VAL H 97 -15.80 24.83 -37.60
CA VAL H 97 -16.62 23.82 -36.90
C VAL H 97 -16.17 23.73 -35.44
N MET H 98 -17.12 23.68 -34.52
CA MET H 98 -16.78 23.55 -33.11
C MET H 98 -17.28 22.21 -32.59
N PHE H 99 -16.36 21.46 -31.98
CA PHE H 99 -16.67 20.20 -31.29
C PHE H 99 -16.38 20.37 -29.81
N ASN H 100 -17.34 19.96 -28.99
CA ASN H 100 -17.19 19.98 -27.56
C ASN H 100 -17.57 18.58 -27.07
N LEU H 101 -16.56 17.77 -26.78
CA LEU H 101 -16.74 16.32 -26.59
C LEU H 101 -17.06 15.89 -25.18
N GLY H 102 -18.07 15.02 -25.04
CA GLY H 102 -18.50 14.53 -23.73
C GLY H 102 -20.01 14.42 -23.61
N TYR H 103 -20.51 14.47 -22.39
CA TYR H 103 -21.95 14.38 -22.15
C TYR H 103 -22.63 15.74 -21.95
N LEU H 104 -23.96 15.72 -21.91
CA LEU H 104 -24.79 16.90 -21.63
C LEU H 104 -24.49 17.44 -20.22
N PRO H 105 -24.26 18.77 -20.10
CA PRO H 105 -23.92 19.44 -18.84
C PRO H 105 -24.91 19.20 -17.69
N SER H 106 -26.20 19.38 -17.97
CA SER H 106 -27.24 19.19 -16.97
C SER H 106 -28.44 18.45 -17.56
N GLY H 107 -28.52 17.15 -17.27
CA GLY H 107 -29.59 16.29 -17.77
C GLY H 107 -29.40 14.84 -17.37
N ASP H 108 -28.49 14.15 -18.08
CA ASP H 108 -28.12 12.78 -17.76
C ASP H 108 -26.65 12.51 -18.09
N HIS H 109 -26.03 11.62 -17.31
CA HIS H 109 -24.60 11.34 -17.42
C HIS H 109 -24.31 9.96 -18.02
N SER H 110 -24.99 9.65 -19.12
CA SER H 110 -24.83 8.38 -19.82
C SER H 110 -24.71 8.55 -21.33
N ILE H 111 -25.55 9.44 -21.89
CA ILE H 111 -25.50 9.76 -23.30
C ILE H 111 -24.40 10.79 -23.57
N SER H 112 -23.37 10.35 -24.29
CA SER H 112 -22.21 11.17 -24.62
C SER H 112 -21.69 10.82 -26.02
N THR H 113 -20.82 11.69 -26.54
CA THR H 113 -20.14 11.48 -27.84
C THR H 113 -19.33 10.18 -27.83
N ARG H 114 -19.33 9.49 -28.97
CA ARG H 114 -18.64 8.22 -29.16
C ARG H 114 -17.49 8.40 -30.15
N PRO H 115 -16.37 7.66 -29.96
CA PRO H 115 -15.18 7.79 -30.82
C PRO H 115 -15.44 7.58 -32.31
N GLU H 116 -16.18 6.55 -32.65
CA GLU H 116 -16.44 6.18 -34.06
C GLU H 116 -17.17 7.30 -34.81
N THR H 117 -18.22 7.84 -34.19
CA THR H 117 -19.03 8.90 -34.79
C THR H 117 -18.34 10.25 -34.76
N THR H 118 -17.55 10.50 -33.71
CA THR H 118 -16.72 11.71 -33.62
C THR H 118 -15.70 11.74 -34.77
N ILE H 119 -15.01 10.63 -35.00
CA ILE H 119 -14.01 10.53 -36.06
C ILE H 119 -14.63 10.70 -37.46
N GLN H 120 -15.82 10.12 -37.65
CA GLN H 120 -16.63 10.31 -38.87
C GLN H 120 -16.94 11.79 -39.10
N ALA H 121 -17.53 12.42 -38.07
CA ALA H 121 -17.84 13.86 -38.11
C ALA H 121 -16.64 14.72 -38.42
N LEU H 122 -15.51 14.37 -37.81
CA LEU H 122 -14.28 15.12 -37.99
C LEU H 122 -13.82 15.05 -39.44
N SER H 123 -13.93 13.87 -40.03
CA SER H 123 -13.61 13.67 -41.47
C SER H 123 -14.56 14.45 -42.39
N LYS H 124 -15.85 14.45 -42.05
CA LYS H 124 -16.86 15.25 -42.76
C LYS H 124 -16.57 16.74 -42.63
N ALA H 125 -16.26 17.18 -41.42
CA ALA H 125 -15.91 18.57 -41.15
C ALA H 125 -14.66 19.00 -41.91
N MET H 126 -13.66 18.12 -41.96
CA MET H 126 -12.40 18.39 -42.68
C MET H 126 -12.61 18.50 -44.19
N GLU H 127 -13.56 17.73 -44.71
CA GLU H 127 -13.99 17.81 -46.12
C GLU H 127 -14.69 19.13 -46.39
N LEU H 128 -15.65 19.47 -45.51
CA LEU H 128 -16.47 20.67 -45.65
C LEU H 128 -15.73 22.00 -45.45
N LEU H 129 -14.56 21.96 -44.80
CA LEU H 129 -13.79 23.17 -44.53
C LEU H 129 -13.26 23.83 -45.79
N VAL H 130 -13.33 25.16 -45.81
CA VAL H 130 -12.65 25.95 -46.81
C VAL H 130 -11.16 26.01 -46.41
N THR H 131 -10.28 26.21 -47.38
CA THR H 131 -8.85 26.44 -47.08
C THR H 131 -8.67 27.69 -46.24
N GLY H 132 -7.91 27.54 -45.16
CA GLY H 132 -7.77 28.60 -44.16
C GLY H 132 -8.89 28.56 -43.13
N GLY H 133 -9.66 27.48 -43.13
CA GLY H 133 -10.74 27.28 -42.16
C GLY H 133 -10.25 26.54 -40.92
N ILE H 134 -11.04 26.56 -39.85
CA ILE H 134 -10.63 25.97 -38.57
C ILE H 134 -11.66 25.00 -37.96
N ILE H 135 -11.19 23.91 -37.38
CA ILE H 135 -11.98 23.07 -36.47
C ILE H 135 -11.33 23.15 -35.09
N THR H 136 -12.13 23.46 -34.07
CA THR H 136 -11.65 23.39 -32.69
C THR H 136 -12.36 22.24 -31.99
N VAL H 137 -11.58 21.43 -31.29
CA VAL H 137 -12.09 20.29 -30.54
C VAL H 137 -11.67 20.44 -29.08
N VAL H 138 -12.64 20.70 -28.20
CA VAL H 138 -12.39 20.66 -26.76
C VAL H 138 -12.72 19.25 -26.30
N ILE H 139 -11.68 18.50 -25.88
CA ILE H 139 -11.84 17.11 -25.45
C ILE H 139 -11.91 17.02 -23.92
N TYR H 140 -13.04 16.51 -23.44
CA TYR H 140 -13.21 16.18 -22.02
C TYR H 140 -13.07 14.67 -21.89
N TYR H 141 -12.14 14.23 -21.05
CA TYR H 141 -12.00 12.81 -20.77
C TYR H 141 -12.27 12.59 -19.28
N GLY H 142 -11.82 11.48 -18.72
CA GLY H 142 -12.18 11.17 -17.34
C GLY H 142 -13.41 10.31 -17.37
N GLY H 143 -13.28 9.13 -16.78
CA GLY H 143 -14.22 8.05 -17.01
C GLY H 143 -13.68 7.22 -18.15
N ASP H 144 -14.13 5.97 -18.22
CA ASP H 144 -13.73 5.02 -19.25
C ASP H 144 -14.07 5.51 -20.66
N THR H 145 -15.30 6.01 -20.80
CA THR H 145 -15.88 6.38 -22.08
C THR H 145 -15.15 7.59 -22.67
N GLY H 146 -14.82 8.54 -21.80
CA GLY H 146 -14.08 9.75 -22.19
C GLY H 146 -12.62 9.47 -22.45
N PHE H 147 -12.05 8.56 -21.68
CA PHE H 147 -10.64 8.17 -21.82
C PHE H 147 -10.40 7.51 -23.15
N GLU H 148 -11.31 6.63 -23.56
CA GLU H 148 -11.18 5.90 -24.81
C GLU H 148 -11.40 6.77 -26.02
N GLU H 149 -12.30 7.74 -25.90
CA GLU H 149 -12.57 8.69 -26.96
C GLU H 149 -11.36 9.57 -27.20
N LYS H 150 -10.77 10.08 -26.13
CA LYS H 150 -9.55 10.89 -26.22
CA LYS H 150 -9.56 10.89 -26.21
C LYS H 150 -8.46 10.14 -26.96
N GLU H 151 -8.19 8.91 -26.52
CA GLU H 151 -7.18 8.01 -27.08
CA GLU H 151 -7.13 8.10 -27.09
C GLU H 151 -7.33 7.85 -28.58
N LYS H 152 -8.56 7.55 -28.98
CA LYS H 152 -8.87 7.20 -30.35
C LYS H 152 -8.91 8.40 -31.27
N VAL H 153 -9.52 9.49 -30.81
CA VAL H 153 -9.58 10.76 -31.55
C VAL H 153 -8.17 11.33 -31.78
N LEU H 154 -7.36 11.33 -30.73
CA LEU H 154 -5.97 11.75 -30.86
C LEU H 154 -5.12 10.86 -31.77
N GLU H 155 -5.29 9.54 -31.68
CA GLU H 155 -4.59 8.58 -32.57
CA GLU H 155 -4.56 8.62 -32.57
C GLU H 155 -4.96 8.82 -34.03
N PHE H 156 -6.25 9.10 -34.28
CA PHE H 156 -6.75 9.43 -35.62
C PHE H 156 -6.16 10.74 -36.14
N LEU H 157 -6.16 11.76 -35.29
CA LEU H 157 -5.66 13.08 -35.67
C LEU H 157 -4.14 13.16 -35.87
N LYS H 158 -3.41 12.27 -35.20
CA LYS H 158 -1.96 12.14 -35.46
C LYS H 158 -1.67 11.68 -36.90
N GLY H 159 -2.63 11.03 -37.55
CA GLY H 159 -2.44 10.49 -38.91
C GLY H 159 -2.82 11.41 -40.05
N VAL H 160 -3.43 12.56 -39.72
CA VAL H 160 -3.87 13.53 -40.71
C VAL H 160 -2.69 14.13 -41.47
N ASP H 161 -2.81 14.20 -42.80
CA ASP H 161 -1.74 14.71 -43.67
C ASP H 161 -1.34 16.13 -43.28
N GLN H 162 -0.05 16.30 -42.95
CA GLN H 162 0.49 17.60 -42.49
C GLN H 162 0.61 18.63 -43.62
N LYS H 163 0.61 18.15 -44.86
CA LYS H 163 0.66 19.02 -46.03
C LYS H 163 -0.71 19.64 -46.32
N LYS H 164 -1.77 19.03 -45.77
CA LYS H 164 -3.13 19.49 -45.96
C LYS H 164 -3.72 20.17 -44.70
N PHE H 165 -3.33 19.68 -43.52
CA PHE H 165 -3.86 20.20 -42.26
C PHE H 165 -2.79 20.41 -41.19
N ILE H 166 -2.96 21.49 -40.42
CA ILE H 166 -2.24 21.73 -39.18
C ILE H 166 -3.10 21.19 -38.04
N VAL H 167 -2.57 20.24 -37.27
CA VAL H 167 -3.28 19.75 -36.08
C VAL H 167 -2.44 20.12 -34.85
N GLN H 168 -3.01 20.95 -33.99
CA GLN H 168 -2.30 21.51 -32.84
C GLN H 168 -3.02 21.12 -31.57
N ARG H 169 -2.30 20.46 -30.65
CA ARG H 169 -2.85 20.11 -29.34
CA ARG H 169 -2.84 20.10 -29.34
C ARG H 169 -2.38 21.08 -28.28
N THR H 170 -3.30 21.56 -27.46
CA THR H 170 -2.98 22.45 -26.34
C THR H 170 -3.40 21.76 -25.04
N ASP H 171 -2.59 21.85 -23.99
CA ASP H 171 -2.51 20.84 -22.96
C ASP H 171 -2.02 21.50 -21.68
N PHE H 172 -2.72 21.38 -20.57
CA PHE H 172 -2.26 21.94 -19.29
C PHE H 172 -1.68 20.85 -18.43
N ILE H 173 -0.35 20.78 -18.41
CA ILE H 173 0.35 19.56 -17.98
C ILE H 173 0.57 19.43 -16.46
N ASN H 174 0.40 20.54 -15.73
CA ASN H 174 0.53 20.52 -14.27
C ASN H 174 -0.79 20.48 -13.51
N GLN H 175 -1.90 20.38 -14.24
CA GLN H 175 -3.21 20.27 -13.64
C GLN H 175 -3.63 18.80 -13.50
N ALA H 176 -4.26 18.48 -12.37
CA ALA H 176 -4.80 17.15 -12.15
C ALA H 176 -6.27 17.10 -12.56
N ASN H 177 -6.87 15.92 -12.38
CA ASN H 177 -8.30 15.69 -12.61
C ASN H 177 -8.72 16.02 -14.06
N CYS H 178 -7.95 15.48 -15.01
CA CYS H 178 -8.24 15.55 -16.45
C CYS H 178 -8.61 16.93 -16.99
N PRO H 179 -7.63 17.86 -17.05
CA PRO H 179 -7.98 19.16 -17.61
C PRO H 179 -8.32 18.97 -19.09
N PRO H 180 -9.42 19.58 -19.55
CA PRO H 180 -9.82 19.46 -20.96
C PRO H 180 -8.73 19.90 -21.94
N ILE H 181 -8.66 19.17 -23.04
CA ILE H 181 -7.63 19.33 -24.06
C ILE H 181 -8.20 20.05 -25.30
N LEU H 182 -7.46 21.00 -25.85
CA LEU H 182 -7.90 21.69 -27.05
C LEU H 182 -7.13 21.22 -28.26
N VAL H 183 -7.85 20.74 -29.28
CA VAL H 183 -7.20 20.45 -30.56
C VAL H 183 -7.72 21.42 -31.63
N CYS H 184 -6.79 22.06 -32.33
CA CYS H 184 -7.12 22.99 -33.41
C CYS H 184 -6.68 22.41 -34.75
N ILE H 185 -7.64 22.22 -35.66
CA ILE H 185 -7.33 21.74 -37.00
C ILE H 185 -7.55 22.86 -38.01
N GLU H 186 -6.51 23.19 -38.77
CA GLU H 186 -6.61 24.22 -39.80
C GLU H 186 -6.24 23.67 -41.16
N LYS H 187 -7.12 23.83 -42.14
CA LYS H 187 -6.85 23.39 -43.52
C LYS H 187 -5.93 24.37 -44.22
N ILE H 188 -4.83 23.87 -44.76
CA ILE H 188 -3.83 24.73 -45.42
C ILE H 188 -3.64 24.45 -46.93
N SER H 189 -4.10 23.28 -47.38
CA SER H 189 -4.08 22.94 -48.80
C SER H 189 -5.26 22.06 -49.20
N GLU H 190 -5.56 22.03 -50.50
CA GLU H 190 -6.69 21.28 -51.05
C GLU H 190 -6.40 19.79 -51.15
N GLY H 191 -7.32 18.97 -50.64
CA GLY H 191 -7.17 17.51 -50.62
C GLY H 191 -7.07 16.95 -49.22
N LEU I 3 -27.10 6.46 43.98
CA LEU I 3 -27.23 6.40 42.49
C LEU I 3 -26.32 5.32 41.89
N THR I 4 -26.91 4.48 41.05
CA THR I 4 -26.24 3.34 40.42
C THR I 4 -26.67 3.26 38.95
N ILE I 5 -25.74 2.90 38.07
CA ILE I 5 -26.04 2.61 36.66
C ILE I 5 -26.92 1.36 36.57
N LYS I 6 -28.10 1.51 35.96
CA LYS I 6 -29.05 0.40 35.84
C LYS I 6 -28.66 -0.56 34.72
N ASN I 7 -29.16 -1.79 34.82
CA ASN I 7 -29.02 -2.78 33.74
C ASN I 7 -29.86 -2.39 32.52
N SER I 8 -29.75 -3.16 31.44
CA SER I 8 -30.45 -2.85 30.19
C SER I 8 -31.98 -2.77 30.32
N LEU I 9 -32.53 -3.69 31.11
CA LEU I 9 -33.97 -3.68 31.42
C LEU I 9 -34.40 -2.39 32.13
N GLY I 10 -33.63 -1.97 33.14
CA GLY I 10 -33.90 -0.72 33.85
C GLY I 10 -33.73 0.51 32.97
N GLN I 11 -32.69 0.51 32.14
CA GLN I 11 -32.40 1.64 31.25
C GLN I 11 -33.43 1.84 30.13
N SER I 12 -34.05 0.75 29.69
CA SER I 12 -35.09 0.83 28.64
C SER I 12 -36.27 1.64 29.14
N HIS I 13 -36.67 1.42 30.38
CA HIS I 13 -37.72 2.21 31.02
C HIS I 13 -37.35 3.69 31.16
N ASP I 14 -36.10 3.96 31.51
CA ASP I 14 -35.59 5.33 31.63
C ASP I 14 -35.59 6.07 30.31
N TYR I 15 -35.20 5.37 29.24
CA TYR I 15 -35.25 5.93 27.89
C TYR I 15 -36.69 6.16 27.40
N ILE I 16 -37.62 5.31 27.85
CA ILE I 16 -39.02 5.43 27.46
C ILE I 16 -39.67 6.62 28.20
N LYS I 17 -39.42 6.74 29.51
CA LYS I 17 -39.87 7.88 30.32
C LYS I 17 -39.44 9.24 29.75
N MET I 18 -38.23 9.30 29.21
CA MET I 18 -37.67 10.50 28.60
C MET I 18 -38.45 10.96 27.37
N PHE I 19 -38.98 9.98 26.61
CA PHE I 19 -39.59 10.25 25.31
C PHE I 19 -41.12 10.26 25.30
N VAL I 20 -41.74 9.47 26.17
CA VAL I 20 -43.20 9.32 26.17
C VAL I 20 -43.92 10.37 27.03
N LYS I 21 -44.79 11.14 26.36
CA LYS I 21 -45.69 12.11 26.99
C LYS I 21 -47.06 11.48 27.22
N GLU I 22 -47.92 12.18 27.96
CA GLU I 22 -49.32 11.77 28.08
C GLU I 22 -50.11 12.04 26.80
N GLY I 23 -50.91 11.05 26.39
CA GLY I 23 -51.74 11.17 25.19
C GLY I 23 -51.11 10.62 23.94
N ASP I 24 -49.89 10.09 24.07
CA ASP I 24 -49.15 9.49 22.95
C ASP I 24 -49.69 8.13 22.52
N THR I 25 -49.25 7.66 21.35
CA THR I 25 -49.54 6.29 20.93
C THR I 25 -48.23 5.49 20.98
N VAL I 26 -48.22 4.44 21.80
CA VAL I 26 -47.03 3.62 22.01
C VAL I 26 -47.35 2.15 21.75
N VAL I 27 -46.31 1.32 21.62
CA VAL I 27 -46.45 -0.11 21.34
C VAL I 27 -45.60 -0.94 22.28
N ASP I 28 -46.19 -1.97 22.88
CA ASP I 28 -45.42 -3.04 23.52
C ASP I 28 -45.45 -4.21 22.55
N ALA I 29 -44.31 -4.45 21.88
CA ALA I 29 -44.24 -5.42 20.79
C ALA I 29 -44.10 -6.85 21.28
N THR I 30 -43.85 -7.01 22.57
CA THR I 30 -43.62 -8.32 23.18
C THR I 30 -44.26 -8.28 24.55
N CYS I 31 -45.55 -8.63 24.62
CA CYS I 31 -46.37 -8.48 25.84
C CYS I 31 -45.90 -9.29 27.05
N GLY I 32 -45.68 -10.59 26.85
CA GLY I 32 -45.31 -11.51 27.92
C GLY I 32 -46.32 -11.48 29.05
N ASN I 33 -45.85 -11.17 30.25
CA ASN I 33 -46.72 -11.09 31.43
C ASN I 33 -47.42 -9.74 31.59
N GLY I 34 -46.99 -8.74 30.82
CA GLY I 34 -47.69 -7.44 30.75
C GLY I 34 -47.07 -6.29 31.53
N ASN I 35 -45.87 -6.51 32.07
CA ASN I 35 -45.13 -5.52 32.86
C ASN I 35 -44.84 -4.22 32.12
N ASP I 36 -44.29 -4.35 30.90
CA ASP I 36 -43.99 -3.19 30.04
C ASP I 36 -45.27 -2.53 29.53
N THR I 37 -46.30 -3.34 29.34
CA THR I 37 -47.61 -2.86 28.86
C THR I 37 -48.27 -1.97 29.90
N ALA I 38 -48.21 -2.43 31.15
CA ALA I 38 -48.72 -1.67 32.29
C ALA I 38 -47.91 -0.38 32.51
N PHE I 39 -46.59 -0.49 32.42
CA PHE I 39 -45.66 0.64 32.47
C PHE I 39 -46.00 1.69 31.40
N LEU I 40 -46.15 1.24 30.15
CA LEU I 40 -46.47 2.13 29.04
C LEU I 40 -47.84 2.80 29.21
N ALA I 41 -48.79 2.03 29.77
CA ALA I 41 -50.16 2.52 30.01
C ALA I 41 -50.19 3.67 31.01
N SER I 42 -49.42 3.52 32.09
CA SER I 42 -49.33 4.52 33.16
C SER I 42 -48.67 5.82 32.73
N LEU I 43 -47.75 5.73 31.77
CA LEU I 43 -47.07 6.92 31.24
C LEU I 43 -47.95 7.73 30.30
N VAL I 44 -48.87 7.04 29.64
CA VAL I 44 -49.57 7.60 28.49
C VAL I 44 -50.91 8.26 28.87
N GLY I 45 -51.46 7.87 30.02
CA GLY I 45 -52.67 8.48 30.55
C GLY I 45 -53.98 8.03 29.95
N GLU I 46 -55.04 8.78 30.30
CA GLU I 46 -56.42 8.47 29.90
C GLU I 46 -56.65 8.60 28.39
N ASN I 47 -56.03 9.63 27.79
CA ASN I 47 -56.22 9.95 26.38
C ASN I 47 -55.19 9.34 25.44
N GLY I 48 -54.35 8.46 25.98
CA GLY I 48 -53.31 7.77 25.21
C GLY I 48 -53.69 6.35 24.82
N ARG I 49 -52.88 5.75 23.94
CA ARG I 49 -53.15 4.41 23.41
CA ARG I 49 -53.15 4.42 23.41
C ARG I 49 -51.90 3.53 23.43
N VAL I 50 -52.04 2.33 23.99
CA VAL I 50 -51.00 1.32 23.99
C VAL I 50 -51.49 0.14 23.15
N PHE I 51 -50.74 -0.20 22.09
CA PHE I 51 -50.99 -1.43 21.36
C PHE I 51 -50.07 -2.51 21.92
N GLY I 52 -50.64 -3.65 22.26
CA GLY I 52 -49.86 -4.77 22.78
C GLY I 52 -49.95 -5.97 21.85
N PHE I 53 -48.85 -6.71 21.72
CA PHE I 53 -48.80 -7.86 20.83
C PHE I 53 -48.17 -9.04 21.52
N ASP I 54 -48.73 -10.23 21.28
CA ASP I 54 -48.12 -11.51 21.64
C ASP I 54 -48.74 -12.62 20.80
N ILE I 55 -48.00 -13.72 20.63
CA ILE I 55 -48.48 -14.87 19.84
C ILE I 55 -49.05 -16.00 20.70
N GLN I 56 -48.96 -15.85 22.03
CA GLN I 56 -49.48 -16.85 22.96
C GLN I 56 -50.77 -16.40 23.64
N ASP I 57 -51.70 -17.34 23.82
CA ASP I 57 -52.98 -17.09 24.50
C ASP I 57 -52.79 -16.90 26.01
N LYS I 58 -51.82 -17.61 26.57
CA LYS I 58 -51.42 -17.51 27.97
C LYS I 58 -50.90 -16.10 28.31
N ALA I 59 -50.13 -15.53 27.39
CA ALA I 59 -49.53 -14.21 27.56
C ALA I 59 -50.54 -13.06 27.43
N ILE I 60 -51.49 -13.19 26.49
CA ILE I 60 -52.55 -12.19 26.33
C ILE I 60 -53.47 -12.18 27.56
N ALA I 61 -53.75 -13.37 28.10
CA ALA I 61 -54.61 -13.52 29.27
C ALA I 61 -53.98 -12.94 30.55
N ASN I 62 -52.69 -13.21 30.73
CA ASN I 62 -51.92 -12.66 31.86
C ASN I 62 -51.77 -11.14 31.81
N THR I 63 -51.66 -10.60 30.60
CA THR I 63 -51.58 -9.16 30.38
C THR I 63 -52.94 -8.51 30.63
N THR I 64 -54.01 -9.16 30.20
CA THR I 64 -55.39 -8.70 30.42
C THR I 64 -55.72 -8.66 31.91
N LYS I 65 -55.29 -9.69 32.64
CA LYS I 65 -55.46 -9.79 34.08
C LYS I 65 -54.69 -8.68 34.82
N LYS I 66 -53.42 -8.49 34.45
CA LYS I 66 -52.56 -7.40 34.96
C LYS I 66 -53.19 -6.01 34.83
N LEU I 67 -53.58 -5.64 33.60
CA LEU I 67 -54.10 -4.31 33.30
C LEU I 67 -55.45 -4.01 33.93
N THR I 68 -56.29 -5.04 34.04
CA THR I 68 -57.62 -4.91 34.65
C THR I 68 -57.49 -4.68 36.16
N ASP I 69 -56.56 -5.42 36.77
CA ASP I 69 -56.22 -5.28 38.18
C ASP I 69 -55.70 -3.90 38.55
N LEU I 70 -55.06 -3.22 37.60
CA LEU I 70 -54.50 -1.87 37.84
C LEU I 70 -55.35 -0.76 37.22
N ASN I 71 -56.56 -1.12 36.77
CA ASN I 71 -57.50 -0.22 36.09
C ASN I 71 -56.87 0.53 34.89
N LEU I 72 -56.16 -0.24 34.05
CA LEU I 72 -55.39 0.29 32.92
C LEU I 72 -55.78 -0.37 31.60
N ILE I 73 -56.73 -1.29 31.63
CA ILE I 73 -57.16 -2.03 30.43
C ILE I 73 -57.91 -1.15 29.39
N ASP I 74 -58.36 0.02 29.83
CA ASP I 74 -59.15 0.96 29.04
C ASP I 74 -58.37 1.52 27.84
N ARG I 75 -57.09 1.80 28.03
CA ARG I 75 -56.28 2.48 27.02
C ARG I 75 -55.27 1.55 26.37
N VAL I 76 -55.52 0.24 26.49
CA VAL I 76 -54.70 -0.79 25.85
C VAL I 76 -55.52 -1.63 24.87
N THR I 77 -55.02 -1.74 23.63
CA THR I 77 -55.53 -2.69 22.63
C THR I 77 -54.61 -3.90 22.54
N LEU I 78 -55.05 -5.03 23.09
CA LEU I 78 -54.28 -6.28 23.02
C LEU I 78 -54.61 -7.10 21.77
N ILE I 79 -53.57 -7.42 21.01
CA ILE I 79 -53.71 -8.13 19.74
C ILE I 79 -52.96 -9.46 19.78
N LYS I 80 -53.67 -10.56 19.53
CA LYS I 80 -53.02 -11.86 19.43
C LYS I 80 -52.54 -12.11 18.00
N ASP I 81 -51.43 -11.46 17.66
CA ASP I 81 -50.77 -11.62 16.37
C ASP I 81 -49.29 -11.33 16.61
N GLY I 82 -48.45 -11.72 15.65
CA GLY I 82 -47.04 -11.38 15.68
C GLY I 82 -46.78 -9.88 15.48
N HIS I 83 -45.73 -9.37 16.12
CA HIS I 83 -45.34 -7.97 15.99
C HIS I 83 -44.85 -7.61 14.59
N GLN I 84 -44.48 -8.62 13.80
CA GLN I 84 -44.13 -8.41 12.38
C GLN I 84 -45.32 -7.89 11.57
N ASN I 85 -46.53 -8.09 12.11
CA ASN I 85 -47.77 -7.65 11.46
C ASN I 85 -48.39 -6.42 12.11
N MET I 86 -47.59 -5.64 12.85
CA MET I 86 -48.11 -4.47 13.60
C MET I 86 -48.71 -3.36 12.71
N ASP I 87 -48.29 -3.31 11.45
CA ASP I 87 -48.75 -2.29 10.50
C ASP I 87 -50.20 -2.52 10.03
N LYS I 88 -50.69 -3.75 10.23
CA LYS I 88 -52.09 -4.10 9.91
C LYS I 88 -53.08 -3.52 10.92
N TYR I 89 -52.58 -3.11 12.09
CA TYR I 89 -53.43 -2.71 13.21
C TYR I 89 -53.25 -1.25 13.61
N ILE I 90 -52.16 -0.65 13.14
CA ILE I 90 -51.79 0.72 13.50
C ILE I 90 -51.56 1.49 12.21
N ASP I 91 -52.12 2.71 12.15
CA ASP I 91 -51.99 3.58 10.97
C ASP I 91 -51.52 4.98 11.34
N CYS I 92 -51.65 5.33 12.61
CA CYS I 92 -51.16 6.59 13.15
C CYS I 92 -49.67 6.51 13.49
N PRO I 93 -48.94 7.65 13.49
CA PRO I 93 -47.56 7.66 13.98
C PRO I 93 -47.42 7.32 15.48
N VAL I 94 -46.45 6.47 15.80
CA VAL I 94 -46.19 6.10 17.20
C VAL I 94 -44.97 6.83 17.78
N LYS I 95 -44.99 7.04 19.09
CA LYS I 95 -43.91 7.71 19.79
C LYS I 95 -42.84 6.69 20.22
N ALA I 96 -43.27 5.51 20.66
CA ALA I 96 -42.35 4.53 21.22
C ALA I 96 -42.80 3.10 20.97
N VAL I 97 -41.81 2.23 20.76
CA VAL I 97 -42.03 0.79 20.67
C VAL I 97 -41.02 0.07 21.59
N MET I 98 -41.50 -0.87 22.41
CA MET I 98 -40.62 -1.62 23.29
C MET I 98 -40.54 -3.06 22.82
N PHE I 99 -39.32 -3.55 22.64
CA PHE I 99 -39.04 -4.95 22.31
C PHE I 99 -38.27 -5.58 23.45
N ASN I 100 -38.65 -6.79 23.81
CA ASN I 100 -37.99 -7.54 24.87
C ASN I 100 -37.78 -8.95 24.36
N LEU I 101 -36.58 -9.22 23.84
CA LEU I 101 -36.32 -10.41 23.04
C LEU I 101 -35.96 -11.66 23.81
N GLY I 102 -36.68 -12.75 23.53
CA GLY I 102 -36.44 -14.04 24.17
C GLY I 102 -37.71 -14.87 24.38
N TYR I 103 -37.70 -15.66 25.45
CA TYR I 103 -38.80 -16.57 25.79
C TYR I 103 -39.58 -16.13 27.03
N LEU I 104 -40.76 -16.71 27.22
CA LEU I 104 -41.63 -16.44 28.37
C LEU I 104 -41.00 -16.95 29.68
N PRO I 105 -41.00 -16.10 30.74
CA PRO I 105 -40.43 -16.43 32.06
C PRO I 105 -41.03 -17.68 32.72
N SER I 106 -40.26 -18.77 32.70
CA SER I 106 -40.66 -20.10 33.21
C SER I 106 -41.97 -20.65 32.64
N GLY I 107 -42.19 -20.40 31.34
CA GLY I 107 -43.37 -20.89 30.62
C GLY I 107 -42.98 -21.86 29.54
N ASP I 108 -43.03 -21.41 28.28
CA ASP I 108 -42.59 -22.23 27.15
C ASP I 108 -41.26 -21.71 26.61
N HIS I 109 -40.25 -22.58 26.64
CA HIS I 109 -38.87 -22.20 26.29
C HIS I 109 -38.50 -22.46 24.83
N SER I 110 -39.34 -23.21 24.11
CA SER I 110 -39.08 -23.57 22.71
C SER I 110 -39.71 -22.60 21.69
N ILE I 111 -40.83 -21.99 22.05
CA ILE I 111 -41.44 -20.93 21.23
C ILE I 111 -41.02 -19.57 21.80
N SER I 112 -40.20 -18.85 21.04
CA SER I 112 -39.65 -17.56 21.45
C SER I 112 -39.60 -16.59 20.26
N THR I 113 -38.96 -15.43 20.45
CA THR I 113 -38.77 -14.49 19.34
C THR I 113 -37.72 -15.04 18.37
N ARG I 114 -37.98 -14.88 17.08
CA ARG I 114 -37.08 -15.38 16.04
C ARG I 114 -36.54 -14.20 15.24
N PRO I 115 -35.29 -14.32 14.72
CA PRO I 115 -34.60 -13.20 14.04
C PRO I 115 -35.37 -12.60 12.86
N GLU I 116 -35.96 -13.45 12.02
CA GLU I 116 -36.63 -13.03 10.79
C GLU I 116 -37.81 -12.12 11.08
N THR I 117 -38.62 -12.54 12.04
CA THR I 117 -39.85 -11.82 12.41
C THR I 117 -39.54 -10.58 13.25
N THR I 118 -38.49 -10.66 14.07
CA THR I 118 -38.02 -9.51 14.84
C THR I 118 -37.54 -8.38 13.92
N ILE I 119 -36.72 -8.72 12.93
CA ILE I 119 -36.21 -7.76 11.94
C ILE I 119 -37.36 -7.12 11.12
N GLN I 120 -38.33 -7.94 10.70
CA GLN I 120 -39.58 -7.47 10.11
C GLN I 120 -40.29 -6.44 10.99
N ALA I 121 -40.60 -6.83 12.24
CA ALA I 121 -41.23 -5.94 13.21
C ALA I 121 -40.47 -4.65 13.42
N LEU I 122 -39.14 -4.75 13.47
CA LEU I 122 -38.28 -3.59 13.68
C LEU I 122 -38.41 -2.61 12.54
N SER I 123 -38.49 -3.14 11.32
CA SER I 123 -38.72 -2.33 10.13
C SER I 123 -40.09 -1.69 10.13
N LYS I 124 -41.10 -2.44 10.56
CA LYS I 124 -42.45 -1.91 10.69
C LYS I 124 -42.51 -0.82 11.75
N ALA I 125 -41.84 -1.07 12.88
CA ALA I 125 -41.75 -0.10 13.97
C ALA I 125 -41.03 1.17 13.55
N MET I 126 -39.96 1.01 12.77
CA MET I 126 -39.18 2.15 12.26
C MET I 126 -39.96 3.02 11.27
N GLU I 127 -40.85 2.37 10.51
CA GLU I 127 -41.78 3.07 9.60
C GLU I 127 -42.85 3.84 10.39
N LEU I 128 -43.42 3.18 11.40
CA LEU I 128 -44.50 3.75 12.21
C LEU I 128 -44.07 4.87 13.14
N LEU I 129 -42.77 4.97 13.43
CA LEU I 129 -42.26 5.97 14.37
C LEU I 129 -42.42 7.37 13.85
N VAL I 130 -42.83 8.28 14.74
CA VAL I 130 -42.78 9.72 14.50
C VAL I 130 -41.31 10.14 14.62
N THR I 131 -40.92 11.23 13.93
CA THR I 131 -39.60 11.81 14.12
C THR I 131 -39.42 12.26 15.57
N GLY I 132 -38.30 11.85 16.16
CA GLY I 132 -38.03 12.07 17.57
C GLY I 132 -38.63 10.98 18.45
N GLY I 133 -39.06 9.89 17.81
CA GLY I 133 -39.57 8.72 18.52
C GLY I 133 -38.49 7.69 18.82
N ILE I 134 -38.78 6.76 19.73
CA ILE I 134 -37.77 5.81 20.17
C ILE I 134 -38.24 4.34 20.12
N ILE I 135 -37.33 3.45 19.73
CA ILE I 135 -37.53 2.02 19.90
C ILE I 135 -36.47 1.54 20.86
N THR I 136 -36.87 0.80 21.89
CA THR I 136 -35.91 0.15 22.79
C THR I 136 -35.99 -1.36 22.61
N VAL I 137 -34.82 -1.99 22.57
CA VAL I 137 -34.72 -3.42 22.34
C VAL I 137 -33.80 -3.97 23.41
N VAL I 138 -34.36 -4.75 24.33
CA VAL I 138 -33.57 -5.46 25.34
C VAL I 138 -33.31 -6.89 24.82
N ILE I 139 -32.07 -7.17 24.49
CA ILE I 139 -31.70 -8.45 23.86
C ILE I 139 -31.14 -9.44 24.89
N TYR I 140 -31.85 -10.54 25.09
CA TYR I 140 -31.36 -11.65 25.89
C TYR I 140 -30.80 -12.70 24.96
N TYR I 141 -29.62 -13.22 25.27
CA TYR I 141 -28.93 -14.22 24.45
C TYR I 141 -28.38 -15.37 25.31
N GLY I 142 -27.53 -16.20 24.74
CA GLY I 142 -27.18 -17.46 25.42
C GLY I 142 -28.19 -18.55 25.06
N GLY I 143 -27.67 -19.72 24.73
CA GLY I 143 -28.44 -20.71 24.00
C GLY I 143 -28.25 -20.40 22.52
N ASP I 144 -28.44 -21.41 21.68
CA ASP I 144 -28.28 -21.25 20.23
C ASP I 144 -29.19 -20.16 19.67
N THR I 145 -30.46 -20.21 20.05
CA THR I 145 -31.50 -19.35 19.50
C THR I 145 -31.33 -17.91 19.95
N GLY I 146 -30.94 -17.74 21.22
CA GLY I 146 -30.65 -16.42 21.79
C GLY I 146 -29.45 -15.77 21.12
N PHE I 147 -28.39 -16.55 20.94
CA PHE I 147 -27.15 -16.06 20.31
C PHE I 147 -27.37 -15.68 18.86
N GLU I 148 -28.09 -16.52 18.12
CA GLU I 148 -28.28 -16.28 16.68
C GLU I 148 -29.23 -15.11 16.42
N GLU I 149 -30.19 -14.90 17.31
CA GLU I 149 -31.06 -13.73 17.23
C GLU I 149 -30.29 -12.42 17.45
N LYS I 150 -29.46 -12.40 18.50
CA LYS I 150 -28.56 -11.28 18.78
C LYS I 150 -27.72 -10.90 17.57
N GLU I 151 -27.03 -11.89 17.00
CA GLU I 151 -26.12 -11.67 15.87
C GLU I 151 -26.84 -11.09 14.66
N LYS I 152 -28.00 -11.65 14.35
CA LYS I 152 -28.74 -11.26 13.16
C LYS I 152 -29.43 -9.90 13.30
N VAL I 153 -30.04 -9.64 14.46
CA VAL I 153 -30.65 -8.34 14.75
C VAL I 153 -29.62 -7.21 14.73
N LEU I 154 -28.47 -7.44 15.35
CA LEU I 154 -27.38 -6.47 15.39
C LEU I 154 -26.75 -6.23 14.01
N GLU I 155 -26.60 -7.29 13.21
CA GLU I 155 -26.09 -7.11 11.86
C GLU I 155 -27.09 -6.34 10.98
N PHE I 156 -28.39 -6.55 11.23
CA PHE I 156 -29.42 -5.77 10.56
C PHE I 156 -29.36 -4.28 10.96
N LEU I 157 -29.28 -4.02 12.27
CA LEU I 157 -29.28 -2.65 12.80
C LEU I 157 -28.02 -1.84 12.50
N LYS I 158 -26.93 -2.52 12.25
CA LYS I 158 -25.76 -1.87 11.77
C LYS I 158 -25.91 -1.23 10.39
N GLY I 159 -26.79 -1.79 9.59
CA GLY I 159 -27.05 -1.30 8.22
C GLY I 159 -28.05 -0.15 8.09
N VAL I 160 -28.68 0.22 9.21
CA VAL I 160 -29.70 1.27 9.23
C VAL I 160 -29.07 2.64 8.92
N ASP I 161 -29.74 3.43 8.06
CA ASP I 161 -29.24 4.73 7.61
C ASP I 161 -29.07 5.69 8.79
N GLN I 162 -27.81 6.11 9.00
CA GLN I 162 -27.47 7.03 10.10
C GLN I 162 -28.03 8.44 9.93
N LYS I 163 -28.38 8.79 8.69
CA LYS I 163 -29.01 10.08 8.38
C LYS I 163 -30.47 10.11 8.82
N LYS I 164 -31.06 8.92 8.98
CA LYS I 164 -32.46 8.79 9.37
C LYS I 164 -32.64 8.31 10.82
N PHE I 165 -31.73 7.44 11.28
CA PHE I 165 -31.83 6.85 12.63
C PHE I 165 -30.52 6.85 13.41
N ILE I 166 -30.62 7.07 14.71
CA ILE I 166 -29.52 6.87 15.65
C ILE I 166 -29.70 5.46 16.23
N VAL I 167 -28.70 4.61 16.06
CA VAL I 167 -28.77 3.27 16.67
C VAL I 167 -27.63 3.17 17.69
N GLN I 168 -28.02 3.14 18.96
CA GLN I 168 -27.07 3.14 20.06
C GLN I 168 -27.15 1.81 20.78
N ARG I 169 -26.01 1.21 21.04
CA ARG I 169 -25.97 -0.02 21.80
C ARG I 169 -25.33 0.25 23.14
N THR I 170 -25.89 -0.34 24.20
CA THR I 170 -25.34 -0.27 25.54
C THR I 170 -25.04 -1.70 26.02
N ASP I 171 -23.85 -1.90 26.56
CA ASP I 171 -23.30 -3.23 26.80
C ASP I 171 -22.44 -3.22 28.07
N PHE I 172 -22.65 -4.22 28.93
CA PHE I 172 -21.84 -4.37 30.15
C PHE I 172 -20.72 -5.38 29.97
N ILE I 173 -19.52 -4.86 29.71
CA ILE I 173 -18.46 -5.68 29.11
C ILE I 173 -17.63 -6.51 30.08
N ASN I 174 -17.75 -6.22 31.38
CA ASN I 174 -17.03 -6.99 32.39
C ASN I 174 -17.87 -8.07 33.10
N GLN I 175 -19.14 -8.18 32.70
CA GLN I 175 -20.04 -9.19 33.25
C GLN I 175 -20.02 -10.46 32.42
N ALA I 176 -20.07 -11.60 33.11
CA ALA I 176 -20.16 -12.91 32.47
C ALA I 176 -21.62 -13.33 32.31
N ASN I 177 -21.82 -14.51 31.73
CA ASN I 177 -23.14 -15.16 31.63
C ASN I 177 -24.17 -14.31 30.87
N CYS I 178 -23.75 -13.83 29.70
CA CYS I 178 -24.59 -13.11 28.75
C CYS I 178 -25.44 -11.98 29.37
N PRO I 179 -24.80 -10.86 29.80
CA PRO I 179 -25.63 -9.77 30.32
C PRO I 179 -26.44 -9.15 29.18
N PRO I 180 -27.75 -8.94 29.39
CA PRO I 180 -28.62 -8.39 28.36
C PRO I 180 -28.16 -7.03 27.81
N ILE I 181 -28.35 -6.87 26.51
CA ILE I 181 -27.88 -5.73 25.76
C ILE I 181 -29.05 -4.79 25.50
N LEU I 182 -28.84 -3.49 25.65
CA LEU I 182 -29.86 -2.53 25.24
C LEU I 182 -29.52 -1.88 23.90
N VAL I 183 -30.46 -1.90 22.95
CA VAL I 183 -30.34 -1.11 21.72
C VAL I 183 -31.43 -0.03 21.74
N CYS I 184 -31.04 1.23 21.48
CA CYS I 184 -32.00 2.33 21.34
C CYS I 184 -31.96 2.86 19.91
N ILE I 185 -33.12 2.83 19.25
CA ILE I 185 -33.26 3.41 17.92
C ILE I 185 -34.10 4.70 17.98
N GLU I 186 -33.50 5.81 17.55
CA GLU I 186 -34.21 7.09 17.50
C GLU I 186 -34.27 7.64 16.09
N LYS I 187 -35.49 7.93 15.62
CA LYS I 187 -35.70 8.54 14.30
C LYS I 187 -35.34 10.02 14.38
N ILE I 188 -34.48 10.46 13.46
CA ILE I 188 -34.03 11.85 13.42
C ILE I 188 -34.36 12.56 12.10
N LEU J 3 -14.22 -36.71 38.33
CA LEU J 3 -13.15 -36.22 37.42
C LEU J 3 -13.53 -34.90 36.74
N THR J 4 -12.83 -33.82 37.12
CA THR J 4 -13.10 -32.46 36.67
C THR J 4 -11.82 -31.83 36.09
N ILE J 5 -11.96 -31.03 35.04
CA ILE J 5 -10.85 -30.25 34.48
C ILE J 5 -10.40 -29.21 35.52
N LYS J 6 -9.11 -29.27 35.85
CA LYS J 6 -8.54 -28.36 36.86
C LYS J 6 -8.22 -26.99 36.30
N ASN J 7 -8.22 -25.99 37.17
CA ASN J 7 -7.76 -24.64 36.81
C ASN J 7 -6.26 -24.61 36.48
N SER J 8 -5.74 -23.45 36.09
CA SER J 8 -4.35 -23.34 35.65
C SER J 8 -3.34 -23.68 36.77
N LEU J 9 -3.60 -23.17 37.97
CA LEU J 9 -2.84 -23.54 39.16
C LEU J 9 -2.82 -25.05 39.41
N GLY J 10 -3.98 -25.70 39.34
CA GLY J 10 -4.07 -27.16 39.49
C GLY J 10 -3.38 -27.92 38.36
N GLN J 11 -3.49 -27.41 37.14
CA GLN J 11 -2.91 -28.06 35.97
C GLN J 11 -1.39 -27.98 35.92
N SER J 12 -0.82 -26.90 36.48
CA SER J 12 0.64 -26.73 36.52
C SER J 12 1.28 -27.86 37.33
N HIS J 13 0.71 -28.13 38.51
CA HIS J 13 1.14 -29.25 39.36
C HIS J 13 1.07 -30.59 38.63
N ASP J 14 -0.01 -30.81 37.87
CA ASP J 14 -0.19 -32.04 37.07
C ASP J 14 0.84 -32.20 35.97
N TYR J 15 1.17 -31.09 35.31
CA TYR J 15 2.23 -31.07 34.29
C TYR J 15 3.62 -31.29 34.91
N ILE J 16 3.81 -30.77 36.13
CA ILE J 16 5.07 -30.93 36.86
C ILE J 16 5.27 -32.39 37.30
N LYS J 17 4.21 -33.01 37.86
CA LYS J 17 4.21 -34.44 38.24
C LYS J 17 4.53 -35.39 37.07
N MET J 18 4.04 -35.04 35.87
CA MET J 18 4.33 -35.75 34.61
C MET J 18 5.82 -35.80 34.29
N PHE J 19 6.53 -34.73 34.64
CA PHE J 19 7.91 -34.53 34.18
C PHE J 19 8.99 -34.75 35.24
N VAL J 20 8.67 -34.45 36.50
CA VAL J 20 9.63 -34.54 37.60
C VAL J 20 9.67 -35.93 38.25
N LYS J 21 10.84 -36.57 38.16
CA LYS J 21 11.09 -37.80 38.92
C LYS J 21 12.03 -37.51 40.10
N GLU J 22 12.30 -38.54 40.90
CA GLU J 22 13.13 -38.37 42.09
C GLU J 22 14.61 -38.25 41.72
N GLY J 23 15.29 -37.33 42.41
CA GLY J 23 16.73 -37.08 42.19
C GLY J 23 17.02 -35.97 41.18
N ASP J 24 15.96 -35.37 40.63
CA ASP J 24 16.10 -34.28 39.66
C ASP J 24 16.50 -32.94 40.30
N THR J 25 16.95 -32.00 39.48
CA THR J 25 17.13 -30.63 39.95
C THR J 25 16.02 -29.76 39.35
N VAL J 26 15.28 -29.10 40.23
CA VAL J 26 14.13 -28.28 39.82
C VAL J 26 14.20 -26.88 40.44
N VAL J 27 13.44 -25.94 39.87
CA VAL J 27 13.44 -24.54 40.33
C VAL J 27 12.03 -24.02 40.61
N ASP J 28 11.86 -23.39 41.77
CA ASP J 28 10.67 -22.57 42.05
C ASP J 28 11.15 -21.13 41.95
N ALA J 29 10.84 -20.50 40.81
CA ALA J 29 11.35 -19.18 40.51
C ALA J 29 10.59 -18.07 41.24
N THR J 30 9.46 -18.43 41.86
CA THR J 30 8.63 -17.47 42.59
C THR J 30 8.14 -18.12 43.88
N CYS J 31 8.97 -18.07 44.92
CA CYS J 31 8.73 -18.79 46.19
C CYS J 31 7.43 -18.47 46.93
N GLY J 32 7.20 -17.17 47.16
CA GLY J 32 6.04 -16.70 47.91
C GLY J 32 5.95 -17.30 49.30
N ASN J 33 4.82 -17.96 49.58
CA ASN J 33 4.61 -18.65 50.86
C ASN J 33 5.22 -20.05 50.91
N GLY J 34 5.63 -20.57 49.76
CA GLY J 34 6.41 -21.81 49.68
C GLY J 34 5.64 -23.08 49.32
N ASN J 35 4.40 -22.92 48.85
CA ASN J 35 3.52 -24.04 48.49
C ASN J 35 4.04 -24.88 47.32
N ASP J 36 4.47 -24.19 46.26
CA ASP J 36 5.09 -24.85 45.11
C ASP J 36 6.46 -25.42 45.46
N THR J 37 7.14 -24.78 46.41
CA THR J 37 8.49 -25.18 46.83
C THR J 37 8.40 -26.52 47.57
N ALA J 38 7.43 -26.60 48.48
CA ALA J 38 7.17 -27.81 49.25
C ALA J 38 6.75 -28.95 48.35
N PHE J 39 5.86 -28.62 47.40
CA PHE J 39 5.39 -29.53 46.37
C PHE J 39 6.54 -30.13 45.57
N LEU J 40 7.44 -29.25 45.09
CA LEU J 40 8.60 -29.68 44.28
C LEU J 40 9.60 -30.52 45.10
N ALA J 41 9.72 -30.19 46.39
CA ALA J 41 10.62 -30.90 47.30
C ALA J 41 10.18 -32.34 47.54
N SER J 42 8.87 -32.53 47.67
CA SER J 42 8.29 -33.86 47.91
C SER J 42 8.39 -34.77 46.69
N LEU J 43 8.35 -34.19 45.49
CA LEU J 43 8.44 -34.95 44.25
C LEU J 43 9.84 -35.41 43.98
N VAL J 44 10.81 -34.66 44.51
CA VAL J 44 12.19 -34.81 44.08
C VAL J 44 13.01 -35.72 44.99
N GLY J 45 12.53 -35.89 46.22
CA GLY J 45 13.13 -36.85 47.15
C GLY J 45 14.38 -36.39 47.87
N GLU J 46 15.04 -37.35 48.53
CA GLU J 46 16.24 -37.16 49.34
C GLU J 46 17.44 -36.69 48.53
N ASN J 47 17.64 -37.30 47.37
CA ASN J 47 18.81 -37.05 46.52
C ASN J 47 18.57 -35.96 45.47
N GLY J 48 17.44 -35.28 45.57
CA GLY J 48 17.10 -34.18 44.65
C GLY J 48 17.36 -32.80 45.21
N ARG J 49 17.25 -31.80 44.35
CA ARG J 49 17.60 -30.42 44.69
C ARG J 49 16.55 -29.42 44.16
N VAL J 50 16.05 -28.58 45.06
CA VAL J 50 15.13 -27.51 44.70
C VAL J 50 15.78 -26.15 44.95
N PHE J 51 15.91 -25.35 43.89
CA PHE J 51 16.35 -23.96 44.03
C PHE J 51 15.15 -23.04 44.13
N GLY J 52 15.07 -22.27 45.21
CA GLY J 52 13.95 -21.36 45.40
C GLY J 52 14.37 -19.91 45.39
N PHE J 53 13.54 -19.04 44.82
CA PHE J 53 13.90 -17.63 44.62
C PHE J 53 12.76 -16.70 45.03
N ASP J 54 13.12 -15.63 45.74
CA ASP J 54 12.22 -14.53 45.99
C ASP J 54 13.01 -13.27 46.38
N ILE J 55 12.42 -12.11 46.11
CA ILE J 55 13.08 -10.83 46.39
C ILE J 55 12.68 -10.25 47.74
N GLN J 56 11.75 -10.94 48.43
CA GLN J 56 11.26 -10.48 49.72
C GLN J 56 11.76 -11.33 50.88
N ASP J 57 12.12 -10.66 51.98
CA ASP J 57 12.61 -11.32 53.20
C ASP J 57 11.48 -12.08 53.91
N LYS J 58 10.28 -11.50 53.83
CA LYS J 58 9.05 -12.09 54.37
C LYS J 58 8.72 -13.43 53.69
N ALA J 59 8.90 -13.46 52.37
CA ALA J 59 8.65 -14.66 51.58
C ALA J 59 9.68 -15.77 51.79
N ILE J 60 10.95 -15.41 51.96
CA ILE J 60 12.01 -16.38 52.23
C ILE J 60 11.81 -17.03 53.60
N ALA J 61 11.41 -16.21 54.58
CA ALA J 61 11.17 -16.67 55.96
C ALA J 61 9.99 -17.63 56.06
N ASN J 62 8.90 -17.28 55.36
CA ASN J 62 7.68 -18.10 55.31
C ASN J 62 7.88 -19.45 54.62
N THR J 63 8.73 -19.46 53.59
CA THR J 63 9.10 -20.68 52.86
C THR J 63 10.02 -21.55 53.73
N THR J 64 10.94 -20.90 54.44
CA THR J 64 11.86 -21.60 55.37
C THR J 64 11.05 -22.28 56.48
N LYS J 65 10.07 -21.55 57.03
CA LYS J 65 9.18 -22.06 58.07
C LYS J 65 8.35 -23.26 57.58
N LYS J 66 7.77 -23.12 56.39
CA LYS J 66 7.01 -24.19 55.72
C LYS J 66 7.81 -25.49 55.57
N LEU J 67 9.00 -25.39 54.96
CA LEU J 67 9.81 -26.56 54.62
C LEU J 67 10.42 -27.26 55.84
N THR J 68 10.73 -26.49 56.88
CA THR J 68 11.29 -27.03 58.12
C THR J 68 10.23 -27.83 58.89
N ASP J 69 9.00 -27.32 58.90
CA ASP J 69 7.87 -27.99 59.53
C ASP J 69 7.45 -29.29 58.82
N LEU J 70 7.76 -29.41 57.53
CA LEU J 70 7.45 -30.63 56.77
C LEU J 70 8.69 -31.51 56.56
N ASN J 71 9.79 -31.14 57.23
CA ASN J 71 11.11 -31.80 57.14
C ASN J 71 11.62 -31.93 55.69
N LEU J 72 11.53 -30.81 54.97
CA LEU J 72 11.86 -30.78 53.54
C LEU J 72 12.94 -29.75 53.22
N ILE J 73 13.39 -29.02 54.25
CA ILE J 73 14.37 -27.92 54.12
C ILE J 73 15.78 -28.37 53.66
N ASP J 74 16.11 -29.65 53.87
CA ASP J 74 17.41 -30.21 53.50
C ASP J 74 17.70 -30.26 52.00
N ARG J 75 16.68 -30.45 51.20
CA ARG J 75 16.84 -30.58 49.76
C ARG J 75 16.64 -29.25 49.01
N VAL J 76 16.32 -28.19 49.76
CA VAL J 76 16.00 -26.88 49.19
C VAL J 76 17.08 -25.81 49.47
N THR J 77 17.54 -25.16 48.40
CA THR J 77 18.41 -24.00 48.50
C THR J 77 17.60 -22.72 48.24
N LEU J 78 17.27 -22.00 49.31
CA LEU J 78 16.59 -20.70 49.21
C LEU J 78 17.55 -19.52 48.98
N ILE J 79 17.24 -18.75 47.94
CA ILE J 79 18.09 -17.65 47.49
C ILE J 79 17.27 -16.35 47.48
N LYS J 80 17.73 -15.35 48.23
CA LYS J 80 17.09 -14.04 48.21
C LYS J 80 17.71 -13.18 47.12
N ASP J 81 17.35 -13.50 45.88
CA ASP J 81 17.72 -12.74 44.70
C ASP J 81 16.58 -12.89 43.68
N GLY J 82 16.63 -12.10 42.61
CA GLY J 82 15.67 -12.19 41.52
C GLY J 82 15.91 -13.42 40.65
N HIS J 83 14.82 -13.96 40.09
CA HIS J 83 14.86 -15.15 39.24
C HIS J 83 15.53 -14.88 37.91
N GLN J 84 15.62 -13.60 37.55
CA GLN J 84 16.37 -13.18 36.37
C GLN J 84 17.87 -13.48 36.51
N ASN J 85 18.31 -13.67 37.76
CA ASN J 85 19.68 -13.99 38.09
C ASN J 85 19.90 -15.46 38.48
N MET J 86 19.00 -16.35 38.04
CA MET J 86 19.07 -17.77 38.43
C MET J 86 20.33 -18.49 37.93
N ASP J 87 20.86 -18.03 36.79
CA ASP J 87 22.04 -18.64 36.16
C ASP J 87 23.34 -18.45 36.97
N LYS J 88 23.33 -17.49 37.90
CA LYS J 88 24.46 -17.25 38.79
C LYS J 88 24.59 -18.29 39.90
N TYR J 89 23.50 -19.02 40.15
CA TYR J 89 23.40 -19.93 41.28
C TYR J 89 23.24 -21.39 40.88
N ILE J 90 22.96 -21.61 39.59
CA ILE J 90 22.72 -22.94 39.03
C ILE J 90 23.59 -23.11 37.79
N ASP J 91 24.28 -24.26 37.71
CA ASP J 91 25.15 -24.57 36.57
C ASP J 91 24.85 -25.94 35.93
N CYS J 92 24.14 -26.78 36.67
CA CYS J 92 23.66 -28.08 36.17
C CYS J 92 22.37 -27.90 35.36
N PRO J 93 22.07 -28.84 34.44
CA PRO J 93 20.75 -28.83 33.78
C PRO J 93 19.58 -29.08 34.76
N VAL J 94 18.48 -28.35 34.56
CA VAL J 94 17.29 -28.53 35.38
C VAL J 94 16.16 -29.25 34.63
N LYS J 95 15.34 -29.98 35.38
CA LYS J 95 14.16 -30.64 34.81
C LYS J 95 12.98 -29.69 34.66
N ALA J 96 12.72 -28.93 35.71
CA ALA J 96 11.52 -28.13 35.77
C ALA J 96 11.72 -26.77 36.43
N VAL J 97 10.96 -25.78 35.94
CA VAL J 97 10.93 -24.45 36.53
C VAL J 97 9.45 -24.02 36.67
N MET J 98 9.06 -23.58 37.86
CA MET J 98 7.69 -23.13 38.09
C MET J 98 7.64 -21.63 38.30
N PHE J 99 6.87 -20.96 37.45
CA PHE J 99 6.62 -19.53 37.59
C PHE J 99 5.18 -19.32 38.05
N ASN J 100 5.01 -18.38 38.97
CA ASN J 100 3.70 -18.03 39.46
C ASN J 100 3.65 -16.50 39.50
N LEU J 101 3.14 -15.91 38.43
CA LEU J 101 3.29 -14.48 38.20
C LEU J 101 2.26 -13.61 38.92
N GLY J 102 2.74 -12.62 39.66
CA GLY J 102 1.86 -11.66 40.31
C GLY J 102 2.33 -11.18 41.67
N TYR J 103 1.35 -10.92 42.52
CA TYR J 103 1.48 -10.24 43.82
C TYR J 103 1.84 -11.19 44.96
N LEU J 104 1.51 -10.80 46.19
CA LEU J 104 1.62 -11.70 47.35
C LEU J 104 0.43 -11.51 48.31
N PRO J 105 -0.36 -12.59 48.53
CA PRO J 105 -1.52 -12.55 49.42
C PRO J 105 -1.14 -12.44 50.91
N SER J 106 -1.96 -11.68 51.66
CA SER J 106 -1.74 -11.40 53.09
C SER J 106 -0.36 -10.80 53.42
N GLY J 107 0.13 -9.94 52.54
CA GLY J 107 1.46 -9.35 52.68
C GLY J 107 1.58 -7.98 52.03
N ASP J 108 2.18 -7.94 50.84
CA ASP J 108 2.36 -6.69 50.11
C ASP J 108 1.89 -6.84 48.66
N HIS J 109 0.83 -6.11 48.31
CA HIS J 109 0.17 -6.22 47.01
C HIS J 109 0.76 -5.31 45.92
N SER J 110 1.40 -4.22 46.34
CA SER J 110 1.98 -3.24 45.41
C SER J 110 3.24 -3.74 44.70
N ILE J 111 4.00 -4.58 45.39
CA ILE J 111 5.23 -5.16 44.84
C ILE J 111 4.97 -6.58 44.27
N SER J 112 5.28 -6.73 42.98
CA SER J 112 4.95 -7.93 42.21
C SER J 112 5.96 -8.16 41.09
N THR J 113 5.79 -9.25 40.33
CA THR J 113 6.69 -9.58 39.20
C THR J 113 6.59 -8.54 38.07
N ARG J 114 7.73 -8.25 37.43
CA ARG J 114 7.84 -7.27 36.34
C ARG J 114 8.08 -7.98 35.00
N PRO J 115 7.52 -7.44 33.88
CA PRO J 115 7.66 -8.12 32.58
C PRO J 115 9.11 -8.32 32.13
N GLU J 116 9.95 -7.28 32.29
CA GLU J 116 11.35 -7.29 31.84
C GLU J 116 12.16 -8.37 32.56
N THR J 117 11.97 -8.49 33.88
CA THR J 117 12.70 -9.47 34.69
C THR J 117 12.14 -10.87 34.49
N THR J 118 10.82 -10.98 34.29
CA THR J 118 10.18 -12.28 34.02
C THR J 118 10.68 -12.87 32.70
N ILE J 119 10.74 -12.04 31.65
CA ILE J 119 11.21 -12.46 30.34
C ILE J 119 12.69 -12.86 30.39
N GLN J 120 13.48 -12.09 31.15
CA GLN J 120 14.88 -12.45 31.44
C GLN J 120 14.97 -13.84 32.09
N ALA J 121 14.25 -14.01 33.21
CA ALA J 121 14.19 -15.28 33.95
C ALA J 121 13.77 -16.46 33.10
N LEU J 122 12.78 -16.23 32.23
CA LEU J 122 12.29 -17.23 31.31
C LEU J 122 13.36 -17.67 30.33
N SER J 123 14.15 -16.72 29.84
CA SER J 123 15.26 -17.03 28.94
C SER J 123 16.35 -17.81 29.66
N LYS J 124 16.63 -17.45 30.91
CA LYS J 124 17.60 -18.16 31.76
C LYS J 124 17.12 -19.58 32.07
N ALA J 125 15.83 -19.69 32.42
CA ALA J 125 15.17 -20.98 32.63
C ALA J 125 15.14 -21.86 31.37
N MET J 126 14.93 -21.24 30.20
CA MET J 126 14.94 -21.97 28.92
C MET J 126 16.34 -22.48 28.54
N GLU J 127 17.38 -21.75 28.95
CA GLU J 127 18.77 -22.18 28.74
C GLU J 127 19.14 -23.32 29.70
N LEU J 128 18.72 -23.19 30.96
CA LEU J 128 19.04 -24.16 32.01
C LEU J 128 18.30 -25.49 31.89
N LEU J 129 17.22 -25.52 31.10
CA LEU J 129 16.41 -26.73 30.92
C LEU J 129 17.15 -27.83 30.19
N VAL J 130 17.04 -29.05 30.71
CA VAL J 130 17.44 -30.25 29.97
C VAL J 130 16.39 -30.51 28.87
N THR J 131 16.78 -31.16 27.78
CA THR J 131 15.82 -31.57 26.75
C THR J 131 14.78 -32.52 27.34
N GLY J 132 13.51 -32.24 27.03
CA GLY J 132 12.38 -32.92 27.64
C GLY J 132 12.03 -32.34 29.00
N GLY J 133 12.55 -31.15 29.28
CA GLY J 133 12.26 -30.44 30.53
C GLY J 133 11.07 -29.53 30.35
N ILE J 134 10.50 -29.04 31.46
CA ILE J 134 9.28 -28.25 31.41
C ILE J 134 9.37 -26.96 32.25
N ILE J 135 8.81 -25.87 31.70
CA ILE J 135 8.54 -24.67 32.47
C ILE J 135 7.03 -24.49 32.50
N THR J 136 6.47 -24.26 33.69
CA THR J 136 5.07 -23.91 33.78
C THR J 136 4.97 -22.49 34.31
N VAL J 137 4.12 -21.70 33.65
CA VAL J 137 3.92 -20.31 34.01
C VAL J 137 2.44 -20.11 34.26
N VAL J 138 2.08 -19.85 35.51
CA VAL J 138 0.71 -19.47 35.83
C VAL J 138 0.69 -17.94 35.84
N ILE J 139 -0.06 -17.35 34.91
CA ILE J 139 -0.14 -15.91 34.76
C ILE J 139 -1.42 -15.36 35.39
N TYR J 140 -1.25 -14.56 36.42
CA TYR J 140 -2.36 -13.81 37.02
C TYR J 140 -2.30 -12.40 36.49
N TYR J 141 -3.44 -11.86 36.12
CA TYR J 141 -3.53 -10.52 35.58
C TYR J 141 -4.58 -9.73 36.28
N GLY J 142 -4.67 -8.46 35.92
CA GLY J 142 -5.14 -7.44 36.85
C GLY J 142 -4.03 -6.53 37.33
N GLY J 143 -4.12 -5.25 36.99
CA GLY J 143 -3.36 -4.70 35.88
C GLY J 143 -3.23 -3.19 35.95
N ASP J 144 -3.21 -2.67 37.17
CA ASP J 144 -2.04 -1.97 37.68
C ASP J 144 -0.77 -2.41 36.95
N THR J 145 -0.50 -3.72 37.00
CA THR J 145 0.76 -4.25 36.51
C THR J 145 0.60 -5.70 36.06
N GLY J 146 -0.58 -6.27 36.30
CA GLY J 146 -0.86 -7.64 35.91
C GLY J 146 -1.10 -7.79 34.42
N PHE J 147 -1.99 -6.95 33.89
CA PHE J 147 -2.43 -7.08 32.50
C PHE J 147 -1.27 -6.90 31.54
N GLU J 148 -0.40 -5.93 31.84
CA GLU J 148 0.74 -5.63 30.99
C GLU J 148 1.81 -6.69 31.08
N GLU J 149 1.96 -7.31 32.25
CA GLU J 149 2.84 -8.47 32.38
C GLU J 149 2.35 -9.61 31.50
N LYS J 150 1.06 -9.92 31.60
CA LYS J 150 0.45 -10.94 30.73
C LYS J 150 0.69 -10.65 29.25
N GLU J 151 0.45 -9.42 28.82
CA GLU J 151 0.58 -9.05 27.40
C GLU J 151 2.00 -9.19 26.90
N LYS J 152 2.96 -8.66 27.68
CA LYS J 152 4.36 -8.67 27.30
C LYS J 152 5.00 -10.06 27.34
N VAL J 153 4.73 -10.81 28.40
CA VAL J 153 5.19 -12.22 28.53
C VAL J 153 4.65 -13.09 27.41
N LEU J 154 3.37 -12.95 27.09
CA LEU J 154 2.75 -13.70 26.00
C LEU J 154 3.28 -13.31 24.62
N GLU J 155 3.47 -12.00 24.39
CA GLU J 155 4.05 -11.51 23.14
C GLU J 155 5.47 -12.00 22.95
N PHE J 156 6.25 -12.03 24.03
CA PHE J 156 7.58 -12.63 24.02
C PHE J 156 7.52 -14.11 23.64
N LEU J 157 6.64 -14.86 24.29
CA LEU J 157 6.54 -16.32 24.08
C LEU J 157 5.98 -16.70 22.72
N LYS J 158 5.24 -15.79 22.09
CA LYS J 158 4.80 -15.97 20.71
C LYS J 158 5.99 -16.07 19.74
N GLY J 159 7.10 -15.40 20.09
CA GLY J 159 8.30 -15.35 19.27
C GLY J 159 9.31 -16.48 19.43
N VAL J 160 9.11 -17.32 20.45
CA VAL J 160 9.99 -18.46 20.73
C VAL J 160 9.99 -19.48 19.57
N ASP J 161 11.18 -19.90 19.15
CA ASP J 161 11.35 -20.81 18.01
C ASP J 161 10.63 -22.15 18.23
N GLN J 162 9.70 -22.44 17.33
CA GLN J 162 8.84 -23.64 17.43
C GLN J 162 9.59 -24.94 17.17
N LYS J 163 10.73 -24.83 16.50
CA LYS J 163 11.61 -25.97 16.23
C LYS J 163 12.34 -26.40 17.51
N LYS J 164 12.43 -25.48 18.46
CA LYS J 164 13.20 -25.70 19.67
C LYS J 164 12.31 -25.86 20.90
N PHE J 165 11.16 -25.16 20.90
CA PHE J 165 10.24 -25.20 22.04
C PHE J 165 8.77 -25.34 21.63
N ILE J 166 8.01 -26.04 22.45
CA ILE J 166 6.55 -26.07 22.36
C ILE J 166 6.02 -25.08 23.39
N VAL J 167 5.27 -24.08 22.92
CA VAL J 167 4.65 -23.15 23.85
C VAL J 167 3.12 -23.28 23.77
N GLN J 168 2.52 -23.75 24.86
CA GLN J 168 1.11 -24.07 24.89
C GLN J 168 0.41 -23.21 25.92
N ARG J 169 -0.59 -22.45 25.48
CA ARG J 169 -1.45 -21.69 26.41
CA ARG J 169 -1.47 -21.74 26.39
C ARG J 169 -2.83 -22.37 26.68
N THR J 170 -3.20 -22.39 27.94
CA THR J 170 -4.44 -23.00 28.38
C THR J 170 -5.24 -21.89 29.06
N ASP J 171 -6.50 -21.74 28.65
CA ASP J 171 -7.31 -20.58 28.96
C ASP J 171 -8.76 -20.98 29.19
N PHE J 172 -9.38 -20.44 30.22
CA PHE J 172 -10.79 -20.71 30.53
C PHE J 172 -11.63 -19.52 30.08
N ILE J 173 -12.26 -19.68 28.91
CA ILE J 173 -12.73 -18.53 28.15
C ILE J 173 -14.13 -18.06 28.54
N ASN J 174 -14.81 -18.87 29.35
CA ASN J 174 -16.16 -18.53 29.80
C ASN J 174 -16.22 -18.04 31.24
N GLN J 175 -15.05 -17.90 31.87
CA GLN J 175 -14.96 -17.35 33.22
C GLN J 175 -14.65 -15.86 33.19
N ALA J 176 -15.25 -15.13 34.10
CA ALA J 176 -14.98 -13.70 34.24
C ALA J 176 -13.91 -13.47 35.32
N ASN J 177 -13.60 -12.19 35.55
CA ASN J 177 -12.70 -11.78 36.62
C ASN J 177 -11.29 -12.41 36.52
N CYS J 178 -10.74 -12.34 35.31
CA CYS J 178 -9.37 -12.76 35.00
C CYS J 178 -8.95 -14.14 35.49
N PRO J 179 -9.52 -15.22 34.91
CA PRO J 179 -9.08 -16.54 35.36
C PRO J 179 -7.61 -16.74 34.98
N PRO J 180 -6.78 -17.19 35.93
CA PRO J 180 -5.36 -17.38 35.69
C PRO J 180 -5.08 -18.28 34.50
N ILE J 181 -4.03 -17.96 33.76
CA ILE J 181 -3.69 -18.60 32.50
C ILE J 181 -2.49 -19.52 32.73
N LEU J 182 -2.49 -20.69 32.11
CA LEU J 182 -1.33 -21.57 32.16
C LEU J 182 -0.56 -21.57 30.85
N VAL J 183 0.74 -21.27 30.90
CA VAL J 183 1.61 -21.52 29.75
C VAL J 183 2.58 -22.67 30.08
N CYS J 184 2.72 -23.61 29.15
CA CYS J 184 3.66 -24.72 29.31
C CYS J 184 4.69 -24.62 28.21
N ILE J 185 5.95 -24.51 28.62
CA ILE J 185 7.05 -24.48 27.65
C ILE J 185 7.83 -25.80 27.77
N GLU J 186 7.98 -26.49 26.64
CA GLU J 186 8.73 -27.73 26.63
C GLU J 186 9.81 -27.71 25.55
N LYS J 187 11.05 -27.93 25.96
CA LYS J 187 12.20 -27.98 25.04
C LYS J 187 12.20 -29.30 24.27
N ILE J 188 12.24 -29.19 22.94
CA ILE J 188 12.24 -30.37 22.08
C ILE J 188 13.56 -30.57 21.29
N SER J 189 14.49 -29.63 21.46
CA SER J 189 15.83 -29.68 20.85
C SER J 189 16.88 -28.87 21.63
N GLU J 190 18.09 -29.42 21.74
CA GLU J 190 19.22 -28.75 22.40
C GLU J 190 19.75 -27.56 21.59
N GLY J 191 20.15 -26.49 22.30
CA GLY J 191 20.74 -25.31 21.69
C GLY J 191 19.72 -24.44 20.96
#